data_4LEY
#
_entry.id   4LEY
#
_cell.length_a   78.377
_cell.length_b   145.895
_cell.length_c   100.963
_cell.angle_alpha   90.00
_cell.angle_beta   90.07
_cell.angle_gamma   90.00
#
_symmetry.space_group_name_H-M   'P 1 21 1'
#
loop_
_entity.id
_entity.type
_entity.pdbx_description
1 polymer 'Cyclic GMP-AMP synthase'
2 polymer '18 bp dsDNA'
3 non-polymer 'ZINC ION'
4 water water
#
loop_
_entity_poly.entity_id
_entity_poly.type
_entity_poly.pdbx_seq_one_letter_code
_entity_poly.pdbx_strand_id
1 'polypeptide(L)'
;GSRKEPDKLKKVLDKLRLKRKDISEAAETVNKVVERLLRRMQKRESEFKGVEQLNTGSYYEHVKISAPNEFDVMFKLEVP
RIELQEYYETGAFYLVKFKRIPRGNPLSHFLEGEVLSATKMLSKFRKIIKEEVKEIKDIDVSVEKEKPGSPAVTLLIRNP
EEISVDIILALESKGSWPISTKEGLPIQGWLGTKVRTNLRREPFYLVPKNAKDGNSFQGETWRLSFSHTEKYILNNHGIE
KTCCESSGAKCCRKECLKLMKYLLEQLKKEFQELDAFCSYHVKTAIFHMWTQDPQDSQWDPRNLSSCFDKLLAFFLECLR
TEKLDHYFIPKFNLFSQELIDRKSKEFLSKKIEYERNNGFPIFDKL
;
A,B,C,D
2 'polydeoxyribonucleotide' (DA)(DT)(DC)(DT)(DG)(DT)(DA)(DC)(DA)(DT)(DG)(DT)(DA)(DC)(DA)(DG)(DA)(DT) E,F,G,H,I,J,K,L
#
# COMPACT_ATOMS: atom_id res chain seq x y z
N LYS A 8 1.03 16.98 12.14
CA LYS A 8 2.19 16.85 11.27
C LYS A 8 1.87 17.23 9.82
N LEU A 9 0.90 16.53 9.24
CA LEU A 9 0.51 16.80 7.87
C LEU A 9 -0.57 17.88 7.82
N LYS A 10 -0.98 18.35 8.99
CA LYS A 10 -2.03 19.37 9.08
C LYS A 10 -1.69 20.64 8.31
N LYS A 11 -0.48 21.14 8.51
CA LYS A 11 -0.03 22.37 7.86
C LYS A 11 0.00 22.25 6.33
N VAL A 12 0.41 21.08 5.84
CA VAL A 12 0.38 20.79 4.41
C VAL A 12 -1.03 20.97 3.87
N LEU A 13 -1.99 20.34 4.54
CA LEU A 13 -3.40 20.43 4.16
C LEU A 13 -3.88 21.88 4.22
N ASP A 14 -3.47 22.60 5.26
CA ASP A 14 -3.78 24.01 5.41
C ASP A 14 -3.18 24.83 4.28
N LYS A 15 -2.19 24.25 3.60
CA LYS A 15 -1.52 24.89 2.47
C LYS A 15 -2.16 24.50 1.13
N LEU A 16 -2.75 23.31 1.07
CA LEU A 16 -3.45 22.84 -0.12
C LEU A 16 -4.91 23.29 -0.08
N ARG A 17 -5.36 23.68 1.11
CA ARG A 17 -6.72 24.17 1.29
C ARG A 17 -6.94 25.36 0.37
N LEU A 18 -7.99 25.30 -0.44
CA LEU A 18 -8.29 26.38 -1.36
C LEU A 18 -8.80 27.60 -0.60
N LYS A 19 -8.80 28.75 -1.26
CA LYS A 19 -9.32 29.97 -0.63
C LYS A 19 -10.59 30.45 -1.32
N ARG A 20 -11.53 30.93 -0.52
CA ARG A 20 -12.84 31.34 -1.01
C ARG A 20 -12.75 32.43 -2.08
N LYS A 21 -11.84 33.37 -1.90
CA LYS A 21 -11.67 34.45 -2.88
C LYS A 21 -11.26 33.88 -4.22
N ASP A 22 -10.30 32.97 -4.20
CA ASP A 22 -9.82 32.32 -5.41
C ASP A 22 -10.91 31.49 -6.08
N ILE A 23 -11.67 30.76 -5.26
CA ILE A 23 -12.75 29.90 -5.72
C ILE A 23 -13.85 30.72 -6.41
N SER A 24 -14.28 31.79 -5.74
CA SER A 24 -15.28 32.70 -6.29
C SER A 24 -14.77 33.32 -7.60
N GLU A 25 -13.63 34.00 -7.52
CA GLU A 25 -13.03 34.66 -8.67
C GLU A 25 -12.90 33.75 -9.89
N ALA A 26 -12.50 32.50 -9.67
CA ALA A 26 -12.34 31.56 -10.77
C ALA A 26 -13.69 31.06 -11.31
N ALA A 27 -14.57 30.66 -10.39
CA ALA A 27 -15.86 30.12 -10.77
C ALA A 27 -16.75 31.10 -11.54
N GLU A 28 -16.64 32.39 -11.26
CA GLU A 28 -17.38 33.39 -12.02
C GLU A 28 -17.08 33.23 -13.50
N THR A 29 -15.81 33.38 -13.82
CA THR A 29 -15.31 33.34 -15.19
C THR A 29 -15.59 31.98 -15.85
N VAL A 30 -15.20 30.91 -15.17
CA VAL A 30 -15.40 29.56 -15.68
C VAL A 30 -16.86 29.30 -16.02
N ASN A 31 -17.76 29.70 -15.12
CA ASN A 31 -19.18 29.55 -15.37
C ASN A 31 -19.69 30.39 -16.54
N LYS A 32 -19.20 31.63 -16.68
CA LYS A 32 -19.56 32.44 -17.85
C LYS A 32 -19.19 31.73 -19.15
N VAL A 33 -17.93 31.34 -19.27
CA VAL A 33 -17.42 30.69 -20.47
C VAL A 33 -18.20 29.41 -20.79
N VAL A 34 -18.24 28.50 -19.82
CA VAL A 34 -18.94 27.23 -19.99
C VAL A 34 -20.42 27.41 -20.38
N GLU A 35 -21.10 28.36 -19.74
CA GLU A 35 -22.50 28.60 -20.07
C GLU A 35 -22.62 29.07 -21.52
N ARG A 36 -21.68 29.92 -21.93
CA ARG A 36 -21.67 30.42 -23.30
C ARG A 36 -21.51 29.29 -24.31
N LEU A 37 -20.52 28.44 -24.08
CA LEU A 37 -20.27 27.28 -24.94
C LEU A 37 -21.46 26.33 -24.97
N LEU A 38 -22.09 26.13 -23.80
CA LEU A 38 -23.23 25.24 -23.69
C LEU A 38 -24.37 25.77 -24.53
N ARG A 39 -24.61 27.08 -24.45
CA ARG A 39 -25.59 27.75 -25.29
C ARG A 39 -25.32 27.56 -26.76
N ARG A 40 -24.13 27.96 -27.19
CA ARG A 40 -23.70 27.83 -28.59
C ARG A 40 -23.96 26.42 -29.11
N MET A 41 -23.44 25.44 -28.38
CA MET A 41 -23.52 24.04 -28.76
C MET A 41 -24.96 23.54 -28.80
N GLN A 42 -25.78 24.09 -27.90
CA GLN A 42 -27.12 23.55 -27.72
C GLN A 42 -28.13 24.36 -28.50
N LYS A 43 -28.25 25.65 -28.16
CA LYS A 43 -29.28 26.51 -28.73
C LYS A 43 -29.32 26.50 -30.27
N ARG A 44 -28.35 27.15 -30.90
CA ARG A 44 -28.32 27.21 -32.36
C ARG A 44 -28.05 25.83 -32.95
N GLU A 45 -28.13 25.75 -34.28
CA GLU A 45 -28.10 24.46 -34.97
C GLU A 45 -26.73 23.78 -34.95
N SER A 46 -26.53 22.93 -33.95
CA SER A 46 -25.34 22.09 -33.89
C SER A 46 -25.73 20.63 -34.12
N GLU A 47 -24.73 19.80 -34.36
CA GLU A 47 -24.89 18.36 -34.37
C GLU A 47 -24.93 17.90 -32.93
N PHE A 48 -24.56 18.82 -32.04
CA PHE A 48 -24.47 18.55 -30.61
C PHE A 48 -25.62 19.20 -29.85
N LYS A 49 -26.73 19.42 -30.52
CA LYS A 49 -27.90 19.98 -29.85
C LYS A 49 -28.46 18.95 -28.88
N GLY A 50 -28.82 19.39 -27.69
CA GLY A 50 -29.33 18.49 -26.67
C GLY A 50 -28.22 17.97 -25.79
N VAL A 51 -26.99 18.40 -26.07
CA VAL A 51 -25.85 18.05 -25.24
C VAL A 51 -26.05 18.65 -23.85
N GLU A 52 -25.56 17.95 -22.82
CA GLU A 52 -25.86 18.33 -21.45
C GLU A 52 -24.61 18.45 -20.60
N GLN A 53 -24.60 19.39 -19.67
CA GLN A 53 -23.43 19.64 -18.85
C GLN A 53 -23.37 18.72 -17.64
N LEU A 54 -22.17 18.26 -17.31
CA LEU A 54 -21.96 17.46 -16.11
C LEU A 54 -20.58 17.80 -15.54
N ASN A 55 -20.56 18.53 -14.42
CA ASN A 55 -19.31 18.93 -13.80
C ASN A 55 -18.65 17.78 -13.05
N THR A 56 -17.37 17.54 -13.35
CA THR A 56 -16.67 16.38 -12.80
C THR A 56 -15.26 16.77 -12.38
N GLY A 57 -14.53 15.80 -11.83
CA GLY A 57 -13.13 16.02 -11.50
C GLY A 57 -12.87 16.49 -10.09
N SER A 58 -11.61 16.83 -9.80
CA SER A 58 -11.17 17.13 -8.45
C SER A 58 -11.89 18.32 -7.78
N TYR A 59 -12.11 19.39 -8.53
CA TYR A 59 -12.74 20.59 -7.98
C TYR A 59 -14.18 20.33 -7.51
N TYR A 60 -14.92 19.54 -8.28
CA TYR A 60 -16.29 19.20 -7.94
C TYR A 60 -16.39 17.97 -7.03
N GLU A 61 -15.26 17.31 -6.79
CA GLU A 61 -15.19 16.24 -5.81
C GLU A 61 -14.61 16.77 -4.49
N HIS A 62 -14.24 18.05 -4.49
CA HIS A 62 -13.66 18.73 -3.33
C HIS A 62 -12.28 18.19 -2.97
N VAL A 63 -11.56 17.71 -3.98
CA VAL A 63 -10.21 17.22 -3.75
C VAL A 63 -9.17 17.98 -4.58
N LYS A 64 -9.57 19.13 -5.11
CA LYS A 64 -8.64 20.02 -5.80
C LYS A 64 -7.76 20.73 -4.78
N ILE A 65 -6.46 20.74 -5.05
CA ILE A 65 -5.46 21.24 -4.09
C ILE A 65 -4.78 22.50 -4.58
N SER A 66 -4.13 23.21 -3.65
CA SER A 66 -3.32 24.38 -3.96
C SER A 66 -4.12 25.53 -4.59
N ALA A 67 -4.68 25.30 -5.78
CA ALA A 67 -5.37 26.36 -6.51
C ALA A 67 -6.60 25.87 -7.28
N PRO A 68 -7.61 26.74 -7.41
CA PRO A 68 -8.77 26.46 -8.26
C PRO A 68 -8.42 26.74 -9.71
N ASN A 69 -7.50 25.95 -10.27
CA ASN A 69 -6.95 26.22 -11.60
C ASN A 69 -7.23 25.13 -12.63
N GLU A 70 -8.01 24.12 -12.24
CA GLU A 70 -8.39 23.04 -13.15
C GLU A 70 -9.87 22.72 -13.00
N PHE A 71 -10.63 22.85 -14.10
CA PHE A 71 -12.06 22.54 -14.08
C PHE A 71 -12.42 21.52 -15.15
N ASP A 72 -12.96 20.38 -14.74
CA ASP A 72 -13.42 19.37 -15.68
C ASP A 72 -14.93 19.46 -15.91
N VAL A 73 -15.32 19.67 -17.15
CA VAL A 73 -16.73 19.81 -17.52
C VAL A 73 -17.05 18.84 -18.66
N MET A 74 -18.11 18.05 -18.50
CA MET A 74 -18.53 17.10 -19.53
C MET A 74 -19.69 17.64 -20.35
N PHE A 75 -19.55 17.59 -21.67
CA PHE A 75 -20.69 17.81 -22.55
C PHE A 75 -21.10 16.45 -23.06
N LYS A 76 -22.16 15.90 -22.45
CA LYS A 76 -22.59 14.53 -22.73
C LYS A 76 -23.80 14.51 -23.67
N LEU A 77 -23.76 13.63 -24.65
CA LEU A 77 -24.79 13.54 -25.68
C LEU A 77 -25.29 12.09 -25.76
N GLU A 78 -26.58 11.90 -25.54
CA GLU A 78 -27.15 10.55 -25.52
C GLU A 78 -27.29 9.96 -26.93
N VAL A 79 -26.72 8.78 -27.13
CA VAL A 79 -26.83 8.06 -28.40
C VAL A 79 -27.60 6.75 -28.18
N PRO A 80 -28.91 6.77 -28.49
CA PRO A 80 -29.93 5.72 -28.25
C PRO A 80 -29.56 4.31 -28.70
N ARG A 81 -30.00 3.91 -29.89
CA ARG A 81 -29.75 2.57 -30.41
C ARG A 81 -28.30 2.42 -30.83
N ILE A 82 -27.47 1.95 -29.91
CA ILE A 82 -26.03 1.91 -30.12
C ILE A 82 -25.47 0.51 -29.92
N GLU A 83 -24.91 -0.05 -30.99
CA GLU A 83 -24.24 -1.34 -30.91
C GLU A 83 -22.80 -1.11 -30.48
N LEU A 84 -22.38 -1.80 -29.42
CA LEU A 84 -21.05 -1.60 -28.86
C LEU A 84 -20.17 -2.83 -29.09
N GLN A 85 -18.95 -2.62 -29.57
CA GLN A 85 -18.07 -3.75 -29.87
C GLN A 85 -16.70 -3.59 -29.21
N GLU A 86 -16.39 -4.46 -28.26
CA GLU A 86 -15.11 -4.37 -27.53
C GLU A 86 -13.91 -4.37 -28.48
N TYR A 87 -12.89 -3.59 -28.13
CA TYR A 87 -11.68 -3.52 -28.93
C TYR A 87 -10.59 -4.43 -28.39
N TYR A 88 -10.46 -5.61 -28.99
CA TYR A 88 -9.40 -6.57 -28.66
C TYR A 88 -9.34 -6.96 -27.19
N GLU A 89 -10.50 -7.30 -26.61
CA GLU A 89 -10.59 -7.80 -25.24
C GLU A 89 -9.88 -6.91 -24.21
N THR A 90 -9.78 -5.62 -24.53
CA THR A 90 -9.10 -4.65 -23.69
C THR A 90 -9.85 -4.35 -22.41
N GLY A 91 -11.18 -4.37 -22.50
CA GLY A 91 -12.03 -4.07 -21.37
C GLY A 91 -12.52 -2.64 -21.37
N ALA A 92 -11.60 -1.71 -21.64
CA ALA A 92 -11.90 -0.29 -21.55
C ALA A 92 -12.22 0.34 -22.90
N PHE A 93 -11.70 -0.25 -23.97
CA PHE A 93 -11.84 0.37 -25.29
C PHE A 93 -12.87 -0.31 -26.18
N TYR A 94 -13.68 0.50 -26.84
CA TYR A 94 -14.81 -0.01 -27.62
C TYR A 94 -14.95 0.68 -28.97
N LEU A 95 -15.81 0.14 -29.82
CA LEU A 95 -16.18 0.75 -31.10
C LEU A 95 -17.68 0.97 -31.04
N VAL A 96 -18.12 2.11 -31.58
CA VAL A 96 -19.53 2.50 -31.53
C VAL A 96 -20.18 2.45 -32.90
N LYS A 97 -21.15 1.54 -33.05
CA LYS A 97 -21.91 1.44 -34.28
C LYS A 97 -23.34 1.86 -34.01
N PHE A 98 -24.04 2.21 -35.08
CA PHE A 98 -25.46 2.50 -34.96
C PHE A 98 -26.28 1.29 -35.38
N LYS A 99 -27.23 0.93 -34.54
CA LYS A 99 -28.09 -0.22 -34.76
C LYS A 99 -28.98 0.00 -35.97
N ARG A 100 -30.26 0.22 -35.73
CA ARG A 100 -31.20 0.50 -36.81
C ARG A 100 -31.56 1.97 -36.85
N ILE A 101 -30.60 2.78 -37.30
CA ILE A 101 -30.81 4.21 -37.56
C ILE A 101 -32.06 4.39 -38.40
N PRO A 102 -33.09 5.03 -37.84
CA PRO A 102 -34.35 5.18 -38.59
C PRO A 102 -34.32 6.28 -39.65
N ARG A 103 -33.57 7.37 -39.41
CA ARG A 103 -33.61 8.51 -40.32
C ARG A 103 -32.23 8.98 -40.77
N GLY A 104 -32.07 10.29 -40.86
CA GLY A 104 -30.82 10.90 -41.27
C GLY A 104 -29.76 10.85 -40.18
N ASN A 105 -30.20 11.03 -38.94
CA ASN A 105 -29.31 11.01 -37.77
C ASN A 105 -28.31 12.18 -37.74
N PRO A 106 -28.35 12.99 -36.67
CA PRO A 106 -27.52 14.19 -36.55
C PRO A 106 -26.02 13.88 -36.50
N LEU A 107 -25.66 12.60 -36.42
CA LEU A 107 -24.25 12.21 -36.36
C LEU A 107 -23.79 11.45 -37.61
N SER A 108 -24.54 11.61 -38.70
CA SER A 108 -24.25 10.87 -39.93
C SER A 108 -22.99 11.34 -40.65
N HIS A 109 -22.55 12.56 -40.34
CA HIS A 109 -21.35 13.11 -40.94
C HIS A 109 -20.12 12.65 -40.19
N PHE A 110 -20.35 12.06 -39.01
CA PHE A 110 -19.25 11.58 -38.18
C PHE A 110 -19.04 10.09 -38.34
N LEU A 111 -19.86 9.48 -39.20
CA LEU A 111 -19.71 8.07 -39.52
C LEU A 111 -18.51 7.82 -40.42
N GLU A 112 -17.73 6.80 -40.09
CA GLU A 112 -16.49 6.52 -40.80
C GLU A 112 -16.45 5.05 -41.22
N GLY A 113 -16.97 4.77 -42.42
CA GLY A 113 -17.02 3.41 -42.94
C GLY A 113 -18.29 2.67 -42.57
N GLU A 114 -18.59 2.68 -41.28
CA GLU A 114 -19.71 1.92 -40.72
C GLU A 114 -19.83 2.27 -39.24
N VAL A 115 -18.71 2.72 -38.68
CA VAL A 115 -18.58 3.01 -37.26
C VAL A 115 -18.60 4.52 -37.03
N LEU A 116 -18.97 4.94 -35.82
CA LEU A 116 -18.91 6.36 -35.44
C LEU A 116 -17.48 6.79 -35.14
N SER A 117 -17.01 7.85 -35.80
CA SER A 117 -15.63 8.32 -35.61
C SER A 117 -15.50 9.35 -34.51
N ALA A 118 -14.64 9.05 -33.54
CA ALA A 118 -14.37 9.96 -32.44
C ALA A 118 -13.62 11.20 -32.93
N THR A 119 -12.69 10.99 -33.85
CA THR A 119 -11.82 12.05 -34.36
C THR A 119 -12.56 13.17 -35.12
N LYS A 120 -13.45 12.79 -36.04
CA LYS A 120 -14.29 13.75 -36.76
C LYS A 120 -15.15 14.56 -35.81
N MET A 121 -15.88 13.82 -34.97
CA MET A 121 -16.78 14.40 -33.99
C MET A 121 -16.04 15.43 -33.14
N LEU A 122 -14.89 15.01 -32.61
CA LEU A 122 -14.06 15.84 -31.75
C LEU A 122 -13.51 17.06 -32.49
N SER A 123 -13.24 16.90 -33.78
CA SER A 123 -12.76 18.02 -34.60
C SER A 123 -13.83 19.08 -34.86
N LYS A 124 -15.05 18.65 -35.16
CA LYS A 124 -16.17 19.57 -35.31
C LYS A 124 -16.47 20.28 -33.98
N PHE A 125 -16.50 19.51 -32.90
CA PHE A 125 -16.68 20.01 -31.55
C PHE A 125 -15.68 21.12 -31.28
N ARG A 126 -14.42 20.83 -31.57
CA ARG A 126 -13.31 21.75 -31.37
C ARG A 126 -13.48 23.02 -32.20
N LYS A 127 -13.97 22.85 -33.42
CA LYS A 127 -14.17 23.97 -34.34
C LYS A 127 -15.22 24.94 -33.79
N ILE A 128 -16.36 24.39 -33.36
CA ILE A 128 -17.42 25.20 -32.76
C ILE A 128 -16.96 25.92 -31.50
N ILE A 129 -16.28 25.19 -30.61
CA ILE A 129 -15.72 25.82 -29.42
C ILE A 129 -14.77 26.97 -29.77
N LYS A 130 -13.86 26.78 -30.72
CA LYS A 130 -12.94 27.84 -31.15
C LYS A 130 -13.69 29.07 -31.64
N GLU A 131 -14.63 28.83 -32.55
CA GLU A 131 -15.45 29.91 -33.11
C GLU A 131 -16.17 30.71 -32.03
N GLU A 132 -16.79 30.02 -31.07
CA GLU A 132 -17.50 30.72 -29.99
C GLU A 132 -16.55 31.44 -29.03
N VAL A 133 -15.40 30.83 -28.78
CA VAL A 133 -14.38 31.42 -27.90
C VAL A 133 -13.85 32.73 -28.47
N LYS A 134 -13.75 32.80 -29.80
CA LYS A 134 -13.35 34.03 -30.48
C LYS A 134 -14.27 35.21 -30.16
N GLU A 135 -15.54 34.92 -29.86
CA GLU A 135 -16.54 35.97 -29.64
C GLU A 135 -16.61 36.45 -28.19
N ILE A 136 -15.97 35.71 -27.29
CA ILE A 136 -15.90 36.12 -25.89
C ILE A 136 -14.93 37.29 -25.77
N LYS A 137 -15.46 38.48 -25.46
CA LYS A 137 -14.65 39.69 -25.43
C LYS A 137 -14.35 40.19 -24.01
N ASP A 138 -15.09 39.68 -23.03
CA ASP A 138 -14.96 40.15 -21.65
C ASP A 138 -13.99 39.30 -20.81
N ILE A 139 -13.46 38.24 -21.42
CA ILE A 139 -12.54 37.34 -20.73
C ILE A 139 -11.38 36.96 -21.66
N ASP A 140 -10.17 36.86 -21.10
CA ASP A 140 -9.00 36.42 -21.84
C ASP A 140 -9.01 34.89 -21.89
N VAL A 141 -9.55 34.33 -22.98
CA VAL A 141 -9.64 32.88 -23.12
C VAL A 141 -9.17 32.41 -24.50
N SER A 142 -8.27 31.42 -24.50
CA SER A 142 -7.79 30.82 -25.73
C SER A 142 -8.03 29.32 -25.69
N VAL A 143 -7.77 28.63 -26.79
CA VAL A 143 -7.95 27.18 -26.84
C VAL A 143 -6.59 26.47 -26.88
N GLU A 144 -6.36 25.56 -25.95
CA GLU A 144 -5.08 24.87 -25.85
C GLU A 144 -4.88 23.93 -27.06
N LYS A 145 -3.63 23.81 -27.50
CA LYS A 145 -3.27 22.92 -28.60
C LYS A 145 -3.66 21.48 -28.27
N GLU A 146 -4.09 20.74 -29.28
CA GLU A 146 -4.60 19.39 -29.07
C GLU A 146 -3.55 18.44 -28.52
N LYS A 147 -3.82 17.88 -27.34
CA LYS A 147 -2.93 16.90 -26.73
C LYS A 147 -3.36 15.49 -27.12
N PRO A 148 -2.39 14.65 -27.55
CA PRO A 148 -2.72 13.27 -27.89
C PRO A 148 -3.18 12.53 -26.64
N GLY A 149 -4.13 11.62 -26.79
CA GLY A 149 -4.67 10.92 -25.65
C GLY A 149 -5.84 11.66 -25.01
N SER A 150 -5.89 12.97 -25.19
CA SER A 150 -6.93 13.78 -24.57
C SER A 150 -8.28 13.64 -25.27
N PRO A 151 -9.36 13.58 -24.47
CA PRO A 151 -10.73 13.49 -24.97
C PRO A 151 -11.40 14.85 -24.84
N ALA A 152 -10.63 15.87 -24.51
CA ALA A 152 -11.19 17.19 -24.20
C ALA A 152 -10.70 18.29 -25.12
N VAL A 153 -11.46 19.37 -25.17
CA VAL A 153 -10.99 20.62 -25.74
C VAL A 153 -10.65 21.50 -24.54
N THR A 154 -9.35 21.79 -24.36
CA THR A 154 -8.89 22.52 -23.18
C THR A 154 -8.78 24.02 -23.45
N LEU A 155 -9.34 24.83 -22.55
CA LEU A 155 -9.30 26.27 -22.67
C LEU A 155 -8.34 26.85 -21.65
N LEU A 156 -7.56 27.85 -22.08
CA LEU A 156 -6.71 28.61 -21.18
C LEU A 156 -7.35 29.96 -20.87
N ILE A 157 -7.70 30.15 -19.60
CA ILE A 157 -8.31 31.39 -19.14
C ILE A 157 -7.28 32.21 -18.37
N ARG A 158 -7.19 33.50 -18.69
CA ARG A 158 -6.37 34.41 -17.93
C ARG A 158 -7.26 35.37 -17.15
N ASN A 159 -7.67 34.91 -15.97
CA ASN A 159 -8.55 35.65 -15.08
C ASN A 159 -7.65 36.29 -14.06
N PRO A 160 -6.78 37.22 -14.52
CA PRO A 160 -5.38 37.35 -14.12
C PRO A 160 -4.64 36.02 -13.89
N GLU A 161 -5.09 35.17 -12.98
CA GLU A 161 -4.46 33.87 -12.80
C GLU A 161 -4.78 32.92 -13.95
N GLU A 162 -3.92 31.94 -14.17
CA GLU A 162 -4.16 30.94 -15.21
C GLU A 162 -5.08 29.84 -14.74
N ILE A 163 -6.20 29.68 -15.43
CA ILE A 163 -7.15 28.61 -15.12
C ILE A 163 -7.30 27.74 -16.35
N SER A 164 -7.29 26.41 -16.16
CA SER A 164 -7.45 25.48 -17.28
C SER A 164 -8.82 24.82 -17.22
N VAL A 165 -9.51 24.76 -18.36
CA VAL A 165 -10.85 24.14 -18.41
C VAL A 165 -10.95 23.03 -19.46
N ASP A 166 -11.09 21.79 -19.02
CA ASP A 166 -11.25 20.66 -19.94
C ASP A 166 -12.72 20.46 -20.29
N ILE A 167 -13.06 20.73 -21.55
CA ILE A 167 -14.41 20.43 -22.03
C ILE A 167 -14.38 19.06 -22.69
N ILE A 168 -14.78 18.04 -21.94
CA ILE A 168 -14.75 16.65 -22.40
C ILE A 168 -16.01 16.29 -23.19
N LEU A 169 -15.82 15.86 -24.43
CA LEU A 169 -16.93 15.38 -25.26
C LEU A 169 -17.29 13.96 -24.85
N ALA A 170 -18.57 13.72 -24.55
CA ALA A 170 -18.98 12.39 -24.11
C ALA A 170 -20.25 11.87 -24.78
N LEU A 171 -20.32 10.55 -24.91
CA LEU A 171 -21.51 9.85 -25.37
C LEU A 171 -22.15 9.19 -24.16
N GLU A 172 -23.42 9.46 -23.94
CA GLU A 172 -24.13 8.84 -22.83
C GLU A 172 -24.96 7.68 -23.31
N SER A 173 -24.77 6.51 -22.72
CA SER A 173 -25.67 5.39 -23.00
C SER A 173 -26.46 5.04 -21.74
N LYS A 174 -27.78 4.95 -21.87
CA LYS A 174 -28.67 4.70 -20.73
C LYS A 174 -28.85 3.21 -20.44
N GLY A 175 -28.42 2.36 -21.37
CA GLY A 175 -28.51 0.93 -21.17
C GLY A 175 -27.60 0.43 -20.07
N SER A 176 -27.64 -0.88 -19.81
CA SER A 176 -26.78 -1.48 -18.79
C SER A 176 -25.30 -1.38 -19.17
N TRP A 177 -24.45 -1.31 -18.15
CA TRP A 177 -23.01 -1.17 -18.32
C TRP A 177 -22.43 -2.40 -19.02
N PRO A 178 -21.32 -2.20 -19.78
CA PRO A 178 -20.62 -3.31 -20.44
C PRO A 178 -20.31 -4.46 -19.49
N ILE A 179 -20.21 -5.67 -20.03
CA ILE A 179 -20.07 -6.87 -19.23
C ILE A 179 -18.68 -7.01 -18.59
N SER A 180 -17.77 -6.11 -18.95
CA SER A 180 -16.44 -6.09 -18.36
C SER A 180 -16.44 -5.25 -17.08
N THR A 181 -17.58 -4.63 -16.81
CA THR A 181 -17.76 -3.84 -15.58
C THR A 181 -18.48 -4.66 -14.52
N LYS A 182 -18.92 -5.85 -14.90
CA LYS A 182 -19.73 -6.73 -14.06
C LYS A 182 -19.11 -6.97 -12.68
N GLU A 183 -17.85 -7.41 -12.67
CA GLU A 183 -17.14 -7.62 -11.42
C GLU A 183 -16.47 -6.34 -10.95
N GLY A 184 -16.61 -5.28 -11.73
CA GLY A 184 -16.06 -3.98 -11.37
C GLY A 184 -16.87 -3.34 -10.26
N LEU A 185 -16.41 -2.19 -9.77
CA LEU A 185 -17.08 -1.48 -8.68
C LEU A 185 -17.36 -2.36 -7.46
N PRO A 186 -16.29 -2.84 -6.78
CA PRO A 186 -16.47 -3.73 -5.62
C PRO A 186 -16.70 -2.95 -4.32
N ILE A 187 -17.91 -2.45 -4.14
CA ILE A 187 -18.23 -1.61 -2.99
C ILE A 187 -19.24 -2.24 -2.03
N GLN A 188 -19.56 -3.52 -2.24
CA GLN A 188 -20.61 -4.21 -1.47
C GLN A 188 -20.44 -4.21 0.05
N GLY A 189 -19.22 -4.46 0.53
CA GLY A 189 -18.98 -4.48 1.96
C GLY A 189 -18.60 -3.11 2.49
N TRP A 190 -18.80 -2.09 1.67
CA TRP A 190 -18.40 -0.74 2.00
C TRP A 190 -19.56 0.25 1.85
N LEU A 191 -19.95 0.51 0.61
CA LEU A 191 -21.07 1.40 0.33
C LEU A 191 -22.39 0.62 0.27
N GLY A 192 -22.29 -0.69 0.07
CA GLY A 192 -23.46 -1.54 0.07
C GLY A 192 -23.87 -2.07 -1.29
N THR A 193 -24.89 -2.93 -1.30
CA THR A 193 -25.41 -3.53 -2.53
C THR A 193 -26.51 -2.69 -3.19
N LYS A 194 -27.29 -1.97 -2.38
CA LYS A 194 -28.34 -1.09 -2.91
C LYS A 194 -27.74 0.13 -3.60
N VAL A 195 -26.67 0.66 -3.02
CA VAL A 195 -25.94 1.79 -3.63
C VAL A 195 -25.32 1.36 -4.94
N ARG A 196 -24.64 0.21 -4.94
CA ARG A 196 -24.05 -0.33 -6.15
C ARG A 196 -25.09 -0.63 -7.23
N THR A 197 -26.21 -1.22 -6.83
CA THR A 197 -27.31 -1.53 -7.77
C THR A 197 -27.90 -0.25 -8.37
N ASN A 198 -28.10 0.77 -7.54
CA ASN A 198 -28.61 2.03 -8.04
C ASN A 198 -27.62 2.80 -8.92
N LEU A 199 -26.32 2.64 -8.65
CA LEU A 199 -25.29 3.34 -9.41
C LEU A 199 -25.13 2.77 -10.82
N ARG A 200 -25.24 1.45 -10.93
CA ARG A 200 -25.12 0.78 -12.22
C ARG A 200 -26.40 0.92 -13.05
N ARG A 201 -27.42 1.55 -12.47
CA ARG A 201 -28.64 1.89 -13.20
C ARG A 201 -28.49 3.25 -13.86
N GLU A 202 -27.43 3.96 -13.50
CA GLU A 202 -27.11 5.22 -14.12
C GLU A 202 -26.58 4.96 -15.53
N PRO A 203 -26.56 6.00 -16.39
CA PRO A 203 -25.96 5.81 -17.71
C PRO A 203 -24.44 5.62 -17.59
N PHE A 204 -23.82 5.04 -18.62
CA PHE A 204 -22.36 4.98 -18.67
C PHE A 204 -21.85 5.84 -19.81
N TYR A 205 -20.59 6.29 -19.72
CA TYR A 205 -20.15 7.26 -20.70
C TYR A 205 -19.01 6.80 -21.61
N LEU A 206 -18.84 7.50 -22.72
CA LEU A 206 -17.80 7.18 -23.69
C LEU A 206 -17.09 8.45 -24.14
N VAL A 207 -15.76 8.42 -24.10
CA VAL A 207 -14.95 9.56 -24.51
C VAL A 207 -14.06 9.14 -25.68
N PRO A 208 -13.55 10.12 -26.45
CA PRO A 208 -12.56 9.72 -27.45
C PRO A 208 -11.29 9.23 -26.78
N LYS A 209 -10.75 8.10 -27.21
CA LYS A 209 -9.45 7.67 -26.74
C LYS A 209 -8.42 8.68 -27.25
N ASN A 210 -8.51 9.00 -28.54
CA ASN A 210 -7.65 9.98 -29.19
C ASN A 210 -6.17 9.67 -29.05
N ALA A 211 -5.81 8.40 -29.25
CA ALA A 211 -4.42 7.99 -29.32
C ALA A 211 -3.89 8.30 -30.70
N LYS A 212 -2.63 8.72 -30.78
CA LYS A 212 -2.05 9.11 -32.06
C LYS A 212 -0.88 8.22 -32.43
N ASP A 213 -0.95 6.95 -32.03
CA ASP A 213 0.11 5.99 -32.34
C ASP A 213 0.00 5.47 -33.77
N GLY A 214 -1.07 5.85 -34.47
CA GLY A 214 -1.23 5.46 -35.87
C GLY A 214 -1.79 4.06 -36.04
N ASN A 215 -2.00 3.36 -34.93
CA ASN A 215 -2.53 2.00 -34.96
C ASN A 215 -3.89 1.93 -35.62
N SER A 216 -4.29 0.72 -36.03
CA SER A 216 -5.56 0.52 -36.72
C SER A 216 -6.74 1.05 -35.92
N PHE A 217 -7.79 1.51 -36.61
CA PHE A 217 -8.96 2.14 -36.00
C PHE A 217 -8.67 3.50 -35.37
N GLN A 218 -8.08 3.51 -34.18
CA GLN A 218 -7.48 4.73 -33.62
C GLN A 218 -8.41 5.93 -33.53
N GLY A 219 -8.88 6.41 -34.68
CA GLY A 219 -9.78 7.54 -34.72
C GLY A 219 -11.24 7.17 -34.50
N GLU A 220 -11.52 5.87 -34.41
CA GLU A 220 -12.89 5.44 -34.14
C GLU A 220 -13.02 4.74 -32.79
N THR A 221 -11.94 4.76 -32.01
CA THR A 221 -11.89 4.03 -30.74
C THR A 221 -12.36 4.90 -29.56
N TRP A 222 -13.32 4.38 -28.80
CA TRP A 222 -13.83 5.08 -27.63
C TRP A 222 -13.34 4.43 -26.34
N ARG A 223 -13.44 5.18 -25.24
CA ARG A 223 -13.00 4.72 -23.93
C ARG A 223 -14.13 4.95 -22.92
N LEU A 224 -14.30 4.02 -21.99
CA LEU A 224 -15.36 4.13 -21.00
C LEU A 224 -15.08 5.22 -19.95
N SER A 225 -16.12 5.92 -19.53
CA SER A 225 -15.99 6.92 -18.47
C SER A 225 -17.10 6.80 -17.41
N PHE A 226 -16.67 6.98 -16.17
CA PHE A 226 -17.51 6.86 -14.99
C PHE A 226 -17.19 8.00 -14.01
N SER A 227 -16.92 9.18 -14.54
CA SER A 227 -16.56 10.33 -13.72
C SER A 227 -17.70 10.75 -12.81
N HIS A 228 -18.92 10.48 -13.27
CA HIS A 228 -20.12 10.75 -12.48
C HIS A 228 -20.22 9.82 -11.26
N THR A 229 -20.04 8.52 -11.50
CA THR A 229 -20.07 7.52 -10.45
C THR A 229 -19.01 7.85 -9.39
N GLU A 230 -17.82 8.22 -9.87
CA GLU A 230 -16.71 8.58 -9.00
C GLU A 230 -17.01 9.84 -8.18
N LYS A 231 -17.64 10.82 -8.82
CA LYS A 231 -18.05 12.04 -8.12
C LYS A 231 -19.02 11.70 -6.98
N TYR A 232 -20.02 10.87 -7.27
CA TYR A 232 -20.95 10.38 -6.25
C TYR A 232 -20.20 9.69 -5.11
N ILE A 233 -19.31 8.77 -5.45
CA ILE A 233 -18.53 8.02 -4.47
C ILE A 233 -17.71 8.95 -3.57
N LEU A 234 -17.11 9.98 -4.16
CA LEU A 234 -16.32 10.95 -3.40
C LEU A 234 -17.22 11.76 -2.47
N ASN A 235 -18.44 12.03 -2.90
CA ASN A 235 -19.38 12.80 -2.09
C ASN A 235 -20.13 11.94 -1.08
N ASN A 236 -20.17 10.64 -1.32
CA ASN A 236 -20.80 9.68 -0.41
C ASN A 236 -19.84 8.54 -0.10
N HIS A 237 -18.83 8.83 0.71
CA HIS A 237 -17.68 7.94 0.86
C HIS A 237 -17.68 7.05 2.11
N GLY A 238 -18.48 7.40 3.12
CA GLY A 238 -18.48 6.65 4.37
C GLY A 238 -19.26 5.34 4.32
N ILE A 239 -19.03 4.48 5.32
CA ILE A 239 -19.84 3.29 5.49
C ILE A 239 -21.05 3.67 6.32
N GLU A 240 -20.88 4.73 7.11
CA GLU A 240 -21.98 5.34 7.83
C GLU A 240 -22.44 6.56 7.03
N LYS A 241 -23.75 6.71 6.86
CA LYS A 241 -24.30 7.78 6.05
C LYS A 241 -23.95 9.18 6.56
N THR A 242 -23.68 9.29 7.85
CA THR A 242 -23.41 10.60 8.47
C THR A 242 -21.93 11.00 8.43
N CYS A 243 -21.11 10.30 7.68
CA CYS A 243 -19.68 10.58 7.62
C CYS A 243 -19.42 11.98 7.03
N CYS A 244 -18.59 12.75 7.72
CA CYS A 244 -18.24 14.13 7.31
C CYS A 244 -19.42 15.12 7.29
N GLU A 245 -20.61 14.66 7.66
CA GLU A 245 -21.77 15.54 7.72
C GLU A 245 -21.81 16.36 9.01
N SER A 246 -22.74 17.31 9.08
CA SER A 246 -22.84 18.22 10.23
C SER A 246 -23.40 17.54 11.48
N SER A 247 -23.73 16.26 11.36
CA SER A 247 -24.17 15.48 12.51
C SER A 247 -23.43 14.16 12.53
N GLY A 248 -22.23 14.16 11.99
CA GLY A 248 -21.43 12.95 11.94
C GLY A 248 -19.95 13.17 12.16
N ALA A 249 -19.17 12.12 11.95
CA ALA A 249 -17.74 12.20 12.19
C ALA A 249 -16.96 12.33 10.89
N LYS A 250 -16.02 13.27 10.88
CA LYS A 250 -15.15 13.47 9.73
C LYS A 250 -14.15 12.33 9.61
N CYS A 251 -13.85 11.93 8.39
CA CYS A 251 -12.81 10.92 8.14
C CYS A 251 -11.63 11.60 7.47
N CYS A 252 -10.52 10.88 7.33
CA CYS A 252 -9.34 11.46 6.73
C CYS A 252 -9.15 11.01 5.29
N ARG A 253 -10.22 10.48 4.69
CA ARG A 253 -10.16 9.93 3.34
C ARG A 253 -9.76 10.96 2.28
N LYS A 254 -10.58 12.00 2.14
CA LYS A 254 -10.34 13.06 1.16
C LYS A 254 -9.00 13.75 1.40
N GLU A 255 -8.61 13.89 2.65
CA GLU A 255 -7.36 14.56 3.00
C GLU A 255 -6.18 13.73 2.52
N CYS A 256 -6.26 12.42 2.75
CA CYS A 256 -5.24 11.50 2.27
C CYS A 256 -5.16 11.55 0.76
N LEU A 257 -6.31 11.58 0.10
CA LEU A 257 -6.34 11.73 -1.35
C LEU A 257 -5.59 13.00 -1.79
N LYS A 258 -5.90 14.12 -1.13
CA LYS A 258 -5.21 15.38 -1.38
C LYS A 258 -3.70 15.26 -1.24
N LEU A 259 -3.24 14.76 -0.09
CA LEU A 259 -1.82 14.58 0.19
C LEU A 259 -1.12 13.76 -0.89
N MET A 260 -1.75 12.65 -1.26
CA MET A 260 -1.24 11.79 -2.33
C MET A 260 -1.09 12.56 -3.64
N LYS A 261 -2.20 13.18 -4.09
CA LYS A 261 -2.20 13.97 -5.31
C LYS A 261 -1.13 15.05 -5.30
N TYR A 262 -0.92 15.65 -4.14
CA TYR A 262 0.07 16.73 -4.01
C TYR A 262 1.48 16.19 -4.16
N LEU A 263 1.78 15.11 -3.43
CA LEU A 263 3.08 14.44 -3.55
C LEU A 263 3.37 14.16 -5.01
N LEU A 264 2.41 13.53 -5.69
CA LEU A 264 2.60 13.19 -7.10
C LEU A 264 2.79 14.42 -7.98
N GLU A 265 2.05 15.49 -7.70
CA GLU A 265 2.19 16.73 -8.47
C GLU A 265 3.60 17.32 -8.36
N GLN A 266 4.05 17.48 -7.12
CA GLN A 266 5.39 17.98 -6.85
C GLN A 266 6.44 17.12 -7.57
N LEU A 267 6.39 15.82 -7.32
CA LEU A 267 7.31 14.88 -7.95
C LEU A 267 7.31 15.02 -9.48
N LYS A 268 6.11 15.13 -10.04
CA LYS A 268 5.94 15.11 -11.49
C LYS A 268 6.45 16.40 -12.13
N LYS A 269 6.35 17.51 -11.40
CA LYS A 269 6.88 18.76 -11.91
C LYS A 269 8.39 18.88 -11.68
N GLU A 270 8.93 18.04 -10.80
CA GLU A 270 10.38 18.03 -10.58
C GLU A 270 11.09 17.05 -11.52
N PHE A 271 10.37 16.04 -12.00
CA PHE A 271 10.99 15.00 -12.82
C PHE A 271 10.18 14.63 -14.07
N GLN A 272 10.86 14.63 -15.21
CA GLN A 272 10.28 14.29 -16.50
C GLN A 272 10.07 12.77 -16.59
N GLU A 273 10.74 12.03 -15.73
CA GLU A 273 10.66 10.57 -15.73
C GLU A 273 9.31 10.07 -15.22
N LEU A 274 8.49 11.00 -14.73
CA LEU A 274 7.18 10.66 -14.19
C LEU A 274 6.04 11.15 -15.10
N ASP A 275 6.34 11.39 -16.37
CA ASP A 275 5.35 11.92 -17.30
C ASP A 275 4.19 10.95 -17.55
N ALA A 276 4.46 9.65 -17.42
CA ALA A 276 3.43 8.63 -17.68
C ALA A 276 2.41 8.53 -16.54
N PHE A 277 2.76 9.09 -15.38
CA PHE A 277 1.90 8.99 -14.21
C PHE A 277 0.90 10.15 -14.14
N CYS A 278 -0.30 9.86 -13.62
CA CYS A 278 -1.33 10.89 -13.43
C CYS A 278 -2.11 10.69 -12.12
N SER A 279 -2.95 11.65 -11.78
CA SER A 279 -3.68 11.64 -10.52
C SER A 279 -4.74 10.53 -10.45
N TYR A 280 -5.16 10.03 -11.62
CA TYR A 280 -6.14 8.96 -11.66
C TYR A 280 -5.58 7.63 -11.14
N HIS A 281 -4.26 7.49 -11.21
CA HIS A 281 -3.61 6.30 -10.67
C HIS A 281 -3.76 6.26 -9.15
N VAL A 282 -3.53 7.40 -8.51
CA VAL A 282 -3.69 7.51 -7.05
C VAL A 282 -5.16 7.51 -6.64
N LYS A 283 -6.04 7.95 -7.53
CA LYS A 283 -7.49 7.92 -7.28
C LYS A 283 -7.99 6.48 -7.26
N THR A 284 -7.60 5.71 -8.29
CA THR A 284 -7.87 4.28 -8.35
C THR A 284 -7.32 3.57 -7.12
N ALA A 285 -6.04 3.85 -6.82
CA ALA A 285 -5.40 3.28 -5.64
C ALA A 285 -6.18 3.53 -4.34
N ILE A 286 -6.63 4.76 -4.13
CA ILE A 286 -7.39 5.07 -2.91
C ILE A 286 -8.81 4.47 -2.92
N PHE A 287 -9.38 4.25 -4.10
CA PHE A 287 -10.62 3.49 -4.19
C PHE A 287 -10.37 2.07 -3.65
N HIS A 288 -9.32 1.43 -4.16
CA HIS A 288 -8.97 0.09 -3.72
C HIS A 288 -8.65 0.02 -2.22
N MET A 289 -8.03 1.08 -1.70
CA MET A 289 -7.75 1.17 -0.27
C MET A 289 -9.02 1.35 0.56
N TRP A 290 -10.00 2.07 0.02
CA TRP A 290 -11.30 2.24 0.67
C TRP A 290 -12.12 0.95 0.66
N THR A 291 -11.96 0.16 -0.40
CA THR A 291 -12.63 -1.14 -0.47
C THR A 291 -11.96 -2.12 0.49
N GLN A 292 -10.65 -2.02 0.61
CA GLN A 292 -9.91 -2.85 1.55
C GLN A 292 -10.25 -2.49 2.98
N ASP A 293 -10.32 -1.18 3.26
CA ASP A 293 -10.66 -0.71 4.60
C ASP A 293 -11.95 0.13 4.60
N PRO A 294 -13.12 -0.55 4.58
CA PRO A 294 -14.44 0.10 4.52
C PRO A 294 -14.78 0.92 5.75
N GLN A 295 -14.36 0.45 6.93
CA GLN A 295 -14.75 1.10 8.18
C GLN A 295 -14.23 2.53 8.33
N ASP A 296 -15.13 3.45 8.69
CA ASP A 296 -14.79 4.85 8.84
C ASP A 296 -13.78 5.08 9.96
N SER A 297 -13.81 4.20 10.96
CA SER A 297 -12.86 4.26 12.08
C SER A 297 -11.45 3.99 11.61
N GLN A 298 -11.31 3.32 10.47
CA GLN A 298 -10.02 3.05 9.88
C GLN A 298 -9.51 4.30 9.15
N TRP A 299 -10.28 5.38 9.20
CA TRP A 299 -9.92 6.63 8.53
C TRP A 299 -10.17 7.83 9.44
N ASP A 300 -9.90 7.64 10.72
CA ASP A 300 -10.02 8.71 11.70
C ASP A 300 -8.89 9.70 11.50
N PRO A 301 -9.20 11.01 11.55
CA PRO A 301 -8.19 12.08 11.60
C PRO A 301 -7.20 11.90 12.75
N ARG A 302 -7.52 10.97 13.65
CA ARG A 302 -6.63 10.48 14.70
C ARG A 302 -5.20 10.30 14.21
N ASN A 303 -5.07 9.64 13.06
CA ASN A 303 -3.76 9.31 12.53
C ASN A 303 -3.34 10.23 11.39
N LEU A 304 -4.14 10.27 10.33
CA LEU A 304 -3.77 10.87 9.05
C LEU A 304 -2.43 10.31 8.58
N SER A 305 -1.38 10.53 9.37
CA SER A 305 -0.08 9.92 9.20
C SER A 305 -0.15 8.43 8.84
N SER A 306 -0.89 7.65 9.64
CA SER A 306 -0.92 6.21 9.46
C SER A 306 -1.66 5.77 8.20
N CYS A 307 -2.84 6.34 7.95
CA CYS A 307 -3.61 6.00 6.77
C CYS A 307 -2.90 6.46 5.51
N PHE A 308 -2.29 7.64 5.59
CA PHE A 308 -1.49 8.16 4.49
C PHE A 308 -0.34 7.20 4.18
N ASP A 309 0.39 6.83 5.22
CA ASP A 309 1.51 5.89 5.10
C ASP A 309 1.05 4.55 4.53
N LYS A 310 -0.17 4.15 4.88
CA LYS A 310 -0.74 2.90 4.40
C LYS A 310 -1.06 2.99 2.91
N LEU A 311 -1.61 4.13 2.51
CA LEU A 311 -1.87 4.39 1.10
C LEU A 311 -0.57 4.37 0.30
N LEU A 312 0.42 5.12 0.79
CA LEU A 312 1.80 5.08 0.30
C LEU A 312 2.23 3.65 0.03
N ALA A 313 2.18 2.84 1.09
CA ALA A 313 2.54 1.43 1.02
C ALA A 313 1.81 0.65 -0.09
N PHE A 314 0.49 0.75 -0.13
CA PHE A 314 -0.30 0.07 -1.16
C PHE A 314 0.13 0.48 -2.57
N PHE A 315 0.34 1.77 -2.78
CA PHE A 315 0.69 2.30 -4.09
C PHE A 315 2.10 1.85 -4.49
N LEU A 316 2.98 1.76 -3.50
CA LEU A 316 4.30 1.17 -3.67
C LEU A 316 4.11 -0.21 -4.25
N GLU A 317 3.36 -1.05 -3.54
CA GLU A 317 3.13 -2.43 -3.97
C GLU A 317 2.55 -2.49 -5.39
N CYS A 318 1.62 -1.60 -5.70
CA CYS A 318 1.07 -1.48 -7.05
C CYS A 318 2.17 -1.25 -8.08
N LEU A 319 3.11 -0.37 -7.74
CA LEU A 319 4.24 -0.08 -8.61
C LEU A 319 5.12 -1.30 -8.81
N ARG A 320 5.54 -1.90 -7.70
CA ARG A 320 6.47 -3.02 -7.72
C ARG A 320 5.91 -4.22 -8.49
N THR A 321 4.65 -4.56 -8.25
CA THR A 321 4.03 -5.69 -8.94
C THR A 321 3.63 -5.32 -10.36
N GLU A 322 3.70 -4.03 -10.68
CA GLU A 322 3.25 -3.51 -11.96
C GLU A 322 1.80 -3.92 -12.22
N LYS A 323 0.96 -3.71 -11.21
CA LYS A 323 -0.47 -3.95 -11.36
C LYS A 323 -1.31 -2.90 -10.64
N LEU A 324 -2.32 -2.41 -11.34
CA LEU A 324 -3.29 -1.49 -10.79
C LEU A 324 -4.57 -1.63 -11.61
N ASP A 325 -5.48 -2.50 -11.16
CA ASP A 325 -6.71 -2.73 -11.89
C ASP A 325 -7.61 -1.51 -11.87
N HIS A 326 -8.25 -1.23 -13.00
CA HIS A 326 -9.27 -0.18 -13.07
C HIS A 326 -10.43 -0.57 -12.15
N TYR A 327 -10.93 0.39 -11.37
CA TYR A 327 -11.89 0.11 -10.32
C TYR A 327 -13.26 -0.29 -10.87
N PHE A 328 -13.45 -0.09 -12.16
CA PHE A 328 -14.70 -0.41 -12.82
C PHE A 328 -14.49 -1.48 -13.87
N ILE A 329 -13.23 -1.65 -14.27
CA ILE A 329 -12.85 -2.62 -15.29
C ILE A 329 -11.61 -3.37 -14.80
N PRO A 330 -11.79 -4.44 -14.00
CA PRO A 330 -10.67 -5.15 -13.37
C PRO A 330 -9.71 -5.86 -14.33
N LYS A 331 -10.11 -6.10 -15.58
CA LYS A 331 -9.18 -6.69 -16.55
C LYS A 331 -8.43 -5.60 -17.32
N PHE A 332 -8.35 -4.42 -16.72
CA PHE A 332 -7.64 -3.30 -17.28
C PHE A 332 -6.55 -2.88 -16.29
N ASN A 333 -5.33 -3.33 -16.53
CA ASN A 333 -4.20 -2.93 -15.68
C ASN A 333 -3.62 -1.58 -16.12
N LEU A 334 -3.67 -0.62 -15.22
CA LEU A 334 -3.20 0.73 -15.51
C LEU A 334 -1.69 0.80 -15.33
N PHE A 335 -1.11 -0.24 -14.73
CA PHE A 335 0.33 -0.31 -14.50
C PHE A 335 0.96 -1.45 -15.29
N SER A 336 0.42 -1.74 -16.47
CA SER A 336 1.00 -2.76 -17.32
C SER A 336 2.35 -2.31 -17.87
N GLN A 337 3.17 -3.25 -18.33
CA GLN A 337 4.42 -2.90 -19.00
C GLN A 337 4.11 -2.24 -20.33
N GLU A 338 2.96 -2.57 -20.89
CA GLU A 338 2.48 -1.96 -22.12
C GLU A 338 2.37 -0.46 -21.96
N LEU A 339 1.70 -0.03 -20.90
CA LEU A 339 1.46 1.37 -20.63
C LEU A 339 2.66 2.06 -19.98
N ILE A 340 3.23 1.42 -18.96
CA ILE A 340 4.35 2.02 -18.23
C ILE A 340 5.54 1.06 -18.12
N ASP A 341 6.74 1.58 -18.44
CA ASP A 341 7.97 0.82 -18.31
C ASP A 341 8.34 0.64 -16.84
N ARG A 342 8.94 -0.49 -16.50
CA ARG A 342 9.29 -0.79 -15.11
C ARG A 342 10.37 0.13 -14.56
N LYS A 343 11.15 0.73 -15.44
CA LYS A 343 12.15 1.70 -15.03
C LYS A 343 11.47 2.91 -14.41
N SER A 344 10.43 3.41 -15.08
CA SER A 344 9.64 4.53 -14.60
C SER A 344 9.06 4.23 -13.23
N LYS A 345 8.48 3.04 -13.12
CA LYS A 345 7.78 2.62 -11.91
C LYS A 345 8.74 2.44 -10.72
N GLU A 346 9.89 1.84 -10.96
CA GLU A 346 10.91 1.70 -9.93
C GLU A 346 11.49 3.06 -9.54
N PHE A 347 11.59 3.97 -10.51
CA PHE A 347 12.07 5.32 -10.28
C PHE A 347 11.13 6.04 -9.30
N LEU A 348 9.84 6.03 -9.64
CA LEU A 348 8.82 6.57 -8.77
C LEU A 348 8.86 5.92 -7.39
N SER A 349 9.03 4.60 -7.36
CA SER A 349 9.14 3.84 -6.12
C SER A 349 10.26 4.40 -5.23
N LYS A 350 11.41 4.65 -5.85
CA LYS A 350 12.57 5.19 -5.16
C LYS A 350 12.28 6.59 -4.62
N LYS A 351 11.71 7.44 -5.46
CA LYS A 351 11.38 8.81 -5.03
C LYS A 351 10.42 8.82 -3.84
N ILE A 352 9.35 8.05 -3.96
CA ILE A 352 8.36 7.94 -2.91
C ILE A 352 9.02 7.44 -1.64
N GLU A 353 9.84 6.40 -1.74
CA GLU A 353 10.49 5.85 -0.57
C GLU A 353 11.37 6.88 0.13
N TYR A 354 12.20 7.58 -0.65
CA TYR A 354 13.03 8.64 -0.10
C TYR A 354 12.20 9.64 0.68
N GLU A 355 11.19 10.21 0.01
CA GLU A 355 10.31 11.18 0.65
C GLU A 355 9.68 10.62 1.92
N ARG A 356 9.33 9.34 1.89
CA ARG A 356 8.65 8.66 2.98
C ARG A 356 9.50 8.61 4.23
N ASN A 357 10.67 7.98 4.11
CA ASN A 357 11.54 7.89 5.28
C ASN A 357 12.52 9.05 5.45
N ASN A 358 12.25 10.17 4.79
CA ASN A 358 13.03 11.38 5.04
C ASN A 358 12.20 12.57 5.52
N GLY A 359 10.94 12.35 5.83
CA GLY A 359 10.11 13.39 6.40
C GLY A 359 9.51 14.34 5.37
N PHE A 360 9.29 13.83 4.17
CA PHE A 360 8.65 14.57 3.09
C PHE A 360 9.13 16.02 2.94
N PRO A 361 10.39 16.21 2.48
CA PRO A 361 10.88 17.59 2.31
C PRO A 361 10.26 18.27 1.10
N ILE A 362 9.79 17.49 0.11
CA ILE A 362 9.23 18.07 -1.12
C ILE A 362 7.92 18.83 -0.86
N PHE A 363 7.24 18.49 0.23
CA PHE A 363 6.02 19.18 0.61
C PHE A 363 6.35 20.59 1.05
N ASP A 364 7.62 20.80 1.41
CA ASP A 364 8.10 22.08 1.88
C ASP A 364 8.80 22.84 0.75
N LYS A 365 8.57 22.40 -0.49
CA LYS A 365 9.25 22.99 -1.65
C LYS A 365 8.41 24.03 -2.40
N LEU A 366 8.86 24.34 -3.62
CA LEU A 366 8.38 25.49 -4.40
C LEU A 366 8.42 26.79 -3.60
N LYS B 8 35.65 22.15 -19.20
CA LYS B 8 35.15 23.10 -18.22
C LYS B 8 35.48 22.63 -16.80
N LEU B 9 34.63 21.76 -16.26
CA LEU B 9 34.80 21.24 -14.92
C LEU B 9 35.86 20.13 -14.86
N LYS B 10 36.04 19.43 -15.98
CA LYS B 10 37.03 18.36 -16.07
C LYS B 10 38.43 18.89 -15.87
N LYS B 11 38.68 20.10 -16.35
CA LYS B 11 39.96 20.77 -16.18
C LYS B 11 40.18 21.11 -14.71
N VAL B 12 39.10 21.51 -14.03
CA VAL B 12 39.17 21.79 -12.60
C VAL B 12 39.53 20.52 -11.85
N LEU B 13 38.88 19.42 -12.22
CA LEU B 13 39.16 18.12 -11.61
C LEU B 13 40.60 17.67 -11.87
N ASP B 14 41.13 18.04 -13.03
CA ASP B 14 42.53 17.79 -13.33
C ASP B 14 43.44 18.60 -12.41
N LYS B 15 43.09 19.86 -12.15
CA LYS B 15 43.85 20.71 -11.24
C LYS B 15 43.81 20.17 -9.81
N LEU B 16 42.68 19.56 -9.43
CA LEU B 16 42.48 19.10 -8.06
C LEU B 16 43.12 17.74 -7.80
N ARG B 17 43.52 17.07 -8.87
CA ARG B 17 44.08 15.72 -8.78
C ARG B 17 45.36 15.68 -7.97
N LEU B 18 45.46 14.68 -7.09
CA LEU B 18 46.68 14.49 -6.33
C LEU B 18 47.73 13.83 -7.19
N LYS B 19 48.99 14.03 -6.83
CA LYS B 19 50.11 13.46 -7.56
C LYS B 19 50.77 12.38 -6.71
N ARG B 20 51.05 11.24 -7.33
CA ARG B 20 51.47 10.07 -6.56
C ARG B 20 52.84 10.21 -5.93
N LYS B 21 53.62 11.19 -6.38
CA LYS B 21 54.90 11.47 -5.73
C LYS B 21 54.64 12.16 -4.38
N ASP B 22 53.84 13.23 -4.43
CA ASP B 22 53.42 13.94 -3.22
C ASP B 22 52.78 12.96 -2.25
N ILE B 23 51.87 12.15 -2.78
CA ILE B 23 51.20 11.10 -2.00
C ILE B 23 52.21 10.15 -1.35
N SER B 24 53.18 9.69 -2.13
CA SER B 24 54.19 8.75 -1.64
C SER B 24 54.99 9.32 -0.48
N GLU B 25 55.54 10.52 -0.65
CA GLU B 25 56.35 11.14 0.40
C GLU B 25 55.54 11.44 1.67
N ALA B 26 54.44 12.16 1.48
CA ALA B 26 53.56 12.51 2.59
C ALA B 26 53.15 11.27 3.37
N ALA B 27 52.66 10.25 2.66
CA ALA B 27 52.31 8.98 3.29
C ALA B 27 53.48 8.33 4.05
N GLU B 28 54.69 8.34 3.46
CA GLU B 28 55.88 7.83 4.16
C GLU B 28 56.00 8.46 5.54
N THR B 29 56.24 9.77 5.55
CA THR B 29 56.42 10.50 6.81
C THR B 29 55.26 10.26 7.80
N VAL B 30 54.05 10.51 7.32
CA VAL B 30 52.83 10.36 8.10
C VAL B 30 52.76 8.99 8.78
N ASN B 31 52.88 7.92 8.00
CA ASN B 31 52.89 6.57 8.54
C ASN B 31 53.96 6.34 9.61
N LYS B 32 55.15 6.90 9.40
CA LYS B 32 56.19 6.77 10.42
C LYS B 32 55.75 7.36 11.76
N VAL B 33 55.39 8.64 11.74
CA VAL B 33 54.93 9.33 12.95
C VAL B 33 53.75 8.60 13.63
N VAL B 34 52.72 8.29 12.86
CA VAL B 34 51.56 7.55 13.37
C VAL B 34 51.95 6.24 14.05
N GLU B 35 52.84 5.48 13.42
CA GLU B 35 53.30 4.22 13.99
C GLU B 35 53.96 4.44 15.34
N ARG B 36 54.87 5.42 15.40
CA ARG B 36 55.51 5.75 16.67
C ARG B 36 54.52 6.10 17.78
N LEU B 37 53.56 6.95 17.46
CA LEU B 37 52.56 7.37 18.42
C LEU B 37 51.69 6.23 18.93
N LEU B 38 51.20 5.40 18.01
CA LEU B 38 50.39 4.24 18.39
C LEU B 38 51.18 3.31 19.30
N ARG B 39 52.38 2.95 18.87
CA ARG B 39 53.24 2.06 19.62
C ARG B 39 53.50 2.56 21.03
N ARG B 40 53.85 3.85 21.16
CA ARG B 40 53.99 4.46 22.48
C ARG B 40 52.70 4.35 23.27
N MET B 41 51.57 4.55 22.59
CA MET B 41 50.27 4.50 23.23
C MET B 41 49.99 3.10 23.78
N GLN B 42 50.67 2.10 23.23
CA GLN B 42 50.58 0.74 23.74
C GLN B 42 51.70 0.43 24.74
N LYS B 43 52.92 0.82 24.39
CA LYS B 43 54.14 0.42 25.08
C LYS B 43 54.17 0.71 26.57
N ARG B 44 54.83 1.81 26.94
CA ARG B 44 54.93 2.24 28.32
C ARG B 44 53.57 2.17 28.96
N GLU B 45 53.33 1.09 29.71
CA GLU B 45 51.99 0.71 30.18
C GLU B 45 51.13 1.87 30.68
N SER B 46 50.50 2.55 29.73
CA SER B 46 49.67 3.71 30.01
C SER B 46 48.27 3.31 30.39
N GLU B 47 47.31 4.19 30.09
CA GLU B 47 45.90 3.90 30.26
C GLU B 47 45.20 3.95 28.90
N PHE B 48 45.94 4.34 27.87
CA PHE B 48 45.42 4.34 26.52
C PHE B 48 45.91 3.08 25.81
N LYS B 49 46.41 2.14 26.61
CA LYS B 49 46.83 0.84 26.12
C LYS B 49 45.61 0.08 25.60
N GLY B 50 45.74 -0.53 24.43
CA GLY B 50 44.62 -1.22 23.82
C GLY B 50 43.97 -0.36 22.76
N VAL B 51 44.48 0.86 22.58
CA VAL B 51 43.96 1.74 21.55
C VAL B 51 44.25 1.14 20.18
N GLU B 52 43.35 1.36 19.23
CA GLU B 52 43.49 0.83 17.88
C GLU B 52 43.33 1.93 16.85
N GLN B 53 43.81 1.67 15.65
CA GLN B 53 43.86 2.70 14.62
C GLN B 53 42.72 2.54 13.61
N LEU B 54 42.28 3.66 13.05
CA LEU B 54 41.26 3.66 12.01
C LEU B 54 41.50 4.90 11.15
N ASN B 55 42.08 4.71 9.98
CA ASN B 55 42.32 5.84 9.07
C ASN B 55 41.03 6.28 8.40
N THR B 56 40.70 7.57 8.51
CA THR B 56 39.44 8.09 8.01
C THR B 56 39.62 9.40 7.24
N GLY B 57 38.54 9.92 6.66
CA GLY B 57 38.59 11.23 6.01
C GLY B 57 38.85 11.20 4.52
N SER B 58 38.89 12.39 3.91
CA SER B 58 39.03 12.55 2.47
C SER B 58 40.18 11.77 1.83
N TYR B 59 41.33 11.79 2.48
CA TYR B 59 42.49 11.09 1.93
C TYR B 59 42.24 9.60 1.76
N TYR B 60 41.61 8.98 2.76
CA TYR B 60 41.40 7.54 2.74
C TYR B 60 40.09 7.14 2.05
N GLU B 61 39.36 8.15 1.57
CA GLU B 61 38.14 7.90 0.81
C GLU B 61 38.41 8.22 -0.66
N HIS B 62 39.60 8.76 -0.93
CA HIS B 62 40.01 9.20 -2.27
C HIS B 62 39.16 10.36 -2.75
N VAL B 63 38.85 11.27 -1.84
CA VAL B 63 38.15 12.51 -2.21
C VAL B 63 38.97 13.73 -1.78
N LYS B 64 40.21 13.50 -1.39
CA LYS B 64 41.14 14.58 -1.09
C LYS B 64 41.46 15.33 -2.38
N ILE B 65 41.54 16.65 -2.28
CA ILE B 65 41.81 17.47 -3.46
C ILE B 65 43.05 18.32 -3.28
N SER B 66 43.57 18.83 -4.40
CA SER B 66 44.69 19.77 -4.42
C SER B 66 46.03 19.21 -3.92
N ALA B 67 46.05 18.71 -2.68
CA ALA B 67 47.29 18.24 -2.08
C ALA B 67 47.02 17.22 -0.97
N PRO B 68 48.00 16.32 -0.73
CA PRO B 68 47.86 15.40 0.40
C PRO B 68 48.51 15.98 1.66
N ASN B 69 47.92 17.07 2.16
CA ASN B 69 48.45 17.77 3.31
C ASN B 69 47.53 17.69 4.55
N GLU B 70 46.51 16.85 4.47
CA GLU B 70 45.62 16.63 5.62
C GLU B 70 45.30 15.15 5.80
N PHE B 71 45.54 14.65 7.00
CA PHE B 71 45.32 13.25 7.31
C PHE B 71 44.48 13.10 8.58
N ASP B 72 43.50 12.20 8.56
CA ASP B 72 42.67 11.93 9.73
C ASP B 72 42.87 10.51 10.25
N VAL B 73 43.39 10.39 11.48
CA VAL B 73 43.62 9.06 12.05
C VAL B 73 42.92 8.93 13.40
N MET B 74 42.03 7.95 13.50
CA MET B 74 41.31 7.72 14.75
C MET B 74 42.01 6.70 15.65
N PHE B 75 42.32 7.14 16.86
CA PHE B 75 42.79 6.23 17.90
C PHE B 75 41.59 5.91 18.77
N LYS B 76 40.95 4.77 18.48
CA LYS B 76 39.73 4.37 19.17
C LYS B 76 40.07 3.44 20.34
N LEU B 77 39.34 3.58 21.45
CA LEU B 77 39.58 2.77 22.63
C LEU B 77 38.26 2.21 23.11
N GLU B 78 38.14 0.89 23.13
CA GLU B 78 36.89 0.28 23.54
C GLU B 78 36.63 0.56 25.00
N VAL B 79 35.42 1.02 25.29
CA VAL B 79 35.02 1.32 26.66
C VAL B 79 33.78 0.49 27.00
N PRO B 80 34.00 -0.75 27.46
CA PRO B 80 32.89 -1.66 27.77
C PRO B 80 32.09 -1.26 29.00
N ARG B 81 30.91 -1.84 29.13
CA ARG B 81 30.05 -1.64 30.30
C ARG B 81 29.71 -0.17 30.56
N ILE B 82 29.29 0.53 29.53
CA ILE B 82 28.91 1.93 29.70
C ILE B 82 27.42 2.19 29.48
N GLU B 83 26.96 3.32 29.99
CA GLU B 83 25.62 3.82 29.71
C GLU B 83 25.71 5.28 29.23
N LEU B 84 25.02 5.56 28.13
CA LEU B 84 24.98 6.91 27.58
C LEU B 84 23.77 7.68 28.08
N GLN B 85 23.99 8.88 28.59
CA GLN B 85 22.87 9.76 28.90
C GLN B 85 22.84 10.85 27.84
N GLU B 86 21.83 10.81 26.97
CA GLU B 86 21.74 11.80 25.90
C GLU B 86 21.75 13.21 26.46
N TYR B 87 22.69 14.02 25.99
CA TYR B 87 22.79 15.41 26.40
C TYR B 87 21.59 16.17 25.86
N TYR B 88 20.57 16.31 26.71
CA TYR B 88 19.28 16.88 26.32
C TYR B 88 18.56 16.03 25.28
N GLU B 89 18.23 16.62 24.13
CA GLU B 89 17.57 15.88 23.06
C GLU B 89 18.27 16.21 21.75
N THR B 90 19.58 16.37 21.86
CA THR B 90 20.41 16.74 20.73
C THR B 90 20.56 15.58 19.75
N GLY B 91 20.46 14.36 20.28
CA GLY B 91 20.65 13.18 19.46
C GLY B 91 22.11 12.90 19.18
N ALA B 92 22.91 13.96 19.13
CA ALA B 92 24.31 13.82 18.76
C ALA B 92 25.21 13.82 19.98
N PHE B 93 24.72 14.34 21.10
CA PHE B 93 25.60 14.55 22.24
C PHE B 93 25.20 13.76 23.46
N TYR B 94 26.22 13.22 24.14
CA TYR B 94 25.98 12.27 25.22
C TYR B 94 26.94 12.47 26.37
N LEU B 95 26.53 11.98 27.53
CA LEU B 95 27.39 11.93 28.70
C LEU B 95 27.69 10.45 28.88
N VAL B 96 28.92 10.14 29.28
CA VAL B 96 29.34 8.75 29.41
C VAL B 96 29.42 8.32 30.88
N LYS B 97 28.62 7.33 31.24
CA LYS B 97 28.67 6.75 32.57
C LYS B 97 29.13 5.30 32.50
N PHE B 98 29.57 4.78 33.63
CA PHE B 98 29.98 3.39 33.72
C PHE B 98 28.98 2.59 34.54
N LYS B 99 28.73 1.35 34.13
CA LYS B 99 27.78 0.49 34.82
C LYS B 99 28.35 0.00 36.14
N ARG B 100 28.18 -1.29 36.42
CA ARG B 100 28.82 -1.87 37.59
C ARG B 100 30.31 -1.72 37.42
N ILE B 101 30.84 -0.56 37.82
CA ILE B 101 32.27 -0.26 37.76
C ILE B 101 33.05 -1.44 38.32
N PRO B 102 33.62 -2.25 37.43
CA PRO B 102 34.07 -3.61 37.76
C PRO B 102 35.24 -3.64 38.72
N ARG B 103 36.30 -2.90 38.41
CA ARG B 103 37.50 -2.90 39.23
C ARG B 103 37.95 -1.49 39.52
N GLY B 104 39.21 -1.20 39.18
CA GLY B 104 39.77 0.12 39.35
C GLY B 104 39.45 1.01 38.16
N ASN B 105 39.40 0.40 36.97
CA ASN B 105 39.16 1.12 35.71
C ASN B 105 40.30 2.09 35.35
N PRO B 106 40.99 1.83 34.24
CA PRO B 106 42.14 2.67 33.85
C PRO B 106 41.73 4.10 33.52
N LEU B 107 40.43 4.33 33.36
CA LEU B 107 39.92 5.67 33.07
C LEU B 107 39.32 6.32 34.32
N SER B 108 39.70 5.83 35.50
CA SER B 108 39.16 6.32 36.76
C SER B 108 39.62 7.72 37.04
N HIS B 109 40.83 8.04 36.58
CA HIS B 109 41.42 9.35 36.79
C HIS B 109 40.83 10.35 35.79
N PHE B 110 40.03 9.83 34.86
CA PHE B 110 39.35 10.64 33.87
C PHE B 110 37.87 10.79 34.24
N LEU B 111 37.54 10.40 35.45
CA LEU B 111 36.16 10.47 35.94
C LEU B 111 35.92 11.72 36.78
N GLU B 112 34.76 12.35 36.56
CA GLU B 112 34.28 13.44 37.41
C GLU B 112 33.01 12.96 38.09
N GLY B 113 33.11 11.85 38.80
CA GLY B 113 31.96 11.20 39.41
C GLY B 113 31.84 9.79 38.88
N GLU B 114 30.68 9.49 38.28
CA GLU B 114 30.52 8.27 37.51
C GLU B 114 30.51 8.64 36.04
N VAL B 115 30.88 9.90 35.77
CA VAL B 115 30.82 10.46 34.43
C VAL B 115 32.21 10.68 33.85
N LEU B 116 32.50 10.04 32.73
CA LEU B 116 33.82 10.16 32.09
C LEU B 116 34.05 11.54 31.50
N SER B 117 35.12 12.20 31.94
CA SER B 117 35.47 13.53 31.44
C SER B 117 36.28 13.48 30.16
N ALA B 118 35.77 14.13 29.12
CA ALA B 118 36.44 14.16 27.82
C ALA B 118 37.68 15.03 27.85
N THR B 119 37.62 16.09 28.66
CA THR B 119 38.71 17.06 28.78
C THR B 119 39.97 16.47 29.44
N LYS B 120 39.77 15.69 30.50
CA LYS B 120 40.90 15.05 31.19
C LYS B 120 41.56 14.00 30.31
N MET B 121 40.73 13.13 29.74
CA MET B 121 41.18 12.11 28.82
C MET B 121 41.99 12.74 27.70
N LEU B 122 41.41 13.80 27.11
CA LEU B 122 42.05 14.51 26.01
C LEU B 122 43.38 15.13 26.44
N SER B 123 43.45 15.62 27.68
CA SER B 123 44.67 16.22 28.23
C SER B 123 45.80 15.22 28.42
N LYS B 124 45.47 14.04 28.97
CA LYS B 124 46.49 13.00 29.16
C LYS B 124 46.98 12.47 27.80
N PHE B 125 46.03 12.25 26.89
CA PHE B 125 46.30 11.85 25.51
C PHE B 125 47.32 12.81 24.89
N ARG B 126 47.01 14.11 25.01
CA ARG B 126 47.83 15.17 24.47
C ARG B 126 49.23 15.13 25.07
N LYS B 127 49.31 14.97 26.38
CA LYS B 127 50.58 14.91 27.09
C LYS B 127 51.49 13.77 26.59
N ILE B 128 50.93 12.56 26.52
CA ILE B 128 51.64 11.41 25.97
C ILE B 128 52.16 11.70 24.56
N ILE B 129 51.26 12.16 23.68
CA ILE B 129 51.65 12.47 22.31
C ILE B 129 52.80 13.49 22.23
N LYS B 130 52.74 14.55 23.02
CA LYS B 130 53.82 15.53 23.03
C LYS B 130 55.14 14.91 23.49
N GLU B 131 55.05 14.09 24.54
CA GLU B 131 56.23 13.39 25.05
C GLU B 131 56.89 12.57 23.96
N GLU B 132 56.12 11.73 23.28
CA GLU B 132 56.70 10.91 22.22
C GLU B 132 57.18 11.74 21.02
N VAL B 133 56.48 12.83 20.72
CA VAL B 133 56.85 13.71 19.61
C VAL B 133 58.20 14.40 19.84
N LYS B 134 58.51 14.69 21.10
CA LYS B 134 59.84 15.20 21.44
C LYS B 134 60.94 14.22 21.03
N GLU B 135 60.63 12.92 21.07
CA GLU B 135 61.62 11.88 20.82
C GLU B 135 61.86 11.59 19.33
N ILE B 136 61.08 12.23 18.47
CA ILE B 136 61.19 12.04 17.02
C ILE B 136 62.20 13.00 16.40
N LYS B 137 63.34 12.46 15.95
CA LYS B 137 64.47 13.25 15.51
C LYS B 137 64.70 13.22 14.00
N ASP B 138 64.02 12.31 13.30
CA ASP B 138 64.16 12.25 11.84
C ASP B 138 63.06 12.99 11.09
N ILE B 139 62.02 13.41 11.80
CA ILE B 139 60.95 14.21 11.20
C ILE B 139 60.84 15.58 11.87
N ASP B 140 60.60 16.62 11.08
CA ASP B 140 60.22 17.91 11.63
C ASP B 140 58.73 17.88 11.92
N VAL B 141 58.37 17.38 13.09
CA VAL B 141 56.99 17.29 13.50
C VAL B 141 56.78 17.97 14.84
N SER B 142 55.72 18.77 14.95
CA SER B 142 55.40 19.43 16.21
C SER B 142 53.91 19.32 16.50
N VAL B 143 53.52 19.62 17.74
CA VAL B 143 52.12 19.57 18.16
C VAL B 143 51.48 20.95 18.03
N GLU B 144 50.34 21.01 17.33
CA GLU B 144 49.60 22.25 17.13
C GLU B 144 48.87 22.62 18.41
N LYS B 145 48.79 23.91 18.71
CA LYS B 145 48.07 24.38 19.89
C LYS B 145 46.60 23.98 19.78
N GLU B 146 46.01 23.58 20.91
CA GLU B 146 44.63 23.09 20.93
C GLU B 146 43.64 24.08 20.34
N LYS B 147 42.82 23.59 19.41
CA LYS B 147 41.74 24.37 18.83
C LYS B 147 40.44 24.07 19.57
N PRO B 148 39.68 25.10 19.92
CA PRO B 148 38.41 24.87 20.61
C PRO B 148 37.43 24.14 19.71
N GLY B 149 36.84 23.06 20.22
CA GLY B 149 35.89 22.29 19.43
C GLY B 149 36.50 21.15 18.63
N SER B 150 37.77 20.84 18.91
CA SER B 150 38.45 19.76 18.20
C SER B 150 38.58 18.53 19.10
N PRO B 151 38.29 17.33 18.55
CA PRO B 151 38.40 16.06 19.27
C PRO B 151 39.79 15.46 19.07
N ALA B 152 40.70 16.25 18.50
CA ALA B 152 41.99 15.73 18.04
C ALA B 152 43.21 16.45 18.63
N VAL B 153 44.36 15.82 18.46
CA VAL B 153 45.66 16.44 18.70
C VAL B 153 46.30 16.56 17.33
N THR B 154 46.48 17.80 16.87
CA THR B 154 46.92 18.05 15.50
C THR B 154 48.43 18.20 15.42
N LEU B 155 49.03 17.45 14.50
CA LEU B 155 50.47 17.50 14.29
C LEU B 155 50.75 18.28 13.02
N LEU B 156 51.73 19.19 13.09
CA LEU B 156 52.22 19.85 11.90
C LEU B 156 53.57 19.24 11.52
N ILE B 157 53.63 18.69 10.31
CA ILE B 157 54.85 18.09 9.81
C ILE B 157 55.42 18.92 8.68
N ARG B 158 56.64 19.42 8.90
CA ARG B 158 57.39 20.11 7.87
C ARG B 158 58.15 19.07 7.06
N ASN B 159 57.44 18.36 6.19
CA ASN B 159 58.06 17.39 5.30
C ASN B 159 58.48 18.20 4.10
N PRO B 160 59.44 19.12 4.31
CA PRO B 160 59.40 20.47 3.73
C PRO B 160 57.99 21.07 3.58
N GLU B 161 57.17 20.59 2.66
CA GLU B 161 55.79 21.05 2.60
C GLU B 161 55.06 20.70 3.89
N GLU B 162 54.04 21.50 4.21
CA GLU B 162 53.34 21.35 5.48
C GLU B 162 52.20 20.34 5.37
N ILE B 163 52.17 19.40 6.31
CA ILE B 163 51.11 18.40 6.38
C ILE B 163 50.50 18.41 7.77
N SER B 164 49.17 18.41 7.85
CA SER B 164 48.50 18.37 9.14
C SER B 164 47.90 16.98 9.39
N VAL B 165 48.11 16.45 10.60
CA VAL B 165 47.57 15.14 10.97
C VAL B 165 46.74 15.23 12.24
N ASP B 166 45.43 15.00 12.12
CA ASP B 166 44.57 14.96 13.29
C ASP B 166 44.58 13.58 13.92
N ILE B 167 45.12 13.49 15.14
CA ILE B 167 45.04 12.26 15.91
C ILE B 167 43.80 12.38 16.78
N ILE B 168 42.73 11.72 16.36
CA ILE B 168 41.41 11.87 16.97
C ILE B 168 41.20 10.82 18.05
N LEU B 169 41.04 11.25 19.30
CA LEU B 169 40.74 10.34 20.41
C LEU B 169 39.29 9.89 20.32
N ALA B 170 39.06 8.59 20.24
CA ALA B 170 37.67 8.10 20.16
C ALA B 170 37.40 6.96 21.15
N LEU B 171 36.13 6.82 21.53
CA LEU B 171 35.67 5.70 22.35
C LEU B 171 34.89 4.76 21.47
N GLU B 172 35.21 3.46 21.53
CA GLU B 172 34.51 2.46 20.75
C GLU B 172 33.51 1.64 21.56
N SER B 173 32.26 1.57 21.09
CA SER B 173 31.25 0.76 21.75
C SER B 173 30.67 -0.27 20.78
N LYS B 174 30.72 -1.55 21.18
CA LYS B 174 30.26 -2.64 20.33
C LYS B 174 28.75 -2.89 20.46
N GLY B 175 28.08 -2.18 21.36
CA GLY B 175 26.65 -2.34 21.53
C GLY B 175 25.87 -1.80 20.34
N SER B 176 24.54 -1.85 20.41
CA SER B 176 23.74 -1.34 19.32
C SER B 176 23.71 0.17 19.36
N TRP B 177 23.66 0.79 18.19
CA TRP B 177 23.74 2.24 18.06
C TRP B 177 22.58 2.93 18.77
N PRO B 178 22.86 4.10 19.39
CA PRO B 178 21.83 4.87 20.08
C PRO B 178 20.58 5.06 19.22
N ILE B 179 19.44 5.18 19.86
CA ILE B 179 18.16 5.21 19.18
C ILE B 179 18.00 6.43 18.27
N SER B 180 18.79 7.46 18.52
CA SER B 180 18.73 8.69 17.73
C SER B 180 19.18 8.44 16.30
N THR B 181 19.81 7.29 16.07
CA THR B 181 20.27 6.90 14.75
C THR B 181 19.35 5.89 14.08
N LYS B 182 18.28 5.50 14.78
CA LYS B 182 17.41 4.43 14.30
C LYS B 182 16.76 4.75 12.95
N GLU B 183 16.37 6.00 12.75
CA GLU B 183 15.78 6.41 11.48
C GLU B 183 16.85 6.98 10.54
N GLY B 184 18.10 7.01 11.00
CA GLY B 184 19.20 7.51 10.19
C GLY B 184 19.67 6.48 9.19
N LEU B 185 20.68 6.84 8.41
CA LEU B 185 21.23 5.97 7.35
C LEU B 185 20.14 5.36 6.48
N PRO B 186 19.44 6.20 5.68
CA PRO B 186 18.32 5.72 4.87
C PRO B 186 18.78 5.20 3.51
N ILE B 187 19.73 4.26 3.50
CA ILE B 187 20.30 3.73 2.26
C ILE B 187 19.51 2.57 1.67
N GLN B 188 18.39 2.23 2.32
CA GLN B 188 17.64 1.01 2.03
C GLN B 188 17.19 0.79 0.58
N GLY B 189 17.13 1.85 -0.21
CA GLY B 189 16.77 1.69 -1.61
C GLY B 189 17.94 1.96 -2.53
N TRP B 190 19.08 2.29 -1.93
CA TRP B 190 20.30 2.65 -2.64
C TRP B 190 21.37 1.57 -2.47
N LEU B 191 21.81 1.38 -1.23
CA LEU B 191 22.79 0.35 -0.94
C LEU B 191 22.12 -0.93 -0.42
N GLY B 192 20.94 -0.79 0.17
CA GLY B 192 20.15 -1.96 0.54
C GLY B 192 19.99 -2.19 2.03
N THR B 193 19.21 -3.22 2.37
CA THR B 193 18.89 -3.56 3.75
C THR B 193 19.95 -4.42 4.44
N LYS B 194 20.58 -5.32 3.68
CA LYS B 194 21.62 -6.18 4.22
C LYS B 194 22.90 -5.40 4.50
N VAL B 195 23.16 -4.39 3.67
CA VAL B 195 24.29 -3.49 3.86
C VAL B 195 24.09 -2.65 5.11
N ARG B 196 22.94 -1.99 5.21
CA ARG B 196 22.61 -1.18 6.37
C ARG B 196 22.65 -2.02 7.65
N THR B 197 22.12 -3.24 7.56
CA THR B 197 22.09 -4.15 8.70
C THR B 197 23.50 -4.51 9.13
N ASN B 198 24.37 -4.78 8.16
CA ASN B 198 25.75 -5.12 8.46
C ASN B 198 26.55 -3.94 8.99
N LEU B 199 26.22 -2.73 8.52
CA LEU B 199 26.92 -1.53 8.94
C LEU B 199 26.55 -1.18 10.37
N ARG B 200 25.26 -1.31 10.71
CA ARG B 200 24.79 -1.01 12.06
C ARG B 200 25.13 -2.11 13.08
N ARG B 201 25.68 -3.22 12.59
CA ARG B 201 26.18 -4.29 13.47
C ARG B 201 27.60 -3.96 13.91
N GLU B 202 28.18 -2.93 13.30
CA GLU B 202 29.53 -2.50 13.61
C GLU B 202 29.51 -1.64 14.87
N PRO B 203 30.68 -1.42 15.48
CA PRO B 203 30.64 -0.55 16.66
C PRO B 203 30.37 0.90 16.32
N PHE B 204 30.02 1.71 17.31
CA PHE B 204 29.91 3.15 17.11
C PHE B 204 30.95 3.86 17.96
N TYR B 205 31.18 5.14 17.68
CA TYR B 205 32.28 5.85 18.30
C TYR B 205 31.89 7.21 18.84
N LEU B 206 32.54 7.60 19.94
CA LEU B 206 32.30 8.90 20.56
C LEU B 206 33.59 9.69 20.64
N VAL B 207 33.59 10.89 20.08
CA VAL B 207 34.75 11.76 20.13
C VAL B 207 34.43 12.91 21.07
N PRO B 208 35.46 13.53 21.69
CA PRO B 208 35.16 14.65 22.59
C PRO B 208 34.58 15.85 21.84
N LYS B 209 33.53 16.45 22.36
CA LYS B 209 32.97 17.65 21.76
C LYS B 209 33.94 18.83 21.96
N ASN B 210 34.49 18.92 23.17
CA ASN B 210 35.52 19.90 23.51
C ASN B 210 35.22 21.34 23.10
N ALA B 211 33.96 21.74 23.21
CA ALA B 211 33.60 23.14 23.04
C ALA B 211 34.17 23.92 24.22
N LYS B 212 34.55 25.18 23.99
CA LYS B 212 35.09 25.99 25.06
C LYS B 212 34.21 27.18 25.38
N ASP B 213 32.90 26.93 25.49
CA ASP B 213 31.91 27.98 25.70
C ASP B 213 31.60 28.26 27.17
N GLY B 214 31.91 27.32 28.05
CA GLY B 214 31.72 27.53 29.48
C GLY B 214 30.41 26.99 30.02
N ASN B 215 29.67 26.28 29.17
CA ASN B 215 28.38 25.72 29.55
C ASN B 215 28.48 24.54 30.51
N SER B 216 27.32 24.00 30.87
CA SER B 216 27.26 22.86 31.77
C SER B 216 27.62 21.57 31.03
N PHE B 217 28.26 20.66 31.74
CA PHE B 217 28.73 19.39 31.15
C PHE B 217 29.68 19.64 29.99
N GLN B 218 30.38 20.77 30.04
CA GLN B 218 31.24 21.24 28.97
C GLN B 218 32.34 20.24 28.63
N GLY B 219 33.02 19.75 29.66
CA GLY B 219 34.16 18.87 29.47
C GLY B 219 33.82 17.39 29.59
N GLU B 220 32.53 17.08 29.61
CA GLU B 220 32.08 15.71 29.71
C GLU B 220 31.17 15.33 28.54
N THR B 221 31.01 16.25 27.59
CA THR B 221 30.12 16.04 26.45
C THR B 221 30.84 15.36 25.28
N TRP B 222 30.28 14.26 24.81
CA TRP B 222 30.82 13.54 23.67
C TRP B 222 29.87 13.64 22.47
N ARG B 223 30.44 13.60 21.27
CA ARG B 223 29.65 13.59 20.05
C ARG B 223 29.83 12.26 19.32
N LEU B 224 28.73 11.73 18.78
CA LEU B 224 28.77 10.52 17.96
C LEU B 224 29.60 10.76 16.69
N SER B 225 30.26 9.71 16.22
CA SER B 225 31.07 9.79 15.02
C SER B 225 30.87 8.54 14.16
N PHE B 226 30.80 8.73 12.85
CA PHE B 226 30.55 7.60 11.95
C PHE B 226 31.50 7.61 10.76
N SER B 227 32.75 7.97 10.99
CA SER B 227 33.75 8.06 9.93
C SER B 227 34.04 6.71 9.27
N HIS B 228 33.92 5.63 10.04
CA HIS B 228 34.11 4.28 9.48
C HIS B 228 33.05 3.94 8.43
N THR B 229 31.80 4.22 8.77
CA THR B 229 30.69 3.95 7.88
C THR B 229 30.74 4.84 6.65
N GLU B 230 31.12 6.10 6.83
CA GLU B 230 31.24 7.04 5.71
C GLU B 230 32.35 6.60 4.77
N LYS B 231 33.43 6.08 5.34
CA LYS B 231 34.52 5.51 4.57
C LYS B 231 33.99 4.36 3.72
N TYR B 232 33.26 3.44 4.35
CA TYR B 232 32.68 2.33 3.62
C TYR B 232 31.76 2.79 2.49
N ILE B 233 30.92 3.79 2.76
CA ILE B 233 30.00 4.30 1.75
C ILE B 233 30.73 4.93 0.58
N LEU B 234 31.74 5.74 0.87
CA LEU B 234 32.53 6.36 -0.18
C LEU B 234 33.22 5.29 -1.03
N ASN B 235 33.61 4.18 -0.41
CA ASN B 235 34.26 3.13 -1.18
C ASN B 235 33.31 2.06 -1.72
N ASN B 236 32.06 2.11 -1.29
CA ASN B 236 31.05 1.21 -1.82
C ASN B 236 29.76 1.98 -2.09
N HIS B 237 29.79 2.80 -3.15
CA HIS B 237 28.78 3.83 -3.36
C HIS B 237 27.74 3.58 -4.46
N GLY B 238 27.80 2.42 -5.11
CA GLY B 238 26.90 2.15 -6.21
C GLY B 238 25.68 1.31 -5.85
N ILE B 239 24.64 1.39 -6.67
CA ILE B 239 23.55 0.44 -6.57
C ILE B 239 24.05 -0.86 -7.16
N GLU B 240 24.86 -0.73 -8.21
CA GLU B 240 25.51 -1.89 -8.82
C GLU B 240 26.86 -2.11 -8.16
N LYS B 241 27.17 -3.36 -7.88
CA LYS B 241 28.39 -3.71 -7.17
C LYS B 241 29.66 -3.45 -7.99
N THR B 242 29.48 -3.25 -9.29
CA THR B 242 30.58 -3.07 -10.22
C THR B 242 30.92 -1.59 -10.44
N CYS B 243 30.17 -0.71 -9.79
CA CYS B 243 30.35 0.73 -9.92
C CYS B 243 31.79 1.13 -9.57
N CYS B 244 32.48 1.70 -10.55
CA CYS B 244 33.87 2.16 -10.41
C CYS B 244 34.89 1.03 -10.25
N GLU B 245 34.44 -0.20 -10.50
CA GLU B 245 35.33 -1.35 -10.47
C GLU B 245 35.97 -1.57 -11.84
N SER B 246 36.92 -2.49 -11.92
CA SER B 246 37.65 -2.72 -13.16
C SER B 246 36.81 -3.40 -14.24
N SER B 247 35.80 -4.17 -13.81
CA SER B 247 34.87 -4.79 -14.74
C SER B 247 33.50 -4.13 -14.66
N GLY B 248 33.48 -2.87 -14.21
CA GLY B 248 32.24 -2.13 -14.13
C GLY B 248 32.33 -0.77 -14.79
N ALA B 249 31.44 0.15 -14.42
CA ALA B 249 31.40 1.48 -15.02
C ALA B 249 31.67 2.59 -14.02
N LYS B 250 32.37 3.61 -14.47
CA LYS B 250 32.69 4.78 -13.64
C LYS B 250 31.47 5.68 -13.44
N CYS B 251 31.35 6.23 -12.23
CA CYS B 251 30.33 7.22 -11.94
C CYS B 251 31.05 8.52 -11.59
N CYS B 252 30.30 9.60 -11.42
CA CYS B 252 30.92 10.89 -11.13
C CYS B 252 30.50 11.45 -9.77
N ARG B 253 30.20 10.54 -8.84
CA ARG B 253 29.80 10.92 -7.49
C ARG B 253 30.96 11.60 -6.74
N LYS B 254 32.07 10.89 -6.60
CA LYS B 254 33.24 11.41 -5.89
C LYS B 254 33.76 12.69 -6.55
N GLU B 255 33.62 12.75 -7.86
CA GLU B 255 34.00 13.94 -8.62
C GLU B 255 33.17 15.15 -8.21
N CYS B 256 31.85 14.97 -8.13
CA CYS B 256 30.97 16.03 -7.65
C CYS B 256 31.27 16.41 -6.19
N LEU B 257 31.59 15.43 -5.37
CA LEU B 257 32.01 15.73 -3.99
C LEU B 257 33.26 16.61 -4.00
N LYS B 258 34.21 16.29 -4.87
CA LYS B 258 35.44 17.07 -4.98
C LYS B 258 35.17 18.50 -5.42
N LEU B 259 34.45 18.65 -6.54
CA LEU B 259 34.09 19.98 -7.05
C LEU B 259 33.38 20.83 -6.00
N MET B 260 32.44 20.22 -5.29
CA MET B 260 31.69 20.92 -4.25
C MET B 260 32.61 21.35 -3.11
N LYS B 261 33.44 20.41 -2.67
CA LYS B 261 34.47 20.67 -1.66
C LYS B 261 35.32 21.87 -2.03
N TYR B 262 35.75 21.91 -3.28
CA TYR B 262 36.66 22.96 -3.76
C TYR B 262 35.96 24.29 -3.79
N LEU B 263 34.79 24.32 -4.42
CA LEU B 263 33.95 25.52 -4.42
C LEU B 263 33.88 26.12 -3.03
N LEU B 264 33.52 25.28 -2.05
CA LEU B 264 33.42 25.75 -0.67
C LEU B 264 34.74 26.22 -0.09
N GLU B 265 35.83 25.49 -0.39
CA GLU B 265 37.16 25.87 0.09
C GLU B 265 37.52 27.28 -0.35
N GLN B 266 37.37 27.53 -1.65
CA GLN B 266 37.69 28.84 -2.23
C GLN B 266 36.79 29.94 -1.67
N LEU B 267 35.48 29.71 -1.70
CA LEU B 267 34.52 30.67 -1.16
C LEU B 267 34.79 30.96 0.32
N LYS B 268 35.45 30.02 1.01
CA LYS B 268 35.82 30.20 2.43
C LYS B 268 37.13 30.96 2.60
N LYS B 269 38.08 30.73 1.70
CA LYS B 269 39.35 31.44 1.75
C LYS B 269 39.16 32.91 1.42
N GLU B 270 38.15 33.23 0.62
CA GLU B 270 37.91 34.62 0.25
C GLU B 270 36.97 35.37 1.21
N PHE B 271 36.08 34.64 1.87
CA PHE B 271 35.12 35.29 2.77
C PHE B 271 35.14 34.72 4.19
N GLN B 272 35.46 35.58 5.14
CA GLN B 272 35.54 35.20 6.55
C GLN B 272 34.14 35.05 7.14
N GLU B 273 33.15 35.49 6.37
CA GLU B 273 31.74 35.42 6.76
C GLU B 273 31.25 33.97 6.78
N LEU B 274 32.08 33.05 6.29
CA LEU B 274 31.69 31.66 6.12
C LEU B 274 32.52 30.72 7.00
N ASP B 275 32.91 31.20 8.17
CA ASP B 275 33.75 30.42 9.06
C ASP B 275 32.98 29.31 9.79
N ALA B 276 31.65 29.38 9.74
CA ALA B 276 30.79 28.36 10.34
C ALA B 276 30.73 27.12 9.46
N PHE B 277 30.96 27.31 8.16
CA PHE B 277 30.80 26.24 7.19
C PHE B 277 32.07 25.39 7.04
N CYS B 278 31.88 24.08 6.95
CA CYS B 278 32.99 23.14 6.71
C CYS B 278 32.61 22.13 5.61
N SER B 279 33.54 21.23 5.30
CA SER B 279 33.31 20.27 4.21
C SER B 279 32.27 19.21 4.56
N TYR B 280 32.00 19.01 5.84
CA TYR B 280 31.06 17.97 6.25
C TYR B 280 29.63 18.33 5.85
N HIS B 281 29.36 19.61 5.62
CA HIS B 281 28.06 20.04 5.15
C HIS B 281 27.88 19.59 3.71
N VAL B 282 28.94 19.77 2.92
CA VAL B 282 28.99 19.27 1.56
C VAL B 282 28.83 17.74 1.51
N LYS B 283 29.56 17.06 2.37
CA LYS B 283 29.51 15.60 2.46
C LYS B 283 28.11 15.10 2.83
N THR B 284 27.49 15.75 3.82
CA THR B 284 26.15 15.37 4.27
C THR B 284 25.13 15.58 3.16
N ALA B 285 25.15 16.77 2.59
CA ALA B 285 24.30 17.08 1.46
C ALA B 285 24.44 16.06 0.33
N ILE B 286 25.67 15.69 -0.01
CA ILE B 286 25.90 14.75 -1.10
C ILE B 286 25.45 13.34 -0.74
N PHE B 287 25.51 12.99 0.54
CA PHE B 287 24.91 11.75 1.01
C PHE B 287 23.42 11.76 0.72
N HIS B 288 22.78 12.87 1.07
CA HIS B 288 21.34 13.00 0.81
C HIS B 288 21.02 12.93 -0.69
N MET B 289 21.89 13.50 -1.51
CA MET B 289 21.68 13.45 -2.96
C MET B 289 21.85 12.04 -3.51
N TRP B 290 22.88 11.33 -3.05
CA TRP B 290 23.12 9.95 -3.45
C TRP B 290 21.96 9.06 -3.03
N THR B 291 21.32 9.42 -1.93
CA THR B 291 20.14 8.68 -1.48
C THR B 291 18.92 9.06 -2.34
N GLN B 292 18.92 10.28 -2.85
CA GLN B 292 17.85 10.76 -3.73
C GLN B 292 17.93 10.16 -5.12
N ASP B 293 19.14 10.20 -5.70
CA ASP B 293 19.39 9.59 -7.00
C ASP B 293 20.30 8.37 -6.83
N PRO B 294 19.71 7.20 -6.53
CA PRO B 294 20.46 5.98 -6.23
C PRO B 294 21.09 5.40 -7.49
N GLN B 295 20.41 5.57 -8.62
CA GLN B 295 20.86 5.01 -9.90
C GLN B 295 22.24 5.49 -10.32
N ASP B 296 23.10 4.55 -10.70
CA ASP B 296 24.44 4.87 -11.17
C ASP B 296 24.36 5.61 -12.49
N SER B 297 23.30 5.33 -13.25
CA SER B 297 23.03 6.02 -14.50
C SER B 297 22.76 7.51 -14.26
N GLN B 298 22.29 7.85 -13.06
CA GLN B 298 22.04 9.24 -12.69
C GLN B 298 23.34 9.90 -12.23
N TRP B 299 24.43 9.17 -12.31
CA TRP B 299 25.76 9.70 -12.03
C TRP B 299 26.75 9.28 -13.11
N ASP B 300 26.33 9.41 -14.36
CA ASP B 300 27.22 9.15 -15.48
C ASP B 300 28.15 10.33 -15.66
N PRO B 301 29.45 10.06 -15.87
CA PRO B 301 30.48 11.08 -16.06
C PRO B 301 30.10 12.09 -17.13
N ARG B 302 29.48 11.63 -18.21
CA ARG B 302 29.02 12.50 -19.30
C ARG B 302 28.00 13.55 -18.82
N ASN B 303 27.34 13.27 -17.71
CA ASN B 303 26.39 14.21 -17.13
C ASN B 303 26.98 14.87 -15.90
N LEU B 304 28.29 15.10 -15.92
CA LEU B 304 28.97 15.74 -14.79
C LEU B 304 28.34 17.08 -14.43
N SER B 305 28.40 18.03 -15.37
CA SER B 305 27.97 19.40 -15.13
C SER B 305 26.54 19.49 -14.60
N SER B 306 25.65 18.71 -15.18
CA SER B 306 24.26 18.70 -14.72
C SER B 306 24.18 18.12 -13.32
N CYS B 307 24.88 17.01 -13.09
CA CYS B 307 24.89 16.37 -11.78
C CYS B 307 25.38 17.35 -10.73
N PHE B 308 26.51 18.00 -11.00
CA PHE B 308 27.05 19.01 -10.10
C PHE B 308 26.04 20.14 -9.87
N ASP B 309 25.23 20.44 -10.88
CA ASP B 309 24.22 21.47 -10.71
C ASP B 309 23.14 20.97 -9.78
N LYS B 310 22.74 19.72 -9.97
CA LYS B 310 21.68 19.11 -9.17
C LYS B 310 22.03 19.26 -7.70
N LEU B 311 23.16 18.68 -7.32
CA LEU B 311 23.73 18.86 -5.99
C LEU B 311 23.70 20.33 -5.58
N LEU B 312 24.26 21.19 -6.42
CA LEU B 312 24.31 22.63 -6.13
C LEU B 312 22.92 23.11 -5.77
N ALA B 313 21.96 22.83 -6.65
CA ALA B 313 20.57 23.21 -6.42
C ALA B 313 20.15 22.73 -5.04
N PHE B 314 20.30 21.43 -4.81
CA PHE B 314 19.93 20.81 -3.54
C PHE B 314 20.49 21.62 -2.38
N PHE B 315 21.78 21.91 -2.44
CA PHE B 315 22.46 22.58 -1.34
C PHE B 315 21.80 23.92 -1.04
N LEU B 316 21.49 24.66 -2.10
CA LEU B 316 20.87 25.97 -1.94
C LEU B 316 19.55 25.81 -1.20
N GLU B 317 18.80 24.78 -1.57
CA GLU B 317 17.52 24.53 -0.93
C GLU B 317 17.72 24.26 0.56
N CYS B 318 18.78 23.52 0.88
CA CYS B 318 19.12 23.23 2.26
C CYS B 318 19.35 24.52 3.02
N LEU B 319 19.96 25.49 2.34
CA LEU B 319 20.19 26.80 2.93
C LEU B 319 18.89 27.58 3.02
N ARG B 320 18.04 27.44 1.99
CA ARG B 320 16.80 28.20 1.93
C ARG B 320 15.83 27.74 3.00
N THR B 321 15.80 26.43 3.20
CA THR B 321 14.93 25.83 4.21
C THR B 321 15.61 25.88 5.58
N GLU B 322 16.90 26.18 5.56
CA GLU B 322 17.74 26.11 6.76
C GLU B 322 17.61 24.74 7.38
N LYS B 323 17.74 23.72 6.54
CA LYS B 323 17.56 22.35 6.95
C LYS B 323 18.53 21.43 6.25
N LEU B 324 19.60 21.08 6.95
CA LEU B 324 20.52 20.04 6.50
C LEU B 324 20.66 19.04 7.64
N ASP B 325 19.85 17.99 7.61
CA ASP B 325 19.84 17.00 8.69
C ASP B 325 21.11 16.17 8.69
N HIS B 326 21.56 15.76 9.87
CA HIS B 326 22.69 14.83 9.95
C HIS B 326 22.24 13.50 9.34
N TYR B 327 23.11 12.88 8.54
CA TYR B 327 22.71 11.70 7.75
C TYR B 327 22.48 10.46 8.61
N PHE B 328 23.08 10.45 9.80
CA PHE B 328 22.93 9.32 10.70
C PHE B 328 22.01 9.67 11.87
N ILE B 329 21.91 10.97 12.17
CA ILE B 329 21.03 11.46 13.23
C ILE B 329 20.08 12.50 12.65
N PRO B 330 18.92 12.04 12.14
CA PRO B 330 17.94 12.86 11.39
C PRO B 330 17.43 14.08 12.15
N LYS B 331 17.27 13.96 13.47
CA LYS B 331 16.75 15.08 14.27
C LYS B 331 17.80 16.15 14.54
N PHE B 332 19.07 15.79 14.35
CA PHE B 332 20.16 16.74 14.52
C PHE B 332 20.34 17.58 13.27
N ASN B 333 19.93 18.85 13.35
CA ASN B 333 20.03 19.77 12.22
C ASN B 333 21.35 20.51 12.20
N LEU B 334 21.95 20.60 11.01
CA LEU B 334 23.26 21.23 10.86
C LEU B 334 23.11 22.68 10.41
N PHE B 335 21.93 23.04 9.92
CA PHE B 335 21.66 24.41 9.47
C PHE B 335 20.66 25.10 10.40
N SER B 336 20.69 24.72 11.68
CA SER B 336 19.83 25.36 12.66
C SER B 336 20.32 26.78 12.92
N GLN B 337 19.48 27.59 13.55
CA GLN B 337 19.85 28.95 13.90
C GLN B 337 20.83 28.92 15.08
N GLU B 338 20.75 27.85 15.87
CA GLU B 338 21.60 27.68 17.04
C GLU B 338 23.07 27.53 16.64
N LEU B 339 23.30 26.90 15.49
CA LEU B 339 24.64 26.60 15.02
C LEU B 339 25.13 27.58 13.96
N ILE B 340 24.26 27.93 13.02
CA ILE B 340 24.60 28.88 11.96
C ILE B 340 23.57 30.00 11.84
N ASP B 341 24.04 31.24 11.78
CA ASP B 341 23.16 32.40 11.65
C ASP B 341 22.59 32.48 10.23
N ARG B 342 21.33 32.87 10.13
CA ARG B 342 20.66 33.01 8.83
C ARG B 342 21.43 33.89 7.87
N LYS B 343 21.99 34.99 8.37
CA LYS B 343 22.75 35.91 7.54
C LYS B 343 23.92 35.23 6.84
N SER B 344 24.53 34.26 7.53
CA SER B 344 25.61 33.48 6.93
C SER B 344 25.08 32.64 5.77
N LYS B 345 24.02 31.89 6.04
CA LYS B 345 23.42 31.02 5.02
C LYS B 345 22.95 31.81 3.79
N GLU B 346 22.41 33.01 4.03
CA GLU B 346 21.95 33.89 2.96
C GLU B 346 23.13 34.41 2.15
N PHE B 347 24.16 34.86 2.85
CA PHE B 347 25.40 35.31 2.22
C PHE B 347 25.94 34.23 1.28
N LEU B 348 26.01 33.01 1.82
CA LEU B 348 26.50 31.87 1.06
C LEU B 348 25.62 31.57 -0.15
N SER B 349 24.31 31.64 0.04
CA SER B 349 23.38 31.41 -1.06
C SER B 349 23.62 32.42 -2.17
N LYS B 350 23.91 33.65 -1.76
CA LYS B 350 24.20 34.72 -2.70
C LYS B 350 25.47 34.44 -3.51
N LYS B 351 26.58 34.24 -2.81
CA LYS B 351 27.86 33.96 -3.49
C LYS B 351 27.79 32.73 -4.40
N ILE B 352 27.27 31.63 -3.86
CA ILE B 352 27.06 30.41 -4.62
C ILE B 352 26.23 30.64 -5.87
N GLU B 353 25.08 31.30 -5.72
CA GLU B 353 24.23 31.59 -6.86
C GLU B 353 24.95 32.41 -7.91
N TYR B 354 25.69 33.42 -7.47
CA TYR B 354 26.53 34.20 -8.37
C TYR B 354 27.45 33.32 -9.19
N GLU B 355 28.27 32.52 -8.50
CA GLU B 355 29.20 31.59 -9.16
C GLU B 355 28.49 30.65 -10.13
N ARG B 356 27.29 30.24 -9.76
CA ARG B 356 26.49 29.28 -10.54
C ARG B 356 25.99 29.92 -11.82
N ASN B 357 25.73 31.22 -11.76
CA ASN B 357 25.21 31.94 -12.92
C ASN B 357 26.30 32.64 -13.73
N ASN B 358 27.57 32.44 -13.35
CA ASN B 358 28.65 33.17 -13.99
C ASN B 358 29.83 32.34 -14.47
N GLY B 359 29.61 31.05 -14.69
CA GLY B 359 30.64 30.18 -15.23
C GLY B 359 31.73 29.82 -14.23
N PHE B 360 31.40 29.92 -12.94
CA PHE B 360 32.31 29.60 -11.85
C PHE B 360 33.71 30.20 -11.99
N PRO B 361 33.80 31.54 -11.95
CA PRO B 361 35.13 32.18 -12.03
C PRO B 361 36.07 31.75 -10.91
N ILE B 362 35.53 31.51 -9.71
CA ILE B 362 36.35 31.19 -8.54
C ILE B 362 37.21 29.94 -8.71
N PHE B 363 36.83 29.09 -9.66
CA PHE B 363 37.57 27.86 -9.94
C PHE B 363 38.93 28.15 -10.58
N ASP B 364 39.09 29.33 -11.15
CA ASP B 364 40.29 29.66 -11.90
C ASP B 364 41.37 30.35 -11.06
N LYS B 365 41.03 30.68 -9.82
CA LYS B 365 41.95 31.39 -8.93
C LYS B 365 42.92 30.50 -8.17
N LEU B 366 44.05 31.09 -7.79
CA LEU B 366 44.96 30.56 -6.79
C LEU B 366 46.12 31.53 -6.58
N LYS C 8 -36.48 -17.99 23.06
CA LYS C 8 -37.56 -17.31 23.77
C LYS C 8 -38.33 -16.39 22.84
N LEU C 9 -37.86 -15.15 22.74
CA LEU C 9 -38.41 -14.19 21.80
C LEU C 9 -38.16 -14.66 20.39
N LYS C 10 -37.11 -15.45 20.21
CA LYS C 10 -36.76 -16.02 18.92
C LYS C 10 -37.82 -16.99 18.44
N LYS C 11 -38.34 -17.80 19.35
CA LYS C 11 -39.42 -18.74 19.03
C LYS C 11 -40.68 -17.99 18.64
N VAL C 12 -40.98 -16.91 19.36
CA VAL C 12 -42.09 -16.02 19.05
C VAL C 12 -41.93 -15.45 17.64
N LEU C 13 -40.70 -15.05 17.32
CA LEU C 13 -40.39 -14.51 16.00
C LEU C 13 -40.57 -15.59 14.93
N ASP C 14 -40.31 -16.83 15.31
CA ASP C 14 -40.48 -17.95 14.40
C ASP C 14 -41.95 -18.17 14.08
N LYS C 15 -42.81 -18.07 15.09
CA LYS C 15 -44.25 -18.25 14.85
C LYS C 15 -44.91 -17.02 14.21
N LEU C 16 -44.28 -15.85 14.36
CA LEU C 16 -44.77 -14.61 13.76
C LEU C 16 -44.34 -14.49 12.30
N ARG C 17 -43.40 -15.34 11.89
CA ARG C 17 -42.84 -15.29 10.54
C ARG C 17 -43.83 -15.77 9.50
N LEU C 18 -43.92 -15.03 8.40
CA LEU C 18 -44.83 -15.36 7.31
C LEU C 18 -44.32 -16.56 6.51
N LYS C 19 -45.23 -17.22 5.80
CA LYS C 19 -44.84 -18.35 4.96
C LYS C 19 -44.94 -17.98 3.48
N ARG C 20 -43.88 -18.24 2.71
CA ARG C 20 -43.81 -17.81 1.32
C ARG C 20 -44.91 -18.39 0.44
N LYS C 21 -45.50 -19.50 0.88
CA LYS C 21 -46.61 -20.09 0.15
C LYS C 21 -47.86 -19.24 0.32
N ASP C 22 -48.15 -18.89 1.57
CA ASP C 22 -49.24 -17.97 1.88
C ASP C 22 -49.01 -16.63 1.21
N ILE C 23 -47.75 -16.19 1.22
CA ILE C 23 -47.34 -14.94 0.56
C ILE C 23 -47.65 -14.96 -0.93
N SER C 24 -47.27 -16.05 -1.59
CA SER C 24 -47.51 -16.20 -3.03
C SER C 24 -49.01 -16.19 -3.34
N GLU C 25 -49.74 -17.07 -2.65
CA GLU C 25 -51.17 -17.21 -2.85
C GLU C 25 -51.95 -15.91 -2.62
N ALA C 26 -51.63 -15.22 -1.53
CA ALA C 26 -52.30 -13.96 -1.20
C ALA C 26 -51.94 -12.86 -2.21
N ALA C 27 -50.65 -12.65 -2.41
CA ALA C 27 -50.18 -11.59 -3.31
C ALA C 27 -50.70 -11.72 -4.74
N GLU C 28 -50.80 -12.96 -5.24
CA GLU C 28 -51.36 -13.17 -6.58
C GLU C 28 -52.74 -12.53 -6.73
N THR C 29 -53.66 -12.92 -5.85
CA THR C 29 -55.03 -12.43 -5.85
C THR C 29 -55.12 -10.91 -5.58
N VAL C 30 -54.43 -10.47 -4.53
CA VAL C 30 -54.41 -9.05 -4.18
C VAL C 30 -53.97 -8.20 -5.35
N ASN C 31 -52.87 -8.60 -5.98
CA ASN C 31 -52.37 -7.92 -7.17
C ASN C 31 -53.38 -7.92 -8.31
N LYS C 32 -54.05 -9.06 -8.51
CA LYS C 32 -55.13 -9.13 -9.51
C LYS C 32 -56.19 -8.04 -9.29
N VAL C 33 -56.84 -8.11 -8.14
CA VAL C 33 -57.91 -7.17 -7.80
C VAL C 33 -57.44 -5.70 -7.89
N VAL C 34 -56.38 -5.38 -7.16
CA VAL C 34 -55.78 -4.05 -7.18
C VAL C 34 -55.54 -3.52 -8.60
N GLU C 35 -54.91 -4.34 -9.44
CA GLU C 35 -54.68 -3.97 -10.84
C GLU C 35 -55.97 -3.67 -11.57
N ARG C 36 -56.98 -4.50 -11.37
CA ARG C 36 -58.28 -4.26 -12.03
C ARG C 36 -58.89 -2.91 -11.61
N LEU C 37 -58.85 -2.64 -10.30
CA LEU C 37 -59.40 -1.40 -9.76
C LEU C 37 -58.64 -0.18 -10.26
N LEU C 38 -57.33 -0.32 -10.37
CA LEU C 38 -56.49 0.76 -10.84
C LEU C 38 -56.82 1.05 -12.29
N ARG C 39 -56.97 -0.01 -13.08
CA ARG C 39 -57.32 0.14 -14.49
C ARG C 39 -58.66 0.83 -14.65
N ARG C 40 -59.67 0.34 -13.95
CA ARG C 40 -60.98 0.97 -13.96
C ARG C 40 -60.88 2.44 -13.60
N MET C 41 -60.03 2.74 -12.62
CA MET C 41 -59.90 4.10 -12.12
C MET C 41 -59.29 5.02 -13.18
N GLN C 42 -58.25 4.54 -13.85
CA GLN C 42 -57.55 5.37 -14.83
C GLN C 42 -58.28 5.43 -16.17
N LYS C 43 -59.16 4.47 -16.43
CA LYS C 43 -59.72 4.35 -17.77
C LYS C 43 -61.05 5.06 -18.00
N ARG C 44 -62.14 4.49 -17.49
CA ARG C 44 -63.49 4.94 -17.82
C ARG C 44 -63.81 6.41 -17.53
N GLU C 45 -62.81 7.27 -17.75
CA GLU C 45 -62.96 8.73 -17.63
C GLU C 45 -63.58 9.16 -16.31
N SER C 46 -62.79 9.05 -15.25
CA SER C 46 -63.20 9.48 -13.93
C SER C 46 -62.45 10.74 -13.55
N GLU C 47 -62.81 11.32 -12.42
CA GLU C 47 -62.06 12.44 -11.87
C GLU C 47 -60.76 11.92 -11.25
N PHE C 48 -60.69 10.61 -11.07
CA PHE C 48 -59.53 9.98 -10.48
C PHE C 48 -58.64 9.39 -11.57
N LYS C 49 -58.85 9.87 -12.78
CA LYS C 49 -58.02 9.47 -13.91
C LYS C 49 -56.62 10.02 -13.71
N GLY C 50 -55.62 9.18 -13.92
CA GLY C 50 -54.24 9.57 -13.66
C GLY C 50 -53.80 9.23 -12.25
N VAL C 51 -54.65 8.54 -11.51
CA VAL C 51 -54.29 8.07 -10.19
C VAL C 51 -53.17 7.04 -10.32
N GLU C 52 -52.27 7.01 -9.33
CA GLU C 52 -51.12 6.09 -9.38
C GLU C 52 -51.07 5.25 -8.13
N GLN C 53 -50.31 4.16 -8.19
CA GLN C 53 -50.27 3.19 -7.11
C GLN C 53 -48.99 3.31 -6.28
N LEU C 54 -49.15 3.24 -4.96
CA LEU C 54 -48.01 3.24 -4.05
C LEU C 54 -48.29 2.23 -2.94
N ASN C 55 -47.56 1.13 -2.94
CA ASN C 55 -47.72 0.15 -1.89
C ASN C 55 -47.06 0.58 -0.59
N THR C 56 -47.79 0.49 0.51
CA THR C 56 -47.28 0.92 1.81
C THR C 56 -47.73 -0.04 2.90
N GLY C 57 -47.29 0.21 4.12
CA GLY C 57 -47.73 -0.60 5.24
C GLY C 57 -46.77 -1.72 5.58
N SER C 58 -47.09 -2.44 6.65
CA SER C 58 -46.20 -3.46 7.22
C SER C 58 -45.72 -4.51 6.24
N TYR C 59 -46.59 -4.94 5.34
CA TYR C 59 -46.25 -6.00 4.39
C TYR C 59 -45.09 -5.60 3.49
N TYR C 60 -45.19 -4.40 2.93
CA TYR C 60 -44.18 -3.91 2.01
C TYR C 60 -42.97 -3.35 2.75
N GLU C 61 -43.08 -3.28 4.08
CA GLU C 61 -41.95 -2.90 4.93
C GLU C 61 -41.30 -4.16 5.50
N HIS C 62 -41.90 -5.32 5.18
CA HIS C 62 -41.44 -6.60 5.69
C HIS C 62 -41.48 -6.60 7.21
N VAL C 63 -42.61 -6.16 7.74
CA VAL C 63 -42.82 -6.00 9.16
C VAL C 63 -44.20 -6.61 9.50
N LYS C 64 -44.86 -7.13 8.47
CA LYS C 64 -46.09 -7.89 8.66
C LYS C 64 -45.84 -9.18 9.43
N ILE C 65 -46.69 -9.46 10.42
CA ILE C 65 -46.52 -10.65 11.26
C ILE C 65 -47.68 -11.64 11.15
N SER C 66 -47.40 -12.89 11.54
CA SER C 66 -48.39 -13.96 11.59
C SER C 66 -48.92 -14.42 10.24
N ALA C 67 -49.63 -13.53 9.53
CA ALA C 67 -50.21 -13.87 8.23
C ALA C 67 -50.19 -12.68 7.28
N PRO C 68 -50.14 -12.98 5.97
CA PRO C 68 -50.25 -11.93 4.94
C PRO C 68 -51.72 -11.63 4.68
N ASN C 69 -52.39 -11.12 5.69
CA ASN C 69 -53.84 -10.93 5.68
C ASN C 69 -54.27 -9.46 5.61
N GLU C 70 -53.28 -8.58 5.52
CA GLU C 70 -53.54 -7.14 5.44
C GLU C 70 -52.61 -6.52 4.40
N PHE C 71 -53.18 -5.66 3.55
CA PHE C 71 -52.38 -4.98 2.54
C PHE C 71 -52.82 -3.53 2.47
N ASP C 72 -51.86 -2.62 2.37
CA ASP C 72 -52.19 -1.19 2.26
C ASP C 72 -51.69 -0.61 0.94
N VAL C 73 -52.61 -0.06 0.15
CA VAL C 73 -52.27 0.54 -1.14
C VAL C 73 -52.79 1.96 -1.24
N MET C 74 -51.92 2.91 -1.59
CA MET C 74 -52.35 4.29 -1.81
C MET C 74 -52.62 4.51 -3.29
N PHE C 75 -53.83 4.98 -3.60
CA PHE C 75 -54.11 5.52 -4.92
C PHE C 75 -53.92 7.03 -4.78
N LYS C 76 -52.78 7.51 -5.26
CA LYS C 76 -52.40 8.91 -5.11
C LYS C 76 -52.74 9.69 -6.38
N LEU C 77 -53.27 10.90 -6.19
CA LEU C 77 -53.65 11.75 -7.31
C LEU C 77 -52.96 13.09 -7.15
N GLU C 78 -52.08 13.41 -8.10
CA GLU C 78 -51.34 14.67 -8.02
C GLU C 78 -52.28 15.85 -8.19
N VAL C 79 -52.44 16.61 -7.11
CA VAL C 79 -53.30 17.77 -7.11
C VAL C 79 -52.44 19.04 -7.03
N PRO C 80 -52.38 19.79 -8.14
CA PRO C 80 -51.52 20.97 -8.27
C PRO C 80 -52.18 22.23 -7.74
N ARG C 81 -51.38 23.24 -7.42
CA ARG C 81 -51.89 24.55 -6.98
C ARG C 81 -52.80 24.49 -5.76
N ILE C 82 -52.36 23.84 -4.70
CA ILE C 82 -53.15 23.82 -3.48
C ILE C 82 -52.66 24.85 -2.48
N GLU C 83 -53.62 25.42 -1.75
CA GLU C 83 -53.34 26.32 -0.64
C GLU C 83 -53.76 25.56 0.61
N LEU C 84 -52.82 25.34 1.52
CA LEU C 84 -53.14 24.63 2.76
C LEU C 84 -53.49 25.59 3.89
N GLN C 85 -54.62 25.32 4.54
CA GLN C 85 -55.04 26.11 5.68
C GLN C 85 -55.08 25.23 6.91
N GLU C 86 -54.16 25.43 7.85
CA GLU C 86 -54.07 24.58 9.01
C GLU C 86 -55.35 24.57 9.83
N TYR C 87 -55.76 23.39 10.29
CA TYR C 87 -56.88 23.25 11.20
C TYR C 87 -56.38 23.54 12.61
N TYR C 88 -56.82 24.67 13.15
CA TYR C 88 -56.22 25.33 14.33
C TYR C 88 -55.05 24.63 15.03
N GLU C 89 -53.84 25.02 14.65
CA GLU C 89 -52.61 24.65 15.37
C GLU C 89 -52.47 23.15 15.70
N THR C 90 -53.15 22.30 14.95
CA THR C 90 -53.04 20.86 15.13
C THR C 90 -51.72 20.36 14.54
N GLY C 91 -51.31 20.97 13.44
CA GLY C 91 -50.08 20.60 12.77
C GLY C 91 -50.32 19.53 11.72
N ALA C 92 -51.22 18.60 12.03
CA ALA C 92 -51.47 17.45 11.16
C ALA C 92 -52.71 17.62 10.29
N PHE C 93 -53.66 18.44 10.73
CA PHE C 93 -54.92 18.55 10.01
C PHE C 93 -55.05 19.86 9.24
N TYR C 94 -55.63 19.76 8.05
CA TYR C 94 -55.66 20.91 7.14
C TYR C 94 -56.96 20.98 6.34
N LEU C 95 -57.23 22.17 5.80
CA LEU C 95 -58.26 22.35 4.80
C LEU C 95 -57.52 22.63 3.51
N VAL C 96 -58.04 22.11 2.40
CA VAL C 96 -57.39 22.31 1.12
C VAL C 96 -58.18 23.25 0.21
N LYS C 97 -57.63 24.44 -0.03
CA LYS C 97 -58.26 25.38 -0.94
C LYS C 97 -57.44 25.43 -2.21
N PHE C 98 -57.93 26.14 -3.21
CA PHE C 98 -57.16 26.30 -4.44
C PHE C 98 -56.77 27.76 -4.66
N LYS C 99 -55.53 27.98 -5.10
CA LYS C 99 -55.05 29.33 -5.43
C LYS C 99 -55.95 29.95 -6.49
N ARG C 100 -55.57 29.79 -7.74
CA ARG C 100 -56.47 30.09 -8.84
C ARG C 100 -57.04 28.77 -9.32
N ILE C 101 -58.34 28.56 -9.11
CA ILE C 101 -59.00 27.34 -9.54
C ILE C 101 -58.90 27.17 -11.06
N PRO C 102 -57.99 26.30 -11.50
CA PRO C 102 -57.45 26.19 -12.88
C PRO C 102 -58.52 26.13 -13.96
N ARG C 103 -58.76 24.94 -14.50
CA ARG C 103 -59.83 24.76 -15.48
C ARG C 103 -61.15 24.74 -14.73
N GLY C 104 -62.15 24.09 -15.33
CA GLY C 104 -63.29 23.65 -14.55
C GLY C 104 -62.67 22.71 -13.53
N ASN C 105 -61.71 21.92 -14.00
CA ASN C 105 -60.94 20.97 -13.20
C ASN C 105 -61.78 19.81 -12.64
N PRO C 106 -61.29 18.57 -12.83
CA PRO C 106 -62.05 17.36 -12.47
C PRO C 106 -62.55 17.42 -11.03
N LEU C 107 -61.87 18.19 -10.20
CA LEU C 107 -62.24 18.36 -8.81
C LEU C 107 -63.22 19.53 -8.59
N SER C 108 -63.91 19.94 -9.67
CA SER C 108 -64.91 21.01 -9.58
C SER C 108 -65.98 20.67 -8.57
N HIS C 109 -66.73 19.61 -8.85
CA HIS C 109 -67.87 19.21 -8.02
C HIS C 109 -67.50 18.79 -6.61
N PHE C 110 -66.21 18.65 -6.34
CA PHE C 110 -65.72 18.29 -5.02
C PHE C 110 -65.41 19.55 -4.21
N LEU C 111 -65.54 20.71 -4.87
CA LEU C 111 -65.23 21.98 -4.22
C LEU C 111 -66.45 22.59 -3.54
N GLU C 112 -66.24 23.10 -2.32
CA GLU C 112 -67.28 23.85 -1.63
C GLU C 112 -66.88 25.32 -1.66
N GLY C 113 -66.96 25.91 -2.85
CA GLY C 113 -66.54 27.28 -3.05
C GLY C 113 -65.07 27.36 -3.42
N GLU C 114 -64.23 27.35 -2.39
CA GLU C 114 -62.78 27.39 -2.56
C GLU C 114 -62.16 26.16 -1.93
N VAL C 115 -62.83 25.63 -0.91
CA VAL C 115 -62.35 24.45 -0.19
C VAL C 115 -62.76 23.15 -0.88
N LEU C 116 -61.85 22.19 -0.91
CA LEU C 116 -62.10 20.88 -1.51
C LEU C 116 -62.71 19.94 -0.48
N SER C 117 -63.90 19.42 -0.78
CA SER C 117 -64.57 18.50 0.13
C SER C 117 -63.92 17.12 0.10
N ALA C 118 -63.69 16.55 1.27
CA ALA C 118 -63.04 15.25 1.38
C ALA C 118 -64.07 14.12 1.34
N THR C 119 -65.15 14.30 2.09
CA THR C 119 -66.24 13.33 2.16
C THR C 119 -66.83 13.04 0.77
N LYS C 120 -66.97 14.08 -0.03
CA LYS C 120 -67.53 13.95 -1.38
C LYS C 120 -66.60 13.21 -2.34
N MET C 121 -65.34 13.64 -2.40
CA MET C 121 -64.34 12.99 -3.24
C MET C 121 -64.19 11.52 -2.86
N LEU C 122 -64.17 11.25 -1.55
CA LEU C 122 -64.10 9.88 -1.05
C LEU C 122 -65.37 9.07 -1.35
N SER C 123 -66.52 9.72 -1.32
CA SER C 123 -67.77 9.06 -1.65
C SER C 123 -67.79 8.61 -3.10
N LYS C 124 -67.34 9.48 -3.99
CA LYS C 124 -67.24 9.12 -5.40
C LYS C 124 -66.22 7.99 -5.63
N PHE C 125 -65.01 8.15 -5.06
CA PHE C 125 -63.95 7.13 -5.11
C PHE C 125 -64.53 5.76 -4.73
N ARG C 126 -65.19 5.75 -3.58
CA ARG C 126 -65.83 4.57 -3.02
C ARG C 126 -66.88 3.98 -3.96
N LYS C 127 -67.77 4.83 -4.47
CA LYS C 127 -68.82 4.40 -5.40
C LYS C 127 -68.26 3.70 -6.64
N ILE C 128 -67.25 4.32 -7.27
CA ILE C 128 -66.56 3.71 -8.39
C ILE C 128 -66.00 2.33 -8.02
N ILE C 129 -65.27 2.28 -6.91
CA ILE C 129 -64.68 1.00 -6.47
C ILE C 129 -65.72 -0.09 -6.21
N LYS C 130 -66.87 0.29 -5.64
CA LYS C 130 -67.98 -0.65 -5.44
C LYS C 130 -68.51 -1.16 -6.76
N GLU C 131 -68.73 -0.24 -7.70
CA GLU C 131 -69.22 -0.62 -9.02
C GLU C 131 -68.28 -1.57 -9.75
N GLU C 132 -66.97 -1.41 -9.54
CA GLU C 132 -66.01 -2.32 -10.17
C GLU C 132 -65.77 -3.62 -9.38
N VAL C 133 -66.10 -3.62 -8.10
CA VAL C 133 -66.02 -4.83 -7.27
C VAL C 133 -67.22 -5.74 -7.56
N LYS C 134 -68.35 -5.12 -7.87
CA LYS C 134 -69.53 -5.86 -8.29
C LYS C 134 -69.27 -6.67 -9.55
N GLU C 135 -68.39 -6.14 -10.40
CA GLU C 135 -68.21 -6.68 -11.74
C GLU C 135 -67.04 -7.67 -11.87
N ILE C 136 -66.68 -8.29 -10.75
CA ILE C 136 -65.63 -9.32 -10.76
C ILE C 136 -66.13 -10.63 -10.13
N LYS C 137 -66.02 -11.72 -10.86
CA LYS C 137 -66.71 -12.96 -10.53
C LYS C 137 -65.78 -14.15 -10.37
N ASP C 138 -64.48 -13.93 -10.58
CA ASP C 138 -63.49 -14.99 -10.40
C ASP C 138 -62.81 -14.91 -9.03
N ILE C 139 -63.10 -13.84 -8.30
CA ILE C 139 -62.58 -13.69 -6.94
C ILE C 139 -63.75 -13.48 -5.97
N ASP C 140 -63.60 -13.96 -4.74
CA ASP C 140 -64.57 -13.66 -3.68
C ASP C 140 -64.10 -12.38 -2.99
N VAL C 141 -64.66 -11.25 -3.42
CA VAL C 141 -64.26 -9.96 -2.88
C VAL C 141 -65.46 -9.05 -2.66
N SER C 142 -65.53 -8.46 -1.49
CA SER C 142 -66.60 -7.54 -1.14
C SER C 142 -65.97 -6.27 -0.61
N VAL C 143 -66.78 -5.26 -0.32
CA VAL C 143 -66.27 -4.03 0.28
C VAL C 143 -66.68 -3.95 1.74
N GLU C 144 -65.74 -3.61 2.61
CA GLU C 144 -66.00 -3.49 4.05
C GLU C 144 -66.88 -2.28 4.31
N LYS C 145 -67.64 -2.31 5.41
CA LYS C 145 -68.46 -1.17 5.80
C LYS C 145 -67.55 -0.03 6.25
N GLU C 146 -67.88 1.20 5.86
CA GLU C 146 -67.01 2.35 6.13
C GLU C 146 -66.78 2.58 7.62
N LYS C 147 -65.51 2.52 8.01
CA LYS C 147 -65.10 2.85 9.37
C LYS C 147 -64.90 4.35 9.50
N PRO C 148 -65.56 4.96 10.48
CA PRO C 148 -65.33 6.37 10.79
C PRO C 148 -63.88 6.59 11.19
N GLY C 149 -63.25 7.61 10.64
CA GLY C 149 -61.84 7.85 10.90
C GLY C 149 -60.90 7.22 9.90
N SER C 150 -61.44 6.38 9.01
CA SER C 150 -60.63 5.66 8.03
C SER C 150 -60.70 6.29 6.65
N PRO C 151 -59.54 6.55 6.05
CA PRO C 151 -59.38 7.21 4.74
C PRO C 151 -59.42 6.22 3.61
N ALA C 152 -59.71 4.95 3.93
CA ALA C 152 -59.58 3.88 2.95
C ALA C 152 -60.88 3.15 2.66
N VAL C 153 -61.10 2.85 1.39
CA VAL C 153 -62.14 1.90 0.99
C VAL C 153 -61.51 0.53 1.18
N THR C 154 -61.99 -0.20 2.20
CA THR C 154 -61.40 -1.49 2.55
C THR C 154 -62.13 -2.64 1.87
N LEU C 155 -61.37 -3.54 1.25
CA LEU C 155 -61.90 -4.71 0.59
C LEU C 155 -61.69 -5.96 1.43
N LEU C 156 -62.71 -6.81 1.46
CA LEU C 156 -62.63 -8.09 2.14
C LEU C 156 -62.57 -9.19 1.09
N ILE C 157 -61.40 -9.78 0.93
CA ILE C 157 -61.23 -10.88 -0.01
C ILE C 157 -61.32 -12.20 0.74
N ARG C 158 -62.33 -12.99 0.36
CA ARG C 158 -62.51 -14.32 0.90
C ARG C 158 -61.95 -15.37 -0.05
N ASN C 159 -60.85 -15.04 -0.70
CA ASN C 159 -59.94 -16.06 -1.22
C ASN C 159 -59.64 -16.86 0.02
N PRO C 160 -60.16 -18.09 0.09
CA PRO C 160 -60.56 -18.82 1.31
C PRO C 160 -60.14 -18.14 2.62
N GLU C 161 -58.86 -17.79 2.74
CA GLU C 161 -58.34 -17.11 3.92
C GLU C 161 -58.60 -15.62 3.84
N GLU C 162 -59.28 -15.09 4.85
CA GLU C 162 -59.65 -13.67 4.83
C GLU C 162 -58.46 -12.73 4.72
N ILE C 163 -58.50 -11.89 3.69
CA ILE C 163 -57.48 -10.88 3.47
C ILE C 163 -58.19 -9.53 3.42
N SER C 164 -57.63 -8.52 4.08
CA SER C 164 -58.15 -7.16 3.93
C SER C 164 -57.22 -6.28 3.11
N VAL C 165 -57.80 -5.44 2.25
CA VAL C 165 -57.02 -4.51 1.44
C VAL C 165 -57.51 -3.06 1.60
N ASP C 166 -56.68 -2.18 2.16
CA ASP C 166 -57.06 -0.77 2.27
C ASP C 166 -56.68 -0.01 1.00
N ILE C 167 -57.68 0.46 0.26
CA ILE C 167 -57.45 1.36 -0.86
C ILE C 167 -57.58 2.81 -0.38
N ILE C 168 -56.42 3.45 -0.19
CA ILE C 168 -56.33 4.76 0.45
C ILE C 168 -56.28 5.90 -0.58
N LEU C 169 -57.28 6.77 -0.55
CA LEU C 169 -57.31 7.92 -1.47
C LEU C 169 -56.37 9.00 -0.98
N ALA C 170 -55.33 9.30 -1.77
CA ALA C 170 -54.34 10.29 -1.38
C ALA C 170 -54.24 11.44 -2.36
N LEU C 171 -54.01 12.65 -1.85
CA LEU C 171 -53.66 13.79 -2.69
C LEU C 171 -52.15 13.93 -2.64
N GLU C 172 -51.54 14.16 -3.79
CA GLU C 172 -50.10 14.33 -3.86
C GLU C 172 -49.75 15.80 -4.09
N SER C 173 -48.77 16.31 -3.35
CA SER C 173 -48.30 17.68 -3.55
C SER C 173 -46.78 17.75 -3.57
N LYS C 174 -46.24 18.43 -4.58
CA LYS C 174 -44.79 18.43 -4.79
C LYS C 174 -44.10 19.69 -4.25
N GLY C 175 -44.86 20.56 -3.59
CA GLY C 175 -44.27 21.73 -2.97
C GLY C 175 -43.43 21.35 -1.76
N SER C 176 -42.89 22.36 -1.07
CA SER C 176 -42.16 22.13 0.16
C SER C 176 -43.13 21.62 1.23
N TRP C 177 -42.64 20.80 2.15
CA TRP C 177 -43.51 20.23 3.20
C TRP C 177 -44.02 21.34 4.12
N PRO C 178 -45.24 21.16 4.66
CA PRO C 178 -45.84 22.11 5.60
C PRO C 178 -44.89 22.43 6.75
N ILE C 179 -44.94 23.66 7.25
CA ILE C 179 -43.97 24.14 8.24
C ILE C 179 -44.12 23.45 9.59
N SER C 180 -45.17 22.64 9.73
CA SER C 180 -45.37 21.90 10.97
C SER C 180 -44.45 20.68 11.00
N THR C 181 -43.82 20.41 9.84
CA THR C 181 -42.90 19.30 9.69
C THR C 181 -41.44 19.74 9.72
N LYS C 182 -41.21 21.04 9.91
CA LYS C 182 -39.88 21.63 9.83
C LYS C 182 -38.89 20.99 10.80
N GLU C 183 -39.37 20.69 12.00
CA GLU C 183 -38.55 20.14 13.07
C GLU C 183 -38.78 18.65 13.21
N GLY C 184 -39.57 18.08 12.31
CA GLY C 184 -39.85 16.65 12.34
C GLY C 184 -38.75 15.88 11.64
N LEU C 185 -38.91 14.56 11.56
CA LEU C 185 -37.94 13.68 10.92
C LEU C 185 -36.51 13.91 11.44
N PRO C 186 -36.28 13.68 12.75
CA PRO C 186 -34.99 13.98 13.39
C PRO C 186 -33.93 12.90 13.14
N ILE C 187 -33.69 12.61 11.86
CA ILE C 187 -32.80 11.52 11.49
C ILE C 187 -31.36 11.97 11.22
N GLN C 188 -31.06 13.25 11.44
CA GLN C 188 -29.74 13.82 11.14
C GLN C 188 -28.55 13.02 11.69
N GLY C 189 -28.65 12.54 12.92
CA GLY C 189 -27.55 11.81 13.53
C GLY C 189 -27.61 10.31 13.30
N TRP C 190 -28.57 9.86 12.49
CA TRP C 190 -28.86 8.45 12.30
C TRP C 190 -28.79 8.04 10.83
N LEU C 191 -29.60 8.70 10.00
CA LEU C 191 -29.59 8.46 8.56
C LEU C 191 -28.86 9.60 7.85
N GLY C 192 -28.83 10.78 8.46
CA GLY C 192 -28.03 11.87 7.94
C GLY C 192 -28.81 13.03 7.33
N THR C 193 -28.06 14.06 6.92
CA THR C 193 -28.65 15.29 6.41
C THR C 193 -29.05 15.19 4.94
N LYS C 194 -28.26 14.46 4.14
CA LYS C 194 -28.54 14.27 2.73
C LYS C 194 -29.77 13.38 2.54
N VAL C 195 -29.86 12.33 3.35
CA VAL C 195 -31.04 11.45 3.35
C VAL C 195 -32.29 12.24 3.70
N ARG C 196 -32.20 13.06 4.74
CA ARG C 196 -33.34 13.85 5.20
C ARG C 196 -33.78 14.86 4.13
N THR C 197 -32.82 15.64 3.64
CA THR C 197 -33.06 16.62 2.59
C THR C 197 -33.71 15.97 1.36
N ASN C 198 -33.15 14.83 0.94
CA ASN C 198 -33.72 14.08 -0.17
C ASN C 198 -35.16 13.64 0.08
N LEU C 199 -35.42 13.09 1.27
CA LEU C 199 -36.77 12.63 1.63
C LEU C 199 -37.77 13.78 1.67
N ARG C 200 -37.30 14.96 2.05
CA ARG C 200 -38.14 16.15 2.09
C ARG C 200 -38.22 16.83 0.72
N ARG C 201 -37.44 16.36 -0.24
CA ARG C 201 -37.59 16.80 -1.62
C ARG C 201 -38.72 16.01 -2.27
N GLU C 202 -39.12 14.93 -1.60
CA GLU C 202 -40.21 14.09 -2.09
C GLU C 202 -41.55 14.75 -1.81
N PRO C 203 -42.60 14.36 -2.57
CA PRO C 203 -43.93 14.93 -2.35
C PRO C 203 -44.50 14.62 -0.97
N PHE C 204 -45.49 15.39 -0.52
CA PHE C 204 -46.24 15.03 0.67
C PHE C 204 -47.67 14.67 0.30
N TYR C 205 -48.34 13.91 1.17
CA TYR C 205 -49.66 13.38 0.84
C TYR C 205 -50.75 13.79 1.83
N LEU C 206 -51.97 13.93 1.33
CA LEU C 206 -53.11 14.30 2.16
C LEU C 206 -54.26 13.31 2.00
N VAL C 207 -54.68 12.69 3.10
CA VAL C 207 -55.75 11.70 3.07
C VAL C 207 -56.96 12.18 3.87
N PRO C 208 -58.17 11.73 3.49
CA PRO C 208 -59.36 12.18 4.22
C PRO C 208 -59.29 11.78 5.69
N LYS C 209 -59.46 12.74 6.60
CA LYS C 209 -59.52 12.43 8.02
C LYS C 209 -60.72 11.51 8.26
N ASN C 210 -61.84 11.86 7.62
CA ASN C 210 -63.06 11.06 7.63
C ASN C 210 -63.58 10.70 9.01
N ALA C 211 -63.54 11.68 9.92
CA ALA C 211 -64.21 11.53 11.20
C ALA C 211 -65.70 11.75 11.00
N LYS C 212 -66.52 11.11 11.83
CA LYS C 212 -67.95 11.33 11.79
C LYS C 212 -68.40 11.90 13.12
N ASP C 213 -67.50 12.63 13.77
CA ASP C 213 -67.76 13.21 15.08
C ASP C 213 -68.87 14.26 15.06
N GLY C 214 -69.15 14.79 13.88
CA GLY C 214 -70.21 15.77 13.73
C GLY C 214 -69.76 17.22 13.84
N ASN C 215 -68.52 17.41 14.27
CA ASN C 215 -67.99 18.76 14.48
C ASN C 215 -67.85 19.58 13.19
N SER C 216 -67.27 20.77 13.31
CA SER C 216 -67.10 21.67 12.16
C SER C 216 -65.98 21.22 11.22
N PHE C 217 -66.15 21.50 9.92
CA PHE C 217 -65.17 21.13 8.90
C PHE C 217 -64.94 19.63 8.85
N GLN C 218 -65.97 18.90 9.28
CA GLN C 218 -65.97 17.45 9.34
C GLN C 218 -65.56 16.80 8.01
N GLY C 219 -66.22 17.19 6.92
CA GLY C 219 -65.97 16.59 5.63
C GLY C 219 -65.07 17.37 4.68
N GLU C 220 -64.33 18.32 5.23
CA GLU C 220 -63.38 19.08 4.44
C GLU C 220 -61.99 19.02 5.07
N THR C 221 -61.86 18.19 6.11
CA THR C 221 -60.61 18.05 6.84
C THR C 221 -59.74 16.91 6.30
N TRP C 222 -58.51 17.26 5.94
CA TRP C 222 -57.53 16.29 5.46
C TRP C 222 -56.42 16.13 6.49
N ARG C 223 -55.67 15.04 6.35
CA ARG C 223 -54.60 14.68 7.28
C ARG C 223 -53.32 14.33 6.51
N LEU C 224 -52.17 14.77 7.00
CA LEU C 224 -50.89 14.44 6.36
C LEU C 224 -50.61 12.95 6.46
N SER C 225 -50.00 12.38 5.42
CA SER C 225 -49.54 10.99 5.46
C SER C 225 -48.09 10.89 4.99
N PHE C 226 -47.29 10.09 5.68
CA PHE C 226 -45.88 9.96 5.34
C PHE C 226 -45.47 8.50 5.18
N SER C 227 -46.42 7.67 4.80
CA SER C 227 -46.23 6.24 4.67
C SER C 227 -45.11 5.87 3.69
N HIS C 228 -44.93 6.69 2.66
CA HIS C 228 -43.85 6.49 1.69
C HIS C 228 -42.48 6.69 2.33
N THR C 229 -42.35 7.79 3.05
CA THR C 229 -41.13 8.10 3.78
C THR C 229 -40.83 7.01 4.80
N GLU C 230 -41.83 6.62 5.58
CA GLU C 230 -41.70 5.53 6.54
C GLU C 230 -41.25 4.23 5.89
N LYS C 231 -41.81 3.93 4.71
CA LYS C 231 -41.45 2.74 3.96
C LYS C 231 -39.96 2.77 3.65
N TYR C 232 -39.52 3.88 3.04
CA TYR C 232 -38.09 4.07 2.76
C TYR C 232 -37.23 3.88 4.00
N ILE C 233 -37.62 4.52 5.10
CA ILE C 233 -36.90 4.42 6.38
C ILE C 233 -36.81 2.97 6.89
N LEU C 234 -37.92 2.23 6.81
CA LEU C 234 -37.95 0.85 7.24
C LEU C 234 -36.98 0.01 6.41
N ASN C 235 -36.97 0.24 5.10
CA ASN C 235 -36.09 -0.52 4.23
C ASN C 235 -34.69 0.09 4.06
N ASN C 236 -34.42 1.14 4.83
CA ASN C 236 -33.12 1.79 4.86
C ASN C 236 -32.82 2.27 6.28
N HIS C 237 -32.92 1.33 7.22
CA HIS C 237 -33.00 1.61 8.64
C HIS C 237 -31.67 1.80 9.38
N GLY C 238 -30.56 1.37 8.80
CA GLY C 238 -29.28 1.39 9.49
C GLY C 238 -28.46 2.66 9.37
N ILE C 239 -27.54 2.87 10.31
CA ILE C 239 -26.58 3.97 10.18
C ILE C 239 -25.52 3.59 9.16
N GLU C 240 -25.25 2.30 9.06
CA GLU C 240 -24.37 1.77 8.02
C GLU C 240 -25.22 1.31 6.84
N LYS C 241 -24.75 1.57 5.63
CA LYS C 241 -25.49 1.26 4.42
C LYS C 241 -25.61 -0.24 4.17
N THR C 242 -24.67 -0.99 4.72
CA THR C 242 -24.63 -2.44 4.55
C THR C 242 -25.53 -3.19 5.53
N CYS C 243 -26.22 -2.44 6.39
CA CYS C 243 -27.12 -3.00 7.40
C CYS C 243 -28.16 -3.93 6.75
N CYS C 244 -28.08 -5.22 7.11
CA CYS C 244 -29.03 -6.25 6.67
C CYS C 244 -28.94 -6.54 5.16
N GLU C 245 -27.81 -6.23 4.55
CA GLU C 245 -27.57 -6.59 3.17
C GLU C 245 -26.77 -7.88 3.12
N SER C 246 -26.54 -8.40 1.91
CA SER C 246 -25.82 -9.65 1.72
C SER C 246 -24.38 -9.58 2.23
N SER C 247 -23.75 -8.40 2.09
CA SER C 247 -22.36 -8.23 2.50
C SER C 247 -22.24 -7.34 3.72
N GLY C 248 -23.25 -7.38 4.58
CA GLY C 248 -23.25 -6.58 5.80
C GLY C 248 -23.79 -7.39 6.97
N ALA C 249 -23.96 -6.73 8.11
CA ALA C 249 -24.46 -7.43 9.30
C ALA C 249 -25.92 -7.09 9.55
N LYS C 250 -26.66 -8.05 10.10
CA LYS C 250 -28.06 -7.84 10.44
C LYS C 250 -28.25 -7.08 11.75
N CYS C 251 -29.46 -6.55 11.94
CA CYS C 251 -29.82 -5.92 13.21
C CYS C 251 -31.15 -6.50 13.66
N CYS C 252 -31.63 -6.08 14.83
CA CYS C 252 -32.88 -6.62 15.37
C CYS C 252 -34.00 -5.57 15.44
N ARG C 253 -33.83 -4.49 14.69
CA ARG C 253 -34.78 -3.37 14.66
C ARG C 253 -36.19 -3.81 14.28
N LYS C 254 -36.31 -4.39 13.08
CA LYS C 254 -37.58 -4.87 12.56
C LYS C 254 -38.18 -5.92 13.47
N GLU C 255 -37.32 -6.78 14.01
CA GLU C 255 -37.73 -7.82 14.96
C GLU C 255 -38.42 -7.22 16.18
N CYS C 256 -37.78 -6.23 16.80
CA CYS C 256 -38.36 -5.56 17.95
C CYS C 256 -39.69 -4.87 17.59
N LEU C 257 -39.75 -4.25 16.41
CA LEU C 257 -41.02 -3.70 15.93
C LEU C 257 -42.11 -4.79 15.87
N LYS C 258 -41.73 -5.97 15.36
CA LYS C 258 -42.67 -7.08 15.23
C LYS C 258 -43.18 -7.58 16.58
N LEU C 259 -42.26 -7.82 17.51
CA LEU C 259 -42.61 -8.28 18.85
C LEU C 259 -43.51 -7.29 19.55
N MET C 260 -43.17 -6.01 19.45
CA MET C 260 -43.96 -4.94 20.08
C MET C 260 -45.37 -4.91 19.51
N LYS C 261 -45.46 -4.88 18.19
CA LYS C 261 -46.73 -4.96 17.48
C LYS C 261 -47.55 -6.17 17.93
N TYR C 262 -46.88 -7.30 18.16
CA TYR C 262 -47.55 -8.53 18.54
C TYR C 262 -48.11 -8.45 19.96
N LEU C 263 -47.30 -7.98 20.90
CA LEU C 263 -47.75 -7.76 22.27
C LEU C 263 -48.98 -6.88 22.27
N LEU C 264 -48.90 -5.75 21.57
CA LEU C 264 -50.04 -4.84 21.48
C LEU C 264 -51.26 -5.52 20.86
N GLU C 265 -51.05 -6.35 19.84
CA GLU C 265 -52.14 -7.04 19.17
C GLU C 265 -52.85 -8.01 20.11
N GLN C 266 -52.06 -8.76 20.88
CA GLN C 266 -52.61 -9.72 21.83
C GLN C 266 -53.40 -9.02 22.93
N LEU C 267 -52.80 -7.99 23.51
CA LEU C 267 -53.46 -7.21 24.55
C LEU C 267 -54.78 -6.60 24.04
N LYS C 268 -54.74 -6.03 22.84
CA LYS C 268 -55.95 -5.45 22.23
C LYS C 268 -56.99 -6.52 21.91
N LYS C 269 -56.51 -7.74 21.66
CA LYS C 269 -57.37 -8.86 21.33
C LYS C 269 -58.11 -9.30 22.58
N GLU C 270 -57.45 -9.20 23.73
CA GLU C 270 -58.05 -9.60 24.99
C GLU C 270 -58.93 -8.49 25.57
N PHE C 271 -58.41 -7.27 25.58
CA PHE C 271 -59.10 -6.18 26.27
C PHE C 271 -59.73 -5.12 25.37
N GLN C 272 -60.94 -4.71 25.73
CA GLN C 272 -61.70 -3.68 25.03
C GLN C 272 -61.25 -2.29 25.49
N GLU C 273 -60.50 -2.25 26.60
CA GLU C 273 -60.03 -0.99 27.16
C GLU C 273 -58.87 -0.41 26.35
N LEU C 274 -58.49 -1.09 25.27
CA LEU C 274 -57.34 -0.69 24.50
C LEU C 274 -57.71 -0.38 23.05
N ASP C 275 -58.98 -0.05 22.81
CA ASP C 275 -59.46 0.19 21.45
C ASP C 275 -58.89 1.47 20.81
N ALA C 276 -58.37 2.38 21.63
CA ALA C 276 -57.84 3.65 21.12
C ALA C 276 -56.40 3.50 20.64
N PHE C 277 -55.82 2.32 20.85
CA PHE C 277 -54.43 2.06 20.50
C PHE C 277 -54.26 1.33 19.17
N CYS C 278 -53.25 1.72 18.41
CA CYS C 278 -52.98 1.09 17.12
C CYS C 278 -51.48 0.84 16.99
N SER C 279 -51.11 0.09 15.96
CA SER C 279 -49.72 -0.22 15.71
C SER C 279 -48.88 1.02 15.39
N TYR C 280 -49.54 2.13 15.05
CA TYR C 280 -48.82 3.35 14.71
C TYR C 280 -48.17 3.99 15.93
N HIS C 281 -48.79 3.83 17.10
CA HIS C 281 -48.20 4.30 18.34
C HIS C 281 -46.86 3.61 18.56
N VAL C 282 -46.88 2.29 18.35
CA VAL C 282 -45.69 1.45 18.44
C VAL C 282 -44.62 1.86 17.43
N LYS C 283 -45.01 1.99 16.17
CA LYS C 283 -44.11 2.37 15.09
C LYS C 283 -43.43 3.71 15.37
N THR C 284 -44.23 4.71 15.75
CA THR C 284 -43.72 6.02 16.16
C THR C 284 -42.71 5.86 17.29
N ALA C 285 -43.12 5.13 18.32
CA ALA C 285 -42.26 4.90 19.47
C ALA C 285 -40.89 4.35 19.07
N ILE C 286 -40.88 3.34 18.20
CA ILE C 286 -39.61 2.76 17.77
C ILE C 286 -38.85 3.64 16.79
N PHE C 287 -39.55 4.54 16.09
CA PHE C 287 -38.88 5.57 15.31
C PHE C 287 -38.03 6.41 16.25
N HIS C 288 -38.67 6.93 17.30
CA HIS C 288 -37.95 7.70 18.32
C HIS C 288 -36.83 6.89 18.98
N MET C 289 -37.05 5.59 19.19
CA MET C 289 -36.01 4.74 19.75
C MET C 289 -34.78 4.62 18.84
N TRP C 290 -35.02 4.30 17.57
CA TRP C 290 -33.96 4.21 16.57
C TRP C 290 -33.19 5.53 16.46
N THR C 291 -33.91 6.63 16.61
CA THR C 291 -33.32 7.96 16.63
C THR C 291 -32.43 8.16 17.85
N GLN C 292 -32.86 7.63 19.00
CA GLN C 292 -32.06 7.74 20.22
C GLN C 292 -30.84 6.85 20.13
N ASP C 293 -31.04 5.64 19.61
CA ASP C 293 -29.95 4.69 19.46
C ASP C 293 -29.64 4.47 17.98
N PRO C 294 -28.84 5.38 17.39
CA PRO C 294 -28.58 5.33 15.94
C PRO C 294 -27.71 4.17 15.53
N GLN C 295 -26.82 3.72 16.41
CA GLN C 295 -25.85 2.67 16.05
C GLN C 295 -26.47 1.31 15.77
N ASP C 296 -25.99 0.66 14.70
CA ASP C 296 -26.45 -0.68 14.35
C ASP C 296 -26.04 -1.67 15.43
N SER C 297 -24.92 -1.39 16.08
CA SER C 297 -24.42 -2.21 17.16
C SER C 297 -25.22 -2.01 18.44
N GLN C 298 -26.03 -0.95 18.47
CA GLN C 298 -26.99 -0.75 19.55
C GLN C 298 -28.24 -1.58 19.25
N TRP C 299 -28.18 -2.34 18.16
CA TRP C 299 -29.30 -3.18 17.76
C TRP C 299 -28.80 -4.53 17.25
N ASP C 300 -27.89 -5.14 18.01
CA ASP C 300 -27.32 -6.43 17.65
C ASP C 300 -28.31 -7.54 17.93
N PRO C 301 -28.46 -8.47 16.98
CA PRO C 301 -29.38 -9.61 17.09
C PRO C 301 -29.06 -10.50 18.30
N ARG C 302 -27.91 -10.28 18.92
CA ARG C 302 -27.52 -11.02 20.13
C ARG C 302 -28.05 -10.36 21.39
N ASN C 303 -28.40 -9.08 21.28
CA ASN C 303 -28.93 -8.33 22.43
C ASN C 303 -30.43 -8.10 22.31
N LEU C 304 -31.07 -8.86 21.42
CA LEU C 304 -32.50 -8.75 21.12
C LEU C 304 -33.36 -8.42 22.34
N SER C 305 -33.32 -9.30 23.35
CA SER C 305 -34.10 -9.12 24.56
C SER C 305 -33.90 -7.75 25.17
N SER C 306 -32.64 -7.40 25.43
CA SER C 306 -32.32 -6.11 26.02
C SER C 306 -32.73 -4.96 25.11
N CYS C 307 -32.69 -5.18 23.80
CA CYS C 307 -33.20 -4.18 22.88
C CYS C 307 -34.71 -4.08 23.07
N PHE C 308 -35.39 -5.23 23.06
CA PHE C 308 -36.85 -5.24 23.17
C PHE C 308 -37.31 -4.50 24.41
N ASP C 309 -36.91 -5.01 25.58
CA ASP C 309 -37.19 -4.36 26.85
C ASP C 309 -36.89 -2.87 26.79
N LYS C 310 -35.77 -2.50 26.16
CA LYS C 310 -35.38 -1.09 26.07
C LYS C 310 -36.55 -0.31 25.48
N LEU C 311 -36.95 -0.70 24.26
CA LEU C 311 -38.06 -0.06 23.58
C LEU C 311 -39.27 -0.05 24.51
N LEU C 312 -39.53 -1.21 25.13
CA LEU C 312 -40.68 -1.39 26.02
C LEU C 312 -40.68 -0.28 27.08
N ALA C 313 -39.54 -0.10 27.73
CA ALA C 313 -39.42 0.91 28.77
C ALA C 313 -39.77 2.28 28.23
N PHE C 314 -39.19 2.62 27.08
CA PHE C 314 -39.45 3.90 26.44
C PHE C 314 -40.94 4.07 26.25
N PHE C 315 -41.61 3.01 25.82
CA PHE C 315 -43.03 3.08 25.57
C PHE C 315 -43.73 3.47 26.86
N LEU C 316 -43.37 2.79 27.95
CA LEU C 316 -43.94 3.09 29.25
C LEU C 316 -43.80 4.57 29.58
N GLU C 317 -42.63 5.14 29.32
CA GLU C 317 -42.39 6.54 29.61
C GLU C 317 -43.32 7.43 28.79
N CYS C 318 -43.51 7.07 27.51
CA CYS C 318 -44.43 7.81 26.65
C CYS C 318 -45.83 7.74 27.23
N LEU C 319 -46.14 6.63 27.89
CA LEU C 319 -47.43 6.44 28.53
C LEU C 319 -47.49 7.25 29.83
N ARG C 320 -46.35 7.35 30.52
CA ARG C 320 -46.28 8.00 31.81
C ARG C 320 -46.40 9.51 31.67
N THR C 321 -45.73 10.04 30.67
CA THR C 321 -45.68 11.47 30.43
C THR C 321 -46.84 11.93 29.57
N GLU C 322 -47.66 10.96 29.15
CA GLU C 322 -48.78 11.21 28.23
C GLU C 322 -48.32 12.04 27.05
N LYS C 323 -47.36 11.52 26.30
CA LYS C 323 -46.77 12.27 25.21
C LYS C 323 -46.08 11.34 24.24
N LEU C 324 -46.70 11.15 23.08
CA LEU C 324 -46.07 10.46 21.97
C LEU C 324 -46.08 11.40 20.78
N ASP C 325 -45.03 12.19 20.64
CA ASP C 325 -44.96 13.14 19.54
C ASP C 325 -44.92 12.38 18.23
N HIS C 326 -45.75 12.80 17.29
CA HIS C 326 -45.69 12.29 15.92
C HIS C 326 -44.28 12.52 15.40
N TYR C 327 -43.74 11.54 14.68
CA TYR C 327 -42.35 11.58 14.24
C TYR C 327 -42.07 12.64 13.19
N PHE C 328 -43.11 13.08 12.47
CA PHE C 328 -42.95 14.04 11.39
C PHE C 328 -43.53 15.41 11.72
N ILE C 329 -44.42 15.46 12.71
CA ILE C 329 -45.06 16.69 13.16
C ILE C 329 -44.99 16.76 14.69
N PRO C 330 -43.93 17.40 15.21
CA PRO C 330 -43.62 17.43 16.65
C PRO C 330 -44.73 18.04 17.52
N LYS C 331 -45.42 19.05 17.01
CA LYS C 331 -46.49 19.72 17.76
C LYS C 331 -47.75 18.86 17.89
N PHE C 332 -47.73 17.69 17.24
CA PHE C 332 -48.87 16.79 17.25
C PHE C 332 -48.67 15.64 18.24
N ASN C 333 -49.31 15.73 19.40
CA ASN C 333 -49.19 14.70 20.43
C ASN C 333 -50.17 13.54 20.22
N LEU C 334 -49.63 12.34 20.04
CA LEU C 334 -50.45 11.15 19.82
C LEU C 334 -51.14 10.63 21.08
N PHE C 335 -50.51 10.79 22.24
CA PHE C 335 -51.08 10.27 23.48
C PHE C 335 -51.85 11.33 24.26
N SER C 336 -52.23 12.41 23.58
CA SER C 336 -52.90 13.51 24.26
C SER C 336 -54.22 13.07 24.87
N GLN C 337 -54.68 13.82 25.88
CA GLN C 337 -55.94 13.53 26.54
C GLN C 337 -57.09 13.57 25.55
N GLU C 338 -57.00 14.47 24.58
CA GLU C 338 -58.02 14.62 23.54
C GLU C 338 -58.19 13.34 22.74
N LEU C 339 -57.11 12.57 22.66
CA LEU C 339 -57.07 11.37 21.82
C LEU C 339 -57.24 10.09 22.64
N ILE C 340 -56.45 9.95 23.69
CA ILE C 340 -56.55 8.77 24.53
C ILE C 340 -56.74 9.19 25.99
N ASP C 341 -57.85 8.75 26.59
CA ASP C 341 -58.14 9.03 28.00
C ASP C 341 -57.02 8.50 28.89
N ARG C 342 -56.68 9.28 29.92
CA ARG C 342 -55.67 8.92 30.90
C ARG C 342 -55.83 7.49 31.42
N LYS C 343 -57.09 7.08 31.63
CA LYS C 343 -57.37 5.76 32.18
C LYS C 343 -56.95 4.63 31.26
N SER C 344 -57.08 4.85 29.95
CA SER C 344 -56.63 3.87 28.97
C SER C 344 -55.10 3.78 29.00
N LYS C 345 -54.48 4.95 29.09
CA LYS C 345 -53.03 5.07 29.13
C LYS C 345 -52.42 4.64 30.47
N GLU C 346 -53.26 4.26 31.43
CA GLU C 346 -52.77 3.67 32.67
C GLU C 346 -53.03 2.16 32.66
N PHE C 347 -54.18 1.80 32.10
CA PHE C 347 -54.53 0.40 31.90
C PHE C 347 -53.45 -0.30 31.10
N LEU C 348 -53.14 0.26 29.93
CA LEU C 348 -52.12 -0.33 29.06
C LEU C 348 -50.76 -0.48 29.75
N SER C 349 -50.35 0.53 30.52
CA SER C 349 -49.05 0.49 31.21
C SER C 349 -49.04 -0.65 32.21
N LYS C 350 -50.13 -0.77 32.94
CA LYS C 350 -50.27 -1.86 33.90
C LYS C 350 -50.16 -3.23 33.23
N LYS C 351 -50.87 -3.42 32.12
CA LYS C 351 -50.81 -4.70 31.42
C LYS C 351 -49.40 -4.99 30.88
N ILE C 352 -48.75 -3.94 30.38
CA ILE C 352 -47.41 -4.03 29.81
C ILE C 352 -46.40 -4.46 30.86
N GLU C 353 -46.36 -3.72 31.97
CA GLU C 353 -45.50 -4.08 33.11
C GLU C 353 -45.77 -5.51 33.56
N TYR C 354 -47.04 -5.88 33.63
CA TYR C 354 -47.40 -7.24 34.01
C TYR C 354 -46.74 -8.28 33.11
N GLU C 355 -47.03 -8.21 31.81
CA GLU C 355 -46.46 -9.15 30.85
C GLU C 355 -44.93 -9.14 30.87
N ARG C 356 -44.37 -7.96 31.12
CA ARG C 356 -42.93 -7.74 31.13
C ARG C 356 -42.24 -8.50 32.25
N ASN C 357 -42.86 -8.48 33.43
CA ASN C 357 -42.27 -9.12 34.59
C ASN C 357 -42.56 -10.62 34.72
N ASN C 358 -43.52 -11.11 33.94
CA ASN C 358 -43.96 -12.49 34.05
C ASN C 358 -43.65 -13.35 32.83
N GLY C 359 -42.66 -12.94 32.05
CA GLY C 359 -42.23 -13.70 30.89
C GLY C 359 -43.20 -13.68 29.73
N PHE C 360 -43.97 -12.60 29.60
CA PHE C 360 -44.93 -12.41 28.51
C PHE C 360 -45.81 -13.62 28.22
N PRO C 361 -46.64 -14.03 29.19
CA PRO C 361 -47.50 -15.21 28.97
C PRO C 361 -48.43 -15.06 27.76
N ILE C 362 -48.82 -13.82 27.44
CA ILE C 362 -49.73 -13.55 26.32
C ILE C 362 -49.13 -13.90 24.96
N PHE C 363 -47.80 -13.95 24.90
CA PHE C 363 -47.11 -14.36 23.68
C PHE C 363 -47.37 -15.84 23.43
N ASP C 364 -47.54 -16.59 24.51
CA ASP C 364 -47.53 -18.05 24.47
C ASP C 364 -48.90 -18.64 24.18
N LYS C 365 -49.83 -17.83 23.68
CA LYS C 365 -51.21 -18.30 23.53
C LYS C 365 -51.92 -17.88 22.25
N LEU C 366 -52.92 -18.68 21.88
CA LEU C 366 -53.79 -18.40 20.75
C LEU C 366 -55.19 -18.92 21.06
N LYS D 8 1.28 -19.99 -16.69
CA LYS D 8 1.74 -21.28 -17.19
C LYS D 8 2.78 -21.90 -16.26
N LEU D 9 3.82 -21.13 -15.93
CA LEU D 9 4.91 -21.62 -15.09
C LEU D 9 4.75 -21.13 -13.67
N LYS D 10 3.83 -20.19 -13.47
CA LYS D 10 3.55 -19.63 -12.17
C LYS D 10 2.71 -20.60 -11.33
N LYS D 11 1.87 -21.36 -12.00
CA LYS D 11 1.09 -22.41 -11.35
C LYS D 11 2.01 -23.55 -10.89
N VAL D 12 3.02 -23.84 -11.72
CA VAL D 12 4.03 -24.83 -11.38
C VAL D 12 4.81 -24.38 -10.15
N LEU D 13 5.15 -23.10 -10.12
CA LEU D 13 5.90 -22.53 -9.00
C LEU D 13 5.06 -22.54 -7.72
N ASP D 14 3.77 -22.27 -7.85
CA ASP D 14 2.86 -22.34 -6.71
C ASP D 14 2.78 -23.76 -6.19
N LYS D 15 2.82 -24.72 -7.11
CA LYS D 15 2.78 -26.13 -6.77
C LYS D 15 4.05 -26.59 -6.07
N LEU D 16 5.19 -26.02 -6.47
CA LEU D 16 6.49 -26.43 -5.95
C LEU D 16 6.81 -25.76 -4.60
N ARG D 17 6.09 -24.67 -4.33
CA ARG D 17 6.31 -23.86 -3.14
C ARG D 17 6.13 -24.66 -1.84
N LEU D 18 7.01 -24.42 -0.88
CA LEU D 18 6.92 -25.06 0.42
C LEU D 18 5.86 -24.39 1.30
N LYS D 19 5.22 -25.16 2.17
CA LYS D 19 4.27 -24.60 3.12
C LYS D 19 4.96 -24.36 4.47
N ARG D 20 4.59 -23.28 5.14
CA ARG D 20 5.15 -22.92 6.44
C ARG D 20 5.07 -24.05 7.46
N LYS D 21 3.87 -24.64 7.56
CA LYS D 21 3.60 -25.71 8.50
C LYS D 21 4.58 -26.86 8.31
N ASP D 22 4.70 -27.33 7.07
CA ASP D 22 5.63 -28.39 6.69
C ASP D 22 7.05 -28.06 7.10
N ILE D 23 7.43 -26.80 6.88
CA ILE D 23 8.77 -26.32 7.13
C ILE D 23 9.11 -26.34 8.62
N SER D 24 8.19 -25.83 9.43
CA SER D 24 8.41 -25.77 10.88
C SER D 24 8.48 -27.17 11.46
N GLU D 25 7.53 -28.00 11.03
CA GLU D 25 7.47 -29.39 11.48
C GLU D 25 8.74 -30.17 11.13
N ALA D 26 9.25 -30.00 9.92
CA ALA D 26 10.46 -30.70 9.50
C ALA D 26 11.71 -30.17 10.20
N ALA D 27 11.92 -28.86 10.06
CA ALA D 27 13.06 -28.17 10.63
C ALA D 27 13.23 -28.37 12.13
N GLU D 28 12.13 -28.42 12.88
CA GLU D 28 12.22 -28.66 14.32
C GLU D 28 12.96 -29.98 14.64
N THR D 29 12.42 -31.08 14.12
CA THR D 29 13.01 -32.41 14.31
C THR D 29 14.43 -32.46 13.80
N VAL D 30 14.63 -32.03 12.55
CA VAL D 30 15.96 -32.01 11.94
C VAL D 30 16.96 -31.31 12.84
N ASN D 31 16.60 -30.13 13.33
CA ASN D 31 17.47 -29.36 14.21
C ASN D 31 17.77 -30.08 15.52
N LYS D 32 16.77 -30.72 16.11
CA LYS D 32 17.00 -31.57 17.29
C LYS D 32 18.10 -32.60 17.04
N VAL D 33 17.89 -33.40 15.99
CA VAL D 33 18.85 -34.46 15.64
C VAL D 33 20.26 -33.91 15.35
N VAL D 34 20.34 -32.91 14.48
CA VAL D 34 21.60 -32.27 14.14
C VAL D 34 22.34 -31.79 15.39
N GLU D 35 21.61 -31.14 16.28
CA GLU D 35 22.20 -30.63 17.52
C GLU D 35 22.75 -31.76 18.38
N ARG D 36 22.02 -32.87 18.46
CA ARG D 36 22.48 -34.01 19.23
C ARG D 36 23.77 -34.60 18.66
N LEU D 37 23.78 -34.87 17.36
CA LEU D 37 24.97 -35.40 16.72
C LEU D 37 26.17 -34.46 16.88
N LEU D 38 25.93 -33.17 16.66
CA LEU D 38 26.99 -32.17 16.79
C LEU D 38 27.57 -32.20 18.19
N ARG D 39 26.69 -32.21 19.18
CA ARG D 39 27.09 -32.29 20.59
C ARG D 39 27.95 -33.51 20.86
N ARG D 40 27.50 -34.65 20.36
CA ARG D 40 28.25 -35.90 20.49
C ARG D 40 29.65 -35.76 19.88
N MET D 41 29.73 -35.08 18.74
CA MET D 41 30.97 -35.01 17.98
C MET D 41 32.08 -34.30 18.74
N GLN D 42 31.72 -33.39 19.63
CA GLN D 42 32.70 -32.64 20.39
C GLN D 42 32.91 -33.18 21.81
N LYS D 43 32.60 -34.46 22.03
CA LYS D 43 32.73 -35.02 23.36
C LYS D 43 33.72 -36.17 23.43
N ARG D 44 34.25 -36.40 24.63
CA ARG D 44 35.27 -37.42 24.90
C ARG D 44 36.59 -37.13 24.19
N GLU D 45 37.32 -38.19 23.88
CA GLU D 45 38.57 -38.06 23.17
C GLU D 45 38.31 -38.21 21.67
N SER D 46 37.13 -37.75 21.26
CA SER D 46 36.75 -37.76 19.85
C SER D 46 37.75 -36.95 19.03
N GLU D 47 38.09 -37.47 17.87
CA GLU D 47 39.04 -36.83 16.97
C GLU D 47 38.29 -35.88 16.06
N PHE D 48 36.98 -35.81 16.26
CA PHE D 48 36.15 -34.89 15.52
C PHE D 48 35.75 -33.73 16.42
N LYS D 49 36.24 -33.79 17.66
CA LYS D 49 36.12 -32.67 18.59
C LYS D 49 36.70 -31.42 17.95
N GLY D 50 35.87 -30.39 17.83
CA GLY D 50 36.28 -29.17 17.15
C GLY D 50 35.49 -28.93 15.87
N VAL D 51 34.64 -29.88 15.52
CA VAL D 51 33.80 -29.78 14.33
C VAL D 51 32.78 -28.63 14.45
N GLU D 52 32.65 -27.83 13.41
CA GLU D 52 31.67 -26.75 13.40
C GLU D 52 30.61 -27.00 12.34
N GLN D 53 29.44 -26.38 12.52
CA GLN D 53 28.30 -26.62 11.64
C GLN D 53 28.16 -25.56 10.55
N LEU D 54 27.80 -26.02 9.35
CA LEU D 54 27.54 -25.12 8.22
C LEU D 54 26.32 -25.63 7.43
N ASN D 55 25.20 -24.91 7.53
CA ASN D 55 24.00 -25.30 6.81
C ASN D 55 24.07 -24.95 5.33
N THR D 56 24.05 -25.97 4.46
CA THR D 56 24.20 -25.75 3.02
C THR D 56 23.09 -26.43 2.21
N GLY D 57 23.06 -26.19 0.90
CA GLY D 57 22.12 -26.89 0.04
C GLY D 57 20.86 -26.13 -0.30
N SER D 58 20.00 -26.77 -1.09
CA SER D 58 18.79 -26.15 -1.63
C SER D 58 17.93 -25.45 -0.57
N TYR D 59 17.66 -26.14 0.53
CA TYR D 59 16.79 -25.63 1.57
C TYR D 59 17.28 -24.30 2.16
N TYR D 60 18.56 -24.26 2.51
CA TYR D 60 19.14 -23.06 3.12
C TYR D 60 19.43 -21.98 2.09
N GLU D 61 19.31 -22.34 0.82
CA GLU D 61 19.44 -21.38 -0.29
C GLU D 61 18.06 -20.90 -0.75
N HIS D 62 17.01 -21.54 -0.22
CA HIS D 62 15.61 -21.30 -0.59
C HIS D 62 15.33 -21.74 -2.02
N VAL D 63 15.98 -22.81 -2.46
CA VAL D 63 15.70 -23.40 -3.76
C VAL D 63 15.28 -24.87 -3.65
N LYS D 64 14.89 -25.27 -2.45
CA LYS D 64 14.29 -26.59 -2.23
C LYS D 64 12.84 -26.56 -2.66
N ILE D 65 12.45 -27.54 -3.48
CA ILE D 65 11.10 -27.55 -4.06
C ILE D 65 10.24 -28.65 -3.47
N SER D 66 8.94 -28.56 -3.75
CA SER D 66 7.95 -29.57 -3.33
C SER D 66 7.82 -29.72 -1.82
N ALA D 67 8.85 -30.28 -1.19
CA ALA D 67 8.81 -30.58 0.24
C ALA D 67 10.15 -30.34 0.91
N PRO D 68 10.13 -30.06 2.22
CA PRO D 68 11.34 -29.97 3.05
C PRO D 68 11.79 -31.37 3.47
N ASN D 69 12.25 -32.16 2.51
CA ASN D 69 12.60 -33.55 2.75
C ASN D 69 14.10 -33.81 2.61
N GLU D 70 14.85 -32.79 2.24
CA GLU D 70 16.30 -32.91 2.09
C GLU D 70 17.02 -31.75 2.78
N PHE D 71 17.87 -32.08 3.75
CA PHE D 71 18.67 -31.08 4.44
C PHE D 71 20.14 -31.45 4.33
N ASP D 72 20.99 -30.47 4.02
CA ASP D 72 22.42 -30.72 3.88
C ASP D 72 23.17 -29.96 4.97
N VAL D 73 23.80 -30.69 5.88
CA VAL D 73 24.55 -30.06 6.97
C VAL D 73 26.03 -30.46 6.94
N MET D 74 26.90 -29.46 6.89
CA MET D 74 28.35 -29.67 6.85
C MET D 74 28.95 -29.69 8.26
N PHE D 75 29.56 -30.81 8.63
CA PHE D 75 30.42 -30.86 9.79
C PHE D 75 31.84 -30.63 9.30
N LYS D 76 32.37 -29.44 9.58
CA LYS D 76 33.68 -29.04 9.07
C LYS D 76 34.73 -29.01 10.17
N LEU D 77 35.85 -29.66 9.92
CA LEU D 77 36.96 -29.69 10.88
C LEU D 77 38.16 -28.95 10.28
N GLU D 78 38.56 -27.85 10.92
CA GLU D 78 39.68 -27.07 10.42
C GLU D 78 40.96 -27.86 10.60
N VAL D 79 41.70 -28.04 9.51
CA VAL D 79 42.93 -28.82 9.55
C VAL D 79 44.11 -27.95 9.12
N PRO D 80 44.79 -27.33 10.10
CA PRO D 80 45.90 -26.41 9.85
C PRO D 80 47.13 -27.13 9.33
N ARG D 81 48.05 -26.38 8.71
CA ARG D 81 49.34 -26.91 8.28
C ARG D 81 49.28 -28.14 7.37
N ILE D 82 48.53 -28.04 6.27
CA ILE D 82 48.46 -29.17 5.34
C ILE D 82 49.03 -28.88 3.96
N GLU D 83 49.46 -29.94 3.30
CA GLU D 83 50.08 -29.85 1.97
C GLU D 83 49.20 -30.63 0.99
N LEU D 84 48.67 -29.93 -0.01
CA LEU D 84 47.74 -30.51 -0.97
C LEU D 84 48.47 -31.01 -2.22
N GLN D 85 48.21 -32.26 -2.59
CA GLN D 85 48.80 -32.83 -3.80
C GLN D 85 47.70 -33.14 -4.82
N GLU D 86 47.63 -32.33 -5.88
CA GLU D 86 46.60 -32.51 -6.90
C GLU D 86 46.63 -33.91 -7.48
N TYR D 87 45.50 -34.60 -7.38
CA TYR D 87 45.36 -35.95 -7.92
C TYR D 87 45.29 -35.86 -9.44
N TYR D 88 46.46 -35.96 -10.06
CA TYR D 88 46.63 -35.80 -11.51
C TYR D 88 46.38 -34.37 -11.95
N GLU D 89 45.65 -34.21 -13.05
CA GLU D 89 45.36 -32.89 -13.56
C GLU D 89 43.85 -32.69 -13.62
N THR D 90 43.18 -33.32 -12.65
CA THR D 90 41.74 -33.26 -12.52
C THR D 90 41.27 -31.87 -12.11
N GLY D 91 42.04 -31.24 -11.22
CA GLY D 91 41.74 -29.89 -10.77
C GLY D 91 40.86 -29.88 -9.54
N ALA D 92 40.00 -30.87 -9.42
CA ALA D 92 39.04 -30.93 -8.32
C ALA D 92 39.45 -31.93 -7.25
N PHE D 93 40.25 -32.91 -7.61
CA PHE D 93 40.60 -33.98 -6.67
C PHE D 93 42.03 -33.87 -6.12
N TYR D 94 42.18 -34.14 -4.82
CA TYR D 94 43.42 -33.87 -4.12
C TYR D 94 43.75 -34.94 -3.08
N LEU D 95 45.04 -35.09 -2.80
CA LEU D 95 45.52 -35.92 -1.70
C LEU D 95 45.98 -34.95 -0.61
N VAL D 96 45.78 -35.33 0.64
CA VAL D 96 46.08 -34.43 1.75
C VAL D 96 47.20 -34.96 2.65
N LYS D 97 48.32 -34.24 2.69
CA LYS D 97 49.43 -34.66 3.53
C LYS D 97 49.64 -33.63 4.63
N PHE D 98 50.38 -34.00 5.67
CA PHE D 98 50.67 -33.07 6.75
C PHE D 98 52.12 -32.59 6.72
N LYS D 99 52.34 -31.39 7.25
CA LYS D 99 53.68 -30.82 7.29
C LYS D 99 54.44 -31.34 8.50
N ARG D 100 53.93 -31.03 9.69
CA ARG D 100 54.61 -31.39 10.92
C ARG D 100 53.65 -31.91 11.99
N ILE D 101 53.49 -33.23 12.06
CA ILE D 101 52.77 -33.84 13.17
C ILE D 101 53.50 -33.50 14.47
N PRO D 102 52.88 -32.66 15.31
CA PRO D 102 53.57 -32.11 16.49
C PRO D 102 53.41 -32.97 17.73
N ARG D 103 52.48 -33.93 17.69
CA ARG D 103 52.11 -34.70 18.88
C ARG D 103 51.14 -35.81 18.50
N GLY D 104 50.30 -36.20 19.43
CA GLY D 104 49.24 -37.16 19.16
C GLY D 104 48.07 -36.53 18.43
N ASN D 105 48.36 -35.93 17.27
CA ASN D 105 47.36 -35.36 16.38
C ASN D 105 46.18 -36.30 16.22
N PRO D 106 44.99 -35.86 16.65
CA PRO D 106 43.78 -36.70 16.70
C PRO D 106 43.50 -37.41 15.38
N LEU D 107 44.01 -36.88 14.27
CA LEU D 107 43.82 -37.48 12.95
C LEU D 107 44.98 -38.40 12.55
N SER D 108 45.88 -38.71 13.49
CA SER D 108 47.01 -39.59 13.19
C SER D 108 46.55 -41.02 12.95
N HIS D 109 45.37 -41.35 13.47
CA HIS D 109 44.82 -42.68 13.33
C HIS D 109 44.24 -42.89 11.93
N PHE D 110 44.08 -41.80 11.20
CA PHE D 110 43.55 -41.83 9.85
C PHE D 110 44.68 -41.61 8.85
N LEU D 111 45.89 -41.43 9.39
CA LEU D 111 47.10 -41.34 8.58
C LEU D 111 47.55 -42.70 8.09
N GLU D 112 48.13 -42.72 6.89
CA GLU D 112 48.82 -43.91 6.39
C GLU D 112 49.97 -43.49 5.49
N GLY D 113 51.06 -43.04 6.11
CA GLY D 113 52.22 -42.56 5.38
C GLY D 113 52.06 -41.13 4.93
N GLU D 114 52.02 -40.21 5.89
CA GLU D 114 51.85 -38.78 5.63
C GLU D 114 50.46 -38.42 5.05
N VAL D 115 49.98 -39.25 4.13
CA VAL D 115 48.68 -39.03 3.50
C VAL D 115 47.52 -39.33 4.46
N LEU D 116 46.47 -38.52 4.38
CA LEU D 116 45.29 -38.67 5.25
C LEU D 116 44.20 -39.47 4.55
N SER D 117 43.73 -40.53 5.21
CA SER D 117 42.71 -41.40 4.63
C SER D 117 41.30 -40.86 4.84
N ALA D 118 40.66 -40.49 3.73
CA ALA D 118 39.26 -40.04 3.74
C ALA D 118 38.35 -41.17 4.19
N THR D 119 38.61 -42.38 3.68
CA THR D 119 37.80 -43.55 4.00
C THR D 119 37.77 -43.91 5.49
N LYS D 120 38.93 -43.89 6.16
CA LYS D 120 38.98 -44.23 7.58
C LYS D 120 38.29 -43.18 8.44
N MET D 121 38.59 -41.92 8.14
CA MET D 121 38.02 -40.78 8.84
C MET D 121 36.49 -40.82 8.74
N LEU D 122 36.02 -41.08 7.51
CA LEU D 122 34.60 -41.20 7.23
C LEU D 122 34.00 -42.38 7.98
N SER D 123 34.75 -43.48 8.04
CA SER D 123 34.31 -44.68 8.75
C SER D 123 34.05 -44.37 10.22
N LYS D 124 35.03 -43.74 10.87
CA LYS D 124 34.89 -43.39 12.28
C LYS D 124 33.73 -42.44 12.51
N PHE D 125 33.67 -41.38 11.70
CA PHE D 125 32.57 -40.42 11.71
C PHE D 125 31.22 -41.14 11.68
N ARG D 126 31.08 -42.06 10.72
CA ARG D 126 29.86 -42.82 10.51
C ARG D 126 29.54 -43.68 11.72
N LYS D 127 30.57 -44.30 12.29
CA LYS D 127 30.41 -45.15 13.46
C LYS D 127 29.83 -44.34 14.61
N ILE D 128 30.47 -43.22 14.95
CA ILE D 128 30.00 -42.32 15.99
C ILE D 128 28.57 -41.85 15.75
N ILE D 129 28.25 -41.49 14.50
CA ILE D 129 26.89 -41.10 14.17
C ILE D 129 25.88 -42.23 14.41
N LYS D 130 26.23 -43.46 14.01
CA LYS D 130 25.38 -44.63 14.26
C LYS D 130 25.13 -44.82 15.75
N GLU D 131 26.20 -44.71 16.54
CA GLU D 131 26.12 -44.88 17.98
C GLU D 131 25.23 -43.82 18.63
N GLU D 132 25.33 -42.58 18.18
CA GLU D 132 24.48 -41.52 18.73
C GLU D 132 23.02 -41.63 18.28
N VAL D 133 22.81 -42.05 17.02
CA VAL D 133 21.46 -42.25 16.49
C VAL D 133 20.75 -43.41 17.21
N LYS D 134 21.54 -44.40 17.60
CA LYS D 134 21.02 -45.57 18.30
C LYS D 134 20.32 -45.20 19.61
N GLU D 135 20.79 -44.13 20.25
CA GLU D 135 20.32 -43.76 21.58
C GLU D 135 19.17 -42.76 21.56
N ILE D 136 18.82 -42.27 20.37
CA ILE D 136 17.65 -41.40 20.21
C ILE D 136 16.37 -42.24 20.21
N LYS D 137 15.41 -41.86 21.06
CA LYS D 137 14.21 -42.69 21.28
C LYS D 137 12.92 -41.93 20.99
N ASP D 138 13.01 -40.60 20.87
CA ASP D 138 11.84 -39.76 20.68
C ASP D 138 11.65 -39.34 19.22
N ILE D 139 12.59 -39.73 18.36
CA ILE D 139 12.48 -39.51 16.92
C ILE D 139 12.70 -40.81 16.16
N ASP D 140 11.86 -41.08 15.16
CA ASP D 140 12.10 -42.20 14.26
C ASP D 140 13.16 -41.78 13.25
N VAL D 141 14.41 -42.14 13.54
CA VAL D 141 15.54 -41.79 12.68
C VAL D 141 16.49 -42.97 12.54
N SER D 142 17.02 -43.17 11.33
CA SER D 142 17.94 -44.27 11.06
C SER D 142 19.02 -43.84 10.08
N VAL D 143 20.15 -44.54 10.07
CA VAL D 143 21.25 -44.22 9.14
C VAL D 143 21.10 -44.99 7.82
N GLU D 144 21.21 -44.27 6.71
CA GLU D 144 21.05 -44.86 5.38
C GLU D 144 22.27 -45.68 4.97
N LYS D 145 22.06 -46.61 4.05
CA LYS D 145 23.15 -47.39 3.46
C LYS D 145 24.11 -46.44 2.76
N GLU D 146 25.41 -46.65 2.96
CA GLU D 146 26.41 -45.76 2.39
C GLU D 146 26.37 -45.77 0.85
N LYS D 147 26.16 -44.60 0.27
CA LYS D 147 26.16 -44.45 -1.18
C LYS D 147 27.55 -44.11 -1.69
N PRO D 148 27.95 -44.73 -2.80
CA PRO D 148 29.24 -44.43 -3.45
C PRO D 148 29.25 -43.01 -3.98
N GLY D 149 30.37 -42.33 -3.85
CA GLY D 149 30.48 -40.96 -4.31
C GLY D 149 29.90 -39.96 -3.32
N SER D 150 29.46 -40.45 -2.17
CA SER D 150 28.84 -39.59 -1.16
C SER D 150 29.75 -39.38 0.03
N PRO D 151 30.01 -38.11 0.38
CA PRO D 151 30.84 -37.73 1.52
C PRO D 151 29.97 -37.59 2.76
N ALA D 152 28.69 -37.94 2.61
CA ALA D 152 27.70 -37.69 3.64
C ALA D 152 27.30 -38.95 4.36
N VAL D 153 27.05 -38.82 5.65
CA VAL D 153 26.34 -39.86 6.39
C VAL D 153 24.87 -39.42 6.36
N THR D 154 24.08 -40.10 5.53
CA THR D 154 22.69 -39.74 5.30
C THR D 154 21.74 -40.39 6.31
N LEU D 155 20.83 -39.58 6.84
CA LEU D 155 19.87 -40.06 7.83
C LEU D 155 18.45 -39.97 7.29
N LEU D 156 17.60 -40.91 7.71
CA LEU D 156 16.17 -40.85 7.40
C LEU D 156 15.38 -40.61 8.67
N ILE D 157 14.63 -39.52 8.68
CA ILE D 157 13.77 -39.16 9.81
C ILE D 157 12.32 -39.31 9.34
N ARG D 158 11.45 -39.72 10.26
CA ARG D 158 10.04 -39.84 9.94
C ARG D 158 9.19 -38.97 10.85
N ASN D 159 8.93 -37.74 10.40
CA ASN D 159 7.98 -36.85 11.07
C ASN D 159 6.66 -37.10 10.40
N PRO D 160 6.03 -38.25 10.71
CA PRO D 160 5.32 -39.08 9.74
C PRO D 160 6.00 -39.08 8.36
N GLU D 161 5.82 -38.02 7.58
CA GLU D 161 6.55 -37.79 6.33
C GLU D 161 8.06 -38.11 6.43
N GLU D 162 8.66 -38.44 5.28
CA GLU D 162 10.07 -38.83 5.23
C GLU D 162 11.00 -37.63 4.98
N ILE D 163 12.14 -37.63 5.65
CA ILE D 163 13.13 -36.56 5.51
C ILE D 163 14.55 -37.12 5.46
N SER D 164 15.30 -36.75 4.42
CA SER D 164 16.70 -37.15 4.34
C SER D 164 17.62 -36.01 4.81
N VAL D 165 18.56 -36.34 5.69
CA VAL D 165 19.50 -35.34 6.20
C VAL D 165 20.94 -35.82 6.02
N ASP D 166 21.65 -35.20 5.09
CA ASP D 166 23.05 -35.55 4.83
C ASP D 166 23.98 -34.84 5.83
N ILE D 167 24.74 -35.63 6.59
CA ILE D 167 25.77 -35.09 7.47
C ILE D 167 27.12 -35.20 6.76
N ILE D 168 27.54 -34.12 6.12
CA ILE D 168 28.71 -34.13 5.26
C ILE D 168 29.99 -33.87 6.05
N LEU D 169 30.94 -34.80 5.98
CA LEU D 169 32.24 -34.60 6.60
C LEU D 169 33.10 -33.71 5.70
N ALA D 170 33.69 -32.66 6.27
CA ALA D 170 34.52 -31.74 5.49
C ALA D 170 35.75 -31.26 6.23
N LEU D 171 36.83 -31.03 5.49
CA LEU D 171 38.06 -30.42 6.02
C LEU D 171 38.06 -28.94 5.65
N GLU D 172 38.25 -28.06 6.63
CA GLU D 172 38.29 -26.62 6.37
C GLU D 172 39.73 -26.15 6.28
N SER D 173 40.06 -25.40 5.23
CA SER D 173 41.39 -24.82 5.14
C SER D 173 41.33 -23.33 4.85
N LYS D 174 41.94 -22.55 5.74
CA LYS D 174 41.90 -21.09 5.68
C LYS D 174 42.96 -20.55 4.73
N GLY D 175 43.74 -21.44 4.14
CA GLY D 175 44.77 -21.04 3.21
C GLY D 175 44.16 -20.63 1.89
N SER D 176 44.96 -19.99 1.04
CA SER D 176 44.47 -19.52 -0.25
C SER D 176 44.05 -20.70 -1.13
N TRP D 177 42.97 -20.49 -1.88
CA TRP D 177 42.41 -21.52 -2.74
C TRP D 177 43.44 -22.01 -3.77
N PRO D 178 43.45 -23.33 -4.04
CA PRO D 178 44.35 -23.94 -5.04
C PRO D 178 44.29 -23.25 -6.40
N ILE D 179 45.36 -23.37 -7.18
CA ILE D 179 45.50 -22.67 -8.44
C ILE D 179 44.47 -23.08 -9.49
N SER D 180 43.84 -24.24 -9.26
CA SER D 180 42.83 -24.73 -10.19
C SER D 180 41.55 -23.89 -10.16
N THR D 181 41.42 -23.06 -9.13
CA THR D 181 40.30 -22.14 -9.00
C THR D 181 40.70 -20.70 -9.35
N LYS D 182 41.93 -20.51 -9.80
CA LYS D 182 42.47 -19.18 -10.07
C LYS D 182 41.62 -18.41 -11.07
N GLU D 183 41.19 -19.08 -12.13
CA GLU D 183 40.39 -18.44 -13.17
C GLU D 183 38.91 -18.78 -12.99
N GLY D 184 38.58 -19.42 -11.88
CA GLY D 184 37.20 -19.79 -11.58
C GLY D 184 36.44 -18.63 -10.97
N LEU D 185 35.18 -18.87 -10.64
CA LEU D 185 34.30 -17.85 -10.04
C LEU D 185 34.31 -16.53 -10.84
N PRO D 186 33.90 -16.58 -12.12
CA PRO D 186 33.96 -15.38 -12.96
C PRO D 186 32.78 -14.44 -12.71
N ILE D 187 32.73 -13.83 -11.53
CA ILE D 187 31.62 -12.97 -11.16
C ILE D 187 31.97 -11.49 -11.29
N GLN D 188 33.05 -11.18 -12.00
CA GLN D 188 33.58 -9.81 -12.05
C GLN D 188 32.62 -8.74 -12.59
N GLY D 189 31.97 -9.01 -13.72
CA GLY D 189 31.08 -8.02 -14.31
C GLY D 189 29.65 -8.17 -13.81
N TRP D 190 29.46 -9.06 -12.85
CA TRP D 190 28.14 -9.39 -12.32
C TRP D 190 28.05 -9.09 -10.82
N LEU D 191 28.83 -9.80 -10.02
CA LEU D 191 28.86 -9.58 -8.58
C LEU D 191 29.98 -8.64 -8.16
N GLY D 192 31.03 -8.57 -8.97
CA GLY D 192 32.11 -7.62 -8.75
C GLY D 192 33.45 -8.19 -8.32
N THR D 193 34.46 -7.33 -8.29
CA THR D 193 35.82 -7.70 -7.90
C THR D 193 36.01 -7.78 -6.38
N LYS D 194 35.44 -6.80 -5.67
CA LYS D 194 35.55 -6.74 -4.20
C LYS D 194 34.86 -7.94 -3.56
N VAL D 195 33.68 -8.28 -4.06
CA VAL D 195 32.96 -9.48 -3.66
C VAL D 195 33.83 -10.71 -3.90
N ARG D 196 34.37 -10.85 -5.11
CA ARG D 196 35.16 -12.04 -5.46
C ARG D 196 36.37 -12.22 -4.55
N THR D 197 37.10 -11.14 -4.33
CA THR D 197 38.23 -11.10 -3.40
C THR D 197 37.78 -11.56 -2.00
N ASN D 198 36.71 -10.95 -1.50
CA ASN D 198 36.19 -11.31 -0.17
C ASN D 198 35.78 -12.77 -0.05
N LEU D 199 35.27 -13.32 -1.14
CA LEU D 199 34.80 -14.70 -1.17
C LEU D 199 35.97 -15.67 -1.22
N ARG D 200 37.06 -15.24 -1.85
CA ARG D 200 38.25 -16.07 -1.96
C ARG D 200 39.17 -15.92 -0.75
N ARG D 201 38.91 -14.93 0.09
CA ARG D 201 39.60 -14.80 1.38
C ARG D 201 39.03 -15.82 2.37
N GLU D 202 37.80 -16.25 2.11
CA GLU D 202 37.14 -17.29 2.90
C GLU D 202 37.87 -18.62 2.71
N PRO D 203 37.67 -19.57 3.63
CA PRO D 203 38.34 -20.87 3.50
C PRO D 203 37.77 -21.69 2.35
N PHE D 204 38.42 -22.81 2.05
CA PHE D 204 37.88 -23.76 1.09
C PHE D 204 37.70 -25.09 1.78
N TYR D 205 36.80 -25.93 1.26
CA TYR D 205 36.56 -27.20 1.96
C TYR D 205 36.94 -28.43 1.15
N LEU D 206 37.15 -29.55 1.85
CA LEU D 206 37.53 -30.80 1.20
C LEU D 206 36.67 -31.93 1.73
N VAL D 207 35.82 -32.49 0.88
CA VAL D 207 34.97 -33.60 1.30
C VAL D 207 35.51 -34.88 0.67
N PRO D 208 35.25 -36.04 1.29
CA PRO D 208 35.79 -37.27 0.70
C PRO D 208 35.18 -37.61 -0.66
N LYS D 209 36.02 -38.02 -1.61
CA LYS D 209 35.55 -38.64 -2.84
C LYS D 209 35.40 -40.13 -2.57
N ASN D 210 34.21 -40.54 -2.17
CA ASN D 210 33.97 -41.89 -1.71
C ASN D 210 33.60 -42.82 -2.87
N ALA D 211 34.41 -42.78 -3.92
CA ALA D 211 34.23 -43.66 -5.07
C ALA D 211 34.51 -45.12 -4.72
N LYS D 212 33.92 -46.04 -5.49
CA LYS D 212 34.05 -47.46 -5.22
C LYS D 212 34.55 -48.25 -6.43
N ASP D 213 35.05 -47.52 -7.42
CA ASP D 213 35.55 -48.10 -8.65
C ASP D 213 36.72 -49.06 -8.43
N GLY D 214 37.46 -48.86 -7.34
CA GLY D 214 38.60 -49.70 -7.04
C GLY D 214 39.90 -49.12 -7.58
N ASN D 215 39.85 -47.85 -7.95
CA ASN D 215 41.04 -47.16 -8.46
C ASN D 215 42.06 -46.87 -7.38
N SER D 216 43.31 -46.60 -7.79
CA SER D 216 44.38 -46.29 -6.86
C SER D 216 44.07 -45.00 -6.11
N PHE D 217 44.53 -44.91 -4.86
CA PHE D 217 44.27 -43.76 -3.98
C PHE D 217 42.78 -43.52 -3.74
N GLN D 218 42.01 -44.59 -3.84
CA GLN D 218 40.55 -44.55 -3.69
C GLN D 218 40.11 -43.91 -2.38
N GLY D 219 40.66 -44.39 -1.27
CA GLY D 219 40.24 -43.92 0.04
C GLY D 219 41.11 -42.81 0.63
N GLU D 220 41.90 -42.18 -0.21
CA GLU D 220 42.69 -41.02 0.21
C GLU D 220 42.40 -39.81 -0.67
N THR D 221 41.42 -39.95 -1.56
CA THR D 221 41.06 -38.88 -2.48
C THR D 221 39.98 -37.97 -1.91
N TRP D 222 40.26 -36.68 -1.87
CA TRP D 222 39.29 -35.68 -1.45
C TRP D 222 38.92 -34.86 -2.68
N ARG D 223 37.79 -34.15 -2.61
CA ARG D 223 37.43 -33.20 -3.66
C ARG D 223 37.01 -31.86 -3.05
N LEU D 224 37.20 -30.81 -3.81
CA LEU D 224 36.92 -29.44 -3.36
C LEU D 224 35.44 -29.16 -3.18
N SER D 225 35.12 -28.38 -2.15
CA SER D 225 33.75 -27.96 -1.88
C SER D 225 33.70 -26.48 -1.54
N PHE D 226 32.70 -25.82 -2.15
CA PHE D 226 32.48 -24.39 -2.03
C PHE D 226 31.00 -24.16 -1.81
N SER D 227 30.37 -25.05 -1.05
CA SER D 227 28.94 -24.95 -0.77
C SER D 227 28.62 -23.65 -0.04
N HIS D 228 29.59 -23.16 0.73
CA HIS D 228 29.45 -21.91 1.46
C HIS D 228 29.43 -20.72 0.50
N THR D 229 30.36 -20.74 -0.46
CA THR D 229 30.41 -19.71 -1.49
C THR D 229 29.13 -19.72 -2.31
N GLU D 230 28.64 -20.91 -2.64
CA GLU D 230 27.41 -21.06 -3.42
C GLU D 230 26.21 -20.53 -2.66
N LYS D 231 26.13 -20.84 -1.38
CA LYS D 231 25.07 -20.35 -0.50
C LYS D 231 25.07 -18.83 -0.49
N TYR D 232 26.26 -18.26 -0.28
CA TYR D 232 26.41 -16.80 -0.34
C TYR D 232 25.89 -16.23 -1.64
N ILE D 233 26.33 -16.81 -2.75
CA ILE D 233 25.93 -16.35 -4.08
C ILE D 233 24.42 -16.37 -4.22
N LEU D 234 23.80 -17.45 -3.77
CA LEU D 234 22.35 -17.58 -3.86
C LEU D 234 21.67 -16.50 -3.03
N ASN D 235 22.22 -16.17 -1.87
CA ASN D 235 21.62 -15.15 -1.03
C ASN D 235 21.95 -13.72 -1.48
N ASN D 236 22.95 -13.58 -2.34
CA ASN D 236 23.40 -12.28 -2.83
C ASN D 236 23.60 -12.30 -4.34
N HIS D 237 22.51 -12.45 -5.08
CA HIS D 237 22.56 -12.88 -6.48
C HIS D 237 22.42 -11.77 -7.53
N GLY D 238 22.10 -10.55 -7.12
CA GLY D 238 21.84 -9.50 -8.09
C GLY D 238 23.03 -8.60 -8.34
N ILE D 239 23.07 -7.98 -9.52
CA ILE D 239 24.12 -7.01 -9.82
C ILE D 239 23.87 -5.75 -9.01
N GLU D 240 22.59 -5.55 -8.66
CA GLU D 240 22.20 -4.49 -7.74
C GLU D 240 21.98 -5.08 -6.35
N LYS D 241 22.33 -4.30 -5.33
CA LYS D 241 22.31 -4.76 -3.96
C LYS D 241 20.90 -4.89 -3.36
N THR D 242 19.93 -4.28 -4.04
CA THR D 242 18.55 -4.30 -3.58
C THR D 242 17.73 -5.39 -4.25
N CYS D 243 18.38 -6.19 -5.09
CA CYS D 243 17.74 -7.30 -5.79
C CYS D 243 17.06 -8.22 -4.79
N CYS D 244 15.74 -8.34 -4.91
CA CYS D 244 14.90 -9.18 -4.05
C CYS D 244 14.86 -8.74 -2.58
N GLU D 245 15.20 -7.48 -2.33
CA GLU D 245 15.05 -6.90 -1.00
C GLU D 245 13.71 -6.16 -0.90
N SER D 246 13.43 -5.59 0.26
CA SER D 246 12.13 -4.99 0.54
C SER D 246 11.97 -3.57 -0.06
N SER D 247 13.09 -2.93 -0.38
CA SER D 247 13.07 -1.66 -1.09
C SER D 247 13.68 -1.81 -2.47
N GLY D 248 13.70 -3.04 -2.98
CA GLY D 248 14.21 -3.32 -4.32
C GLY D 248 13.28 -4.20 -5.12
N ALA D 249 13.71 -4.63 -6.30
CA ALA D 249 12.87 -5.44 -7.18
C ALA D 249 13.13 -6.93 -7.06
N LYS D 250 12.08 -7.72 -7.23
CA LYS D 250 12.20 -9.18 -7.25
C LYS D 250 12.65 -9.65 -8.64
N CYS D 251 13.42 -10.72 -8.70
CA CYS D 251 13.82 -11.28 -9.99
C CYS D 251 13.31 -12.72 -10.11
N CYS D 252 13.60 -13.36 -11.22
CA CYS D 252 13.12 -14.73 -11.44
C CYS D 252 14.24 -15.77 -11.49
N ARG D 253 15.42 -15.41 -10.97
CA ARG D 253 16.59 -16.27 -10.96
C ARG D 253 16.36 -17.60 -10.22
N LYS D 254 16.11 -17.49 -8.91
CA LYS D 254 15.86 -18.67 -8.09
C LYS D 254 14.66 -19.47 -8.58
N GLU D 255 13.69 -18.78 -9.17
CA GLU D 255 12.52 -19.43 -9.74
C GLU D 255 12.91 -20.31 -10.92
N CYS D 256 13.73 -19.78 -11.82
CA CYS D 256 14.21 -20.54 -12.96
C CYS D 256 15.06 -21.73 -12.52
N LEU D 257 15.87 -21.50 -11.48
CA LEU D 257 16.64 -22.61 -10.89
C LEU D 257 15.70 -23.72 -10.40
N LYS D 258 14.65 -23.33 -9.68
CA LYS D 258 13.68 -24.27 -9.17
C LYS D 258 13.04 -25.06 -10.29
N LEU D 259 12.64 -24.35 -11.34
CA LEU D 259 11.97 -24.98 -12.48
C LEU D 259 12.87 -26.01 -13.14
N MET D 260 14.12 -25.64 -13.40
CA MET D 260 15.08 -26.57 -13.98
C MET D 260 15.27 -27.79 -13.09
N LYS D 261 15.45 -27.55 -11.79
CA LYS D 261 15.58 -28.64 -10.84
C LYS D 261 14.39 -29.59 -10.89
N TYR D 262 13.19 -29.03 -11.01
CA TYR D 262 11.96 -29.81 -11.05
C TYR D 262 11.91 -30.66 -12.31
N LEU D 263 12.17 -30.02 -13.44
CA LEU D 263 12.24 -30.72 -14.72
C LEU D 263 13.16 -31.93 -14.63
N LEU D 264 14.40 -31.70 -14.19
CA LEU D 264 15.35 -32.80 -14.07
C LEU D 264 14.88 -33.87 -13.07
N GLU D 265 14.21 -33.44 -12.00
CA GLU D 265 13.69 -34.35 -10.99
C GLU D 265 12.67 -35.33 -11.58
N GLN D 266 11.72 -34.79 -12.34
CA GLN D 266 10.70 -35.62 -12.96
C GLN D 266 11.30 -36.54 -14.02
N LEU D 267 12.10 -35.95 -14.91
CA LEU D 267 12.78 -36.70 -15.96
C LEU D 267 13.62 -37.86 -15.39
N LYS D 268 14.21 -37.65 -14.21
CA LYS D 268 14.97 -38.71 -13.53
C LYS D 268 14.08 -39.73 -12.84
N LYS D 269 12.95 -39.28 -12.31
CA LYS D 269 11.96 -40.20 -11.74
C LYS D 269 11.56 -41.23 -12.77
N GLU D 270 11.28 -40.78 -13.98
CA GLU D 270 10.69 -41.63 -15.01
C GLU D 270 11.71 -42.41 -15.85
N PHE D 271 12.92 -41.86 -16.00
CA PHE D 271 13.92 -42.48 -16.87
C PHE D 271 15.20 -42.84 -16.14
N GLN D 272 15.43 -44.14 -15.97
CA GLN D 272 16.59 -44.68 -15.27
C GLN D 272 17.88 -44.45 -16.06
N GLU D 273 17.72 -43.93 -17.28
CA GLU D 273 18.83 -43.72 -18.19
C GLU D 273 19.36 -42.30 -18.02
N LEU D 274 19.14 -41.74 -16.83
CA LEU D 274 19.52 -40.37 -16.50
C LEU D 274 20.10 -40.33 -15.10
N ASP D 275 20.56 -41.49 -14.62
CA ASP D 275 21.06 -41.63 -13.25
C ASP D 275 22.36 -40.86 -13.00
N ALA D 276 23.07 -40.51 -14.07
CA ALA D 276 24.34 -39.80 -13.95
C ALA D 276 24.14 -38.31 -13.75
N PHE D 277 22.90 -37.84 -13.88
CA PHE D 277 22.61 -36.42 -13.76
C PHE D 277 22.14 -36.03 -12.35
N CYS D 278 22.56 -34.87 -11.87
CA CYS D 278 22.12 -34.36 -10.58
C CYS D 278 21.75 -32.89 -10.69
N SER D 279 21.20 -32.33 -9.62
CA SER D 279 20.75 -30.95 -9.63
C SER D 279 21.93 -29.98 -9.76
N TYR D 280 23.11 -30.43 -9.33
CA TYR D 280 24.30 -29.58 -9.37
C TYR D 280 24.68 -29.19 -10.80
N HIS D 281 24.30 -30.02 -11.77
CA HIS D 281 24.55 -29.69 -13.17
C HIS D 281 23.75 -28.46 -13.58
N VAL D 282 22.47 -28.45 -13.21
CA VAL D 282 21.60 -27.32 -13.51
C VAL D 282 21.99 -26.08 -12.70
N LYS D 283 22.49 -26.29 -11.49
CA LYS D 283 22.98 -25.19 -10.66
C LYS D 283 24.19 -24.53 -11.31
N THR D 284 25.14 -25.35 -11.74
CA THR D 284 26.33 -24.90 -12.47
C THR D 284 25.95 -24.14 -13.73
N ALA D 285 25.07 -24.75 -14.53
CA ALA D 285 24.61 -24.15 -15.77
C ALA D 285 23.99 -22.77 -15.51
N ILE D 286 23.18 -22.66 -14.46
CA ILE D 286 22.56 -21.37 -14.14
C ILE D 286 23.54 -20.37 -13.52
N PHE D 287 24.64 -20.87 -12.94
CA PHE D 287 25.73 -20.00 -12.53
C PHE D 287 26.33 -19.34 -13.76
N HIS D 288 26.66 -20.15 -14.76
CA HIS D 288 27.22 -19.62 -16.00
C HIS D 288 26.23 -18.68 -16.70
N MET D 289 24.95 -19.01 -16.61
CA MET D 289 23.90 -18.16 -17.16
C MET D 289 23.78 -16.81 -16.45
N TRP D 290 23.89 -16.81 -15.13
CA TRP D 290 23.86 -15.57 -14.35
C TRP D 290 25.12 -14.74 -14.62
N THR D 291 26.20 -15.41 -14.98
CA THR D 291 27.42 -14.73 -15.37
C THR D 291 27.25 -14.08 -16.75
N GLN D 292 26.56 -14.78 -17.64
CA GLN D 292 26.39 -14.32 -19.00
C GLN D 292 25.42 -13.15 -19.12
N ASP D 293 24.30 -13.22 -18.42
CA ASP D 293 23.34 -12.12 -18.43
C ASP D 293 23.25 -11.50 -17.03
N PRO D 294 24.22 -10.62 -16.70
CA PRO D 294 24.44 -10.16 -15.32
C PRO D 294 23.35 -9.24 -14.79
N GLN D 295 22.66 -8.53 -15.67
CA GLN D 295 21.69 -7.52 -15.26
C GLN D 295 20.43 -8.12 -14.63
N ASP D 296 19.88 -7.44 -13.62
CA ASP D 296 18.65 -7.88 -12.97
C ASP D 296 17.49 -7.79 -13.97
N SER D 297 17.61 -6.84 -14.90
CA SER D 297 16.59 -6.62 -15.92
C SER D 297 16.50 -7.80 -16.88
N GLN D 298 17.56 -8.61 -16.91
CA GLN D 298 17.61 -9.80 -17.75
C GLN D 298 16.99 -10.97 -17.00
N TRP D 299 16.44 -10.69 -15.83
CA TRP D 299 15.76 -11.70 -15.02
C TRP D 299 14.47 -11.15 -14.39
N ASP D 300 13.75 -10.35 -15.17
CA ASP D 300 12.49 -9.78 -14.73
C ASP D 300 11.42 -10.87 -14.65
N PRO D 301 10.64 -10.87 -13.55
CA PRO D 301 9.60 -11.87 -13.33
C PRO D 301 8.50 -11.86 -14.41
N ARG D 302 8.48 -10.83 -15.26
CA ARG D 302 7.53 -10.78 -16.36
C ARG D 302 8.03 -11.55 -17.56
N ASN D 303 9.32 -11.84 -17.54
CA ASN D 303 9.95 -12.53 -18.66
C ASN D 303 10.43 -13.93 -18.24
N LEU D 304 9.83 -14.45 -17.18
CA LEU D 304 10.13 -15.78 -16.64
C LEU D 304 10.26 -16.84 -17.72
N SER D 305 9.20 -17.01 -18.49
CA SER D 305 9.15 -18.04 -19.53
C SER D 305 10.25 -17.89 -20.56
N SER D 306 10.67 -16.65 -20.82
CA SER D 306 11.80 -16.42 -21.69
C SER D 306 13.07 -16.84 -20.98
N CYS D 307 13.24 -16.33 -19.76
CA CYS D 307 14.41 -16.66 -18.95
C CYS D 307 14.56 -18.17 -18.82
N PHE D 308 13.51 -18.83 -18.31
CA PHE D 308 13.48 -20.28 -18.25
C PHE D 308 13.93 -20.86 -19.59
N ASP D 309 13.30 -20.41 -20.67
CA ASP D 309 13.62 -20.93 -21.99
C ASP D 309 15.12 -20.82 -22.28
N LYS D 310 15.69 -19.63 -22.06
CA LYS D 310 17.08 -19.44 -22.42
C LYS D 310 17.95 -20.38 -21.59
N LEU D 311 17.57 -20.57 -20.33
CA LEU D 311 18.29 -21.49 -19.46
C LEU D 311 18.37 -22.84 -20.15
N LEU D 312 17.19 -23.35 -20.54
CA LEU D 312 17.10 -24.64 -21.21
C LEU D 312 18.04 -24.65 -22.42
N ALA D 313 17.96 -23.59 -23.21
CA ALA D 313 18.76 -23.49 -24.41
C ALA D 313 20.23 -23.71 -24.04
N PHE D 314 20.71 -22.91 -23.09
CA PHE D 314 22.11 -22.98 -22.69
C PHE D 314 22.46 -24.40 -22.27
N PHE D 315 21.56 -25.00 -21.49
CA PHE D 315 21.78 -26.34 -20.97
C PHE D 315 21.94 -27.32 -22.12
N LEU D 316 21.07 -27.20 -23.12
CA LEU D 316 21.16 -28.06 -24.30
C LEU D 316 22.53 -27.93 -24.93
N GLU D 317 23.03 -26.70 -25.02
CA GLU D 317 24.29 -26.45 -25.68
C GLU D 317 25.44 -27.08 -24.89
N CYS D 318 25.24 -27.20 -23.58
CA CYS D 318 26.23 -27.83 -22.72
C CYS D 318 26.19 -29.35 -22.94
N LEU D 319 24.99 -29.87 -23.23
CA LEU D 319 24.84 -31.30 -23.46
C LEU D 319 25.38 -31.69 -24.83
N ARG D 320 25.08 -30.89 -25.85
CA ARG D 320 25.53 -31.18 -27.20
C ARG D 320 27.05 -31.14 -27.31
N THR D 321 27.65 -30.12 -26.71
CA THR D 321 29.10 -29.93 -26.77
C THR D 321 29.85 -30.77 -25.74
N GLU D 322 29.12 -31.53 -24.93
CA GLU D 322 29.72 -32.38 -23.91
C GLU D 322 30.64 -31.58 -23.00
N LYS D 323 30.19 -30.40 -22.61
CA LYS D 323 31.03 -29.51 -21.81
C LYS D 323 30.22 -28.70 -20.81
N LEU D 324 30.44 -28.98 -19.53
CA LEU D 324 29.92 -28.16 -18.45
C LEU D 324 31.06 -27.89 -17.49
N ASP D 325 31.71 -26.73 -17.65
CA ASP D 325 32.85 -26.41 -16.80
C ASP D 325 32.39 -26.14 -15.39
N HIS D 326 33.08 -26.74 -14.43
CA HIS D 326 32.81 -26.45 -13.02
C HIS D 326 33.01 -24.96 -12.81
N TYR D 327 32.08 -24.32 -12.12
CA TYR D 327 32.08 -22.87 -12.00
C TYR D 327 33.27 -22.37 -11.18
N PHE D 328 33.81 -23.23 -10.34
CA PHE D 328 34.95 -22.87 -9.50
C PHE D 328 36.25 -23.45 -10.03
N ILE D 329 36.14 -24.52 -10.83
CA ILE D 329 37.30 -25.21 -11.39
C ILE D 329 37.10 -25.41 -12.89
N PRO D 330 37.51 -24.42 -13.70
CA PRO D 330 37.22 -24.34 -15.14
C PRO D 330 37.63 -25.58 -15.94
N LYS D 331 38.85 -26.06 -15.74
CA LYS D 331 39.35 -27.21 -16.47
C LYS D 331 38.69 -28.52 -16.02
N PHE D 332 37.72 -28.43 -15.12
CA PHE D 332 37.01 -29.61 -14.67
C PHE D 332 35.65 -29.70 -15.34
N ASN D 333 35.53 -30.62 -16.29
CA ASN D 333 34.31 -30.76 -17.08
C ASN D 333 33.33 -31.79 -16.53
N LEU D 334 32.18 -31.30 -16.11
CA LEU D 334 31.16 -32.14 -15.50
C LEU D 334 30.46 -33.03 -16.54
N PHE D 335 30.43 -32.57 -17.78
CA PHE D 335 29.81 -33.33 -18.86
C PHE D 335 30.85 -34.07 -19.71
N SER D 336 32.00 -34.38 -19.10
CA SER D 336 33.04 -35.15 -19.75
C SER D 336 32.50 -36.52 -20.17
N GLN D 337 33.10 -37.10 -21.20
CA GLN D 337 32.74 -38.43 -21.65
C GLN D 337 32.95 -39.42 -20.50
N GLU D 338 34.01 -39.19 -19.74
CA GLU D 338 34.45 -40.09 -18.69
C GLU D 338 33.50 -40.12 -17.50
N LEU D 339 32.66 -39.10 -17.38
CA LEU D 339 31.70 -39.01 -16.28
C LEU D 339 30.29 -39.40 -16.75
N ILE D 340 29.92 -38.92 -17.93
CA ILE D 340 28.60 -39.22 -18.50
C ILE D 340 28.75 -39.65 -19.96
N ASP D 341 28.25 -40.85 -20.27
CA ASP D 341 28.31 -41.39 -21.63
C ASP D 341 27.52 -40.52 -22.61
N ARG D 342 28.00 -40.43 -23.84
CA ARG D 342 27.31 -39.69 -24.91
C ARG D 342 25.84 -40.00 -25.00
N LYS D 343 25.52 -41.28 -24.92
CA LYS D 343 24.14 -41.75 -25.05
C LYS D 343 23.19 -41.07 -24.08
N SER D 344 23.60 -41.00 -22.81
CA SER D 344 22.77 -40.39 -21.78
C SER D 344 22.53 -38.90 -22.04
N LYS D 345 23.56 -38.22 -22.53
CA LYS D 345 23.46 -36.79 -22.82
C LYS D 345 22.54 -36.52 -24.01
N GLU D 346 22.74 -37.29 -25.08
CA GLU D 346 21.86 -37.23 -26.25
C GLU D 346 20.41 -37.48 -25.83
N PHE D 347 20.21 -38.53 -25.05
CA PHE D 347 18.89 -38.94 -24.55
C PHE D 347 18.21 -37.79 -23.80
N LEU D 348 18.93 -37.24 -22.84
CA LEU D 348 18.42 -36.12 -22.05
C LEU D 348 18.06 -34.94 -22.93
N SER D 349 18.92 -34.66 -23.90
CA SER D 349 18.69 -33.58 -24.85
C SER D 349 17.36 -33.78 -25.58
N LYS D 350 17.15 -35.00 -26.08
CA LYS D 350 15.90 -35.37 -26.72
C LYS D 350 14.72 -35.04 -25.82
N LYS D 351 14.75 -35.61 -24.61
CA LYS D 351 13.67 -35.42 -23.64
C LYS D 351 13.33 -33.95 -23.40
N ILE D 352 14.36 -33.14 -23.19
CA ILE D 352 14.17 -31.72 -22.97
C ILE D 352 13.57 -31.02 -24.19
N GLU D 353 14.08 -31.34 -25.38
CA GLU D 353 13.52 -30.78 -26.62
C GLU D 353 12.03 -31.06 -26.72
N TYR D 354 11.65 -32.31 -26.43
CA TYR D 354 10.25 -32.71 -26.50
C TYR D 354 9.38 -31.95 -25.51
N GLU D 355 9.81 -31.95 -24.25
CA GLU D 355 9.08 -31.25 -23.19
C GLU D 355 8.91 -29.77 -23.51
N ARG D 356 9.95 -29.18 -24.07
CA ARG D 356 9.96 -27.75 -24.40
C ARG D 356 9.05 -27.46 -25.58
N ASN D 357 8.95 -28.42 -26.50
CA ASN D 357 8.11 -28.23 -27.68
C ASN D 357 6.63 -28.59 -27.47
N ASN D 358 6.32 -29.28 -26.38
CA ASN D 358 4.94 -29.71 -26.19
C ASN D 358 4.25 -29.26 -24.90
N GLY D 359 4.62 -28.08 -24.40
CA GLY D 359 3.92 -27.48 -23.27
C GLY D 359 4.24 -28.09 -21.91
N PHE D 360 5.39 -28.75 -21.83
CA PHE D 360 5.86 -29.36 -20.57
C PHE D 360 4.81 -30.23 -19.87
N PRO D 361 4.45 -31.37 -20.47
CA PRO D 361 3.46 -32.26 -19.85
C PRO D 361 3.97 -32.94 -18.58
N ILE D 362 5.29 -33.07 -18.44
CA ILE D 362 5.86 -33.80 -17.31
C ILE D 362 5.77 -33.01 -16.00
N PHE D 363 5.44 -31.72 -16.11
CA PHE D 363 5.16 -30.90 -14.94
C PHE D 363 3.82 -31.29 -14.35
N ASP D 364 3.00 -31.93 -15.18
CA ASP D 364 1.65 -32.34 -14.77
C ASP D 364 1.63 -33.76 -14.21
N LYS D 365 2.75 -34.46 -14.33
CA LYS D 365 2.86 -35.85 -13.87
C LYS D 365 2.93 -35.98 -12.36
N LEU D 366 2.25 -37.00 -11.83
CA LEU D 366 2.24 -37.25 -10.39
C LEU D 366 3.48 -38.02 -9.97
#